data_4K66
#
_entry.id   4K66
#
_cell.length_a   70.605
_cell.length_b   70.605
_cell.length_c   490.126
_cell.angle_alpha   90.00
_cell.angle_beta   90.00
_cell.angle_gamma   120.00
#
_symmetry.space_group_name_H-M   'P 3'
#
loop_
_entity.id
_entity.type
_entity.pdbx_description
1 polymer Hemagglutinin
2 polymer Hemagglutinin
3 branched 'N-acetyl-alpha-neuraminic acid-(2-3)-beta-D-galactopyranose'
4 non-polymer 2-acetamido-2-deoxy-beta-D-glucopyranose
#
loop_
_entity_poly.entity_id
_entity_poly.type
_entity_poly.pdbx_seq_one_letter_code
_entity_poly.pdbx_strand_id
1 'polypeptide(L)'
;QDQICIGYHANNSTEQVDTIMEKNVTVTHAQDILEKTHNGKLCDLDGVKPLILRDCSVAGWLLGNPMCDEFINVPEWSYI
VEKANPTNDLCYPGSFNDYEELKYLLSRINHFEKIQIIPKSSWSDHEASSGVSSACPYLGSPSFFRNVVWLIKKNSAYPT
IKKSYNNTNQEDLLVLWGIHHPNDAAEQTRLYQNPTTYISIGTSTLNQRLVPKIATRSKVNGLSSRMEFFWTILKPNDAI
NFESNGNFIAPEYAYKIVKKGDSAIMKSELEYGNCNTKCQTPMGAINSSMPFHNIHPLTIGECPKYVKSNRLVLATGLRN
S
;
A,C,E,G
2 'polypeptide(L)'
;GLFGAIAGFIEGGWQGMVDGWYGYHHSNEQGSGYAADKESTQKAIDGVTNKVNSIIDKMNTQFEAVGREFNNLERRIENL
NKKMEDGFLDVWTYNAELLVLMENERTLDFHDSNVKNLYDKVRLQLRDNAKELGNGCFEFYHKCDNECMESIRNGTYNYP
QYSE
;
B,D,F,H
#
loop_
_chem_comp.id
_chem_comp.type
_chem_comp.name
_chem_comp.formula
GAL D-saccharide, beta linking beta-D-galactopyranose 'C6 H12 O6'
NAG D-saccharide, beta linking 2-acetamido-2-deoxy-beta-D-glucopyranose 'C8 H15 N O6'
SIA D-saccharide, alpha linking 'N-acetyl-alpha-neuraminic acid' 'C11 H19 N O9'
#
# COMPACT_ATOMS: atom_id res chain seq x y z
N GLN A 1 -189.77 162.41 -10.42
CA GLN A 1 -188.63 162.85 -11.19
C GLN A 1 -187.61 161.73 -11.34
N ASP A 2 -186.60 161.91 -12.19
CA ASP A 2 -185.65 160.84 -12.46
C ASP A 2 -184.19 161.22 -12.22
N GLN A 3 -183.45 160.38 -11.51
CA GLN A 3 -182.01 160.36 -11.74
C GLN A 3 -181.50 159.17 -12.53
N ILE A 4 -180.23 159.26 -12.91
CA ILE A 4 -179.45 158.13 -13.48
C ILE A 4 -178.02 158.15 -12.93
N CYS A 5 -177.51 156.96 -12.59
CA CYS A 5 -176.22 156.87 -11.95
C CYS A 5 -175.17 156.09 -12.76
N ILE A 6 -173.89 156.30 -12.46
CA ILE A 6 -172.79 155.47 -12.99
C ILE A 6 -171.93 154.86 -11.87
N GLY A 7 -171.63 153.57 -12.00
CA GLY A 7 -170.93 152.84 -10.95
C GLY A 7 -170.27 151.56 -11.42
N TYR A 8 -169.53 150.91 -10.53
CA TYR A 8 -168.78 149.72 -10.88
C TYR A 8 -169.14 148.53 -9.98
N HIS A 9 -168.50 147.40 -10.27
CA HIS A 9 -168.73 146.13 -9.54
C HIS A 9 -168.14 146.12 -8.13
N ALA A 10 -168.84 145.49 -7.21
CA ALA A 10 -168.22 145.02 -5.99
C ALA A 10 -168.78 143.60 -5.77
N ASN A 11 -168.05 142.74 -5.07
CA ASN A 11 -168.64 141.45 -4.73
C ASN A 11 -168.13 140.82 -3.43
N ASN A 12 -168.35 139.52 -3.30
CA ASN A 12 -168.04 138.82 -2.06
C ASN A 12 -166.69 138.06 -2.07
N SER A 13 -165.72 138.55 -2.84
CA SER A 13 -164.38 137.98 -2.81
C SER A 13 -163.40 138.80 -1.99
N THR A 14 -162.62 138.01 -1.25
CA THR A 14 -161.78 138.36 -0.10
C THR A 14 -160.31 138.47 -0.52
N GLU A 15 -160.08 138.44 -1.83
CA GLU A 15 -158.76 138.15 -2.39
C GLU A 15 -157.87 139.36 -2.64
N GLN A 16 -156.94 139.60 -1.71
CA GLN A 16 -156.08 140.75 -1.82
C GLN A 16 -154.98 140.47 -2.86
N VAL A 17 -154.41 141.54 -3.42
CA VAL A 17 -153.21 141.50 -4.25
C VAL A 17 -152.34 142.71 -3.93
N ASP A 18 -151.13 142.75 -4.50
CA ASP A 18 -150.17 143.79 -4.13
C ASP A 18 -149.81 144.71 -5.28
N THR A 19 -149.59 145.99 -4.97
CA THR A 19 -149.09 146.94 -5.95
C THR A 19 -147.77 147.44 -5.45
N ILE A 20 -147.17 148.33 -6.23
CA ILE A 20 -145.92 148.96 -5.82
C ILE A 20 -146.14 149.85 -4.58
N MET A 21 -147.35 150.41 -4.43
CA MET A 21 -147.61 151.40 -3.37
C MET A 21 -148.50 150.95 -2.21
N GLU A 22 -149.15 149.82 -2.36
CA GLU A 22 -149.97 149.35 -1.27
C GLU A 22 -150.08 147.83 -1.27
N LYS A 23 -150.06 147.26 -0.07
CA LYS A 23 -150.16 145.81 0.07
C LYS A 23 -151.56 145.33 0.48
N ASN A 24 -151.79 144.03 0.29
CA ASN A 24 -153.00 143.37 0.77
C ASN A 24 -154.29 144.12 0.37
N VAL A 25 -154.37 144.54 -0.88
CA VAL A 25 -155.49 145.32 -1.40
C VAL A 25 -156.54 144.42 -2.00
N THR A 26 -157.67 144.28 -1.32
CA THR A 26 -158.78 143.41 -1.77
C THR A 26 -159.36 143.75 -3.15
N VAL A 27 -159.60 142.73 -3.98
CA VAL A 27 -160.21 142.99 -5.30
C VAL A 27 -161.29 141.98 -5.70
N THR A 28 -161.94 142.24 -6.84
CA THR A 28 -163.10 141.46 -7.24
C THR A 28 -162.72 140.12 -7.82
N HIS A 29 -162.02 140.18 -8.97
CA HIS A 29 -161.44 138.98 -9.60
C HIS A 29 -159.92 139.06 -9.55
N ALA A 30 -159.28 137.91 -9.32
CA ALA A 30 -157.83 137.80 -9.25
C ALA A 30 -157.39 136.46 -9.77
N GLN A 31 -156.33 136.46 -10.55
CA GLN A 31 -155.80 135.22 -11.10
C GLN A 31 -154.49 134.80 -10.44
N ASP A 32 -154.37 133.52 -10.13
CA ASP A 32 -153.12 133.03 -9.55
C ASP A 32 -152.21 132.44 -10.63
N ILE A 33 -150.96 132.87 -10.66
CA ILE A 33 -150.07 132.35 -11.66
C ILE A 33 -148.87 131.54 -11.15
N LEU A 34 -148.90 131.13 -9.88
CA LEU A 34 -147.79 130.40 -9.26
C LEU A 34 -148.31 129.04 -8.79
N GLU A 35 -147.65 127.97 -9.19
CA GLU A 35 -148.10 126.65 -8.76
C GLU A 35 -147.25 126.18 -7.58
N LYS A 36 -147.91 125.76 -6.49
CA LYS A 36 -147.21 125.45 -5.22
C LYS A 36 -147.49 124.03 -4.70
N THR A 37 -147.82 123.13 -5.61
CA THR A 37 -148.29 121.81 -5.25
C THR A 37 -147.69 120.71 -6.10
N HIS A 38 -147.07 119.74 -5.44
CA HIS A 38 -146.63 118.55 -6.15
C HIS A 38 -147.33 117.31 -5.62
N ASN A 39 -147.07 116.16 -6.24
CA ASN A 39 -147.74 114.95 -5.84
C ASN A 39 -146.83 114.06 -5.01
N GLY A 40 -145.66 114.58 -4.65
CA GLY A 40 -144.74 113.87 -3.76
C GLY A 40 -144.27 112.53 -4.26
N LYS A 41 -144.47 112.30 -5.55
CA LYS A 41 -144.16 111.02 -6.21
C LYS A 41 -143.18 111.14 -7.40
N LEU A 42 -142.40 110.09 -7.63
CA LEU A 42 -141.56 110.02 -8.83
C LEU A 42 -142.27 109.28 -9.97
N CYS A 43 -142.61 110.00 -11.03
CA CYS A 43 -143.45 109.43 -12.07
C CYS A 43 -142.71 109.10 -13.37
N ASP A 44 -143.41 108.45 -14.31
CA ASP A 44 -142.90 108.30 -15.65
C ASP A 44 -143.10 109.63 -16.24
N LEU A 45 -142.22 109.99 -17.16
CA LEU A 45 -142.34 111.22 -17.92
C LEU A 45 -142.90 110.83 -19.28
N ASP A 46 -144.21 111.04 -19.45
CA ASP A 46 -144.93 110.69 -20.67
C ASP A 46 -144.77 109.23 -21.00
N GLY A 47 -145.03 108.36 -20.03
CA GLY A 47 -145.04 106.94 -20.31
C GLY A 47 -143.71 106.21 -20.38
N VAL A 48 -142.61 106.94 -20.44
CA VAL A 48 -141.33 106.24 -20.32
C VAL A 48 -140.74 106.42 -18.92
N LYS A 49 -140.38 105.29 -18.32
CA LYS A 49 -140.21 105.19 -16.86
C LYS A 49 -138.76 105.46 -16.40
N PRO A 50 -138.58 106.14 -15.25
CA PRO A 50 -137.21 106.45 -14.81
C PRO A 50 -136.37 105.24 -14.38
N LEU A 51 -135.06 105.44 -14.47
CA LEU A 51 -134.09 104.56 -13.86
C LEU A 51 -133.90 105.07 -12.44
N ILE A 52 -134.34 104.28 -11.48
CA ILE A 52 -134.07 104.60 -10.11
C ILE A 52 -133.15 103.53 -9.60
N LEU A 53 -131.86 103.89 -9.53
CA LEU A 53 -130.85 103.14 -8.79
C LEU A 53 -131.37 103.22 -7.39
N ARG A 54 -131.16 102.22 -6.56
CA ARG A 54 -131.80 102.41 -5.26
C ARG A 54 -130.74 102.86 -4.30
N ASP A 55 -129.84 101.96 -3.96
CA ASP A 55 -128.78 102.29 -3.04
C ASP A 55 -127.50 102.22 -3.80
N CYS A 56 -127.65 102.27 -5.11
CA CYS A 56 -126.52 102.24 -6.04
C CYS A 56 -126.20 103.65 -6.52
N SER A 57 -124.92 103.88 -6.72
CA SER A 57 -124.44 105.01 -7.48
C SER A 57 -124.34 104.62 -8.96
N VAL A 58 -124.08 105.61 -9.81
CA VAL A 58 -123.76 105.35 -11.23
C VAL A 58 -122.54 104.43 -11.31
N ALA A 59 -121.58 104.58 -10.41
CA ALA A 59 -120.39 103.78 -10.55
C ALA A 59 -120.66 102.27 -10.30
N GLY A 60 -121.54 101.98 -9.35
CA GLY A 60 -121.82 100.61 -8.99
C GLY A 60 -122.67 100.02 -10.09
N TRP A 61 -123.54 100.83 -10.64
CA TRP A 61 -124.33 100.38 -11.77
C TRP A 61 -123.44 100.05 -12.96
N LEU A 62 -122.75 101.03 -13.43
CA LEU A 62 -121.96 100.84 -14.61
C LEU A 62 -120.88 99.78 -14.47
N LEU A 63 -120.28 99.64 -13.30
CA LEU A 63 -119.17 98.73 -13.18
C LEU A 63 -119.59 97.36 -12.85
N GLY A 64 -120.81 97.21 -12.33
CA GLY A 64 -121.35 95.94 -11.92
C GLY A 64 -121.09 95.54 -10.48
N ASN A 65 -121.57 96.34 -9.55
CA ASN A 65 -121.43 96.02 -8.12
C ASN A 65 -122.28 94.79 -7.91
N PRO A 66 -121.75 93.80 -7.24
CA PRO A 66 -122.59 92.61 -7.18
C PRO A 66 -123.75 92.88 -6.24
N MET A 67 -123.80 94.05 -5.61
CA MET A 67 -125.01 94.43 -4.89
C MET A 67 -125.99 95.21 -5.79
N CYS A 68 -125.75 95.16 -7.08
CA CYS A 68 -126.42 96.07 -8.00
C CYS A 68 -127.09 95.36 -9.20
N ASP A 69 -127.36 94.06 -9.02
CA ASP A 69 -127.92 93.23 -10.09
C ASP A 69 -129.31 93.64 -10.57
N GLU A 70 -130.05 94.38 -9.74
CA GLU A 70 -131.33 94.93 -10.17
C GLU A 70 -131.15 95.63 -11.50
N PHE A 71 -129.99 96.21 -11.67
CA PHE A 71 -129.69 96.96 -12.86
C PHE A 71 -128.69 96.29 -13.80
N ILE A 72 -128.56 94.94 -13.75
CA ILE A 72 -127.79 94.25 -14.79
C ILE A 72 -128.18 94.64 -16.22
N ASN A 73 -129.49 94.75 -16.44
CA ASN A 73 -130.00 95.14 -17.76
C ASN A 73 -131.10 96.11 -17.64
N VAL A 74 -130.83 97.32 -18.10
CA VAL A 74 -131.70 98.43 -17.81
C VAL A 74 -132.36 98.92 -19.09
N PRO A 75 -133.70 98.98 -19.08
CA PRO A 75 -134.40 99.44 -20.29
C PRO A 75 -134.16 100.93 -20.54
N GLU A 76 -134.52 101.39 -21.74
CA GLU A 76 -134.61 102.82 -22.01
C GLU A 76 -135.25 103.56 -20.82
N TRP A 77 -134.61 104.66 -20.44
CA TRP A 77 -135.06 105.47 -19.33
C TRP A 77 -135.32 106.92 -19.73
N SER A 78 -136.12 107.60 -18.93
CA SER A 78 -136.43 109.02 -19.16
C SER A 78 -135.56 109.97 -18.36
N TYR A 79 -135.09 109.55 -17.20
CA TYR A 79 -134.22 110.36 -16.33
C TYR A 79 -133.76 109.46 -15.18
N ILE A 80 -132.68 109.79 -14.50
CA ILE A 80 -132.12 108.86 -13.55
C ILE A 80 -132.25 109.44 -12.15
N VAL A 81 -132.54 108.59 -11.16
CA VAL A 81 -132.55 109.03 -9.74
C VAL A 81 -131.46 108.39 -8.85
N GLU A 82 -130.55 109.21 -8.32
CA GLU A 82 -129.48 108.73 -7.45
C GLU A 82 -129.70 109.29 -6.04
N LYS A 83 -129.41 108.53 -5.00
CA LYS A 83 -129.61 109.07 -3.68
C LYS A 83 -128.46 109.98 -3.35
N ALA A 84 -128.58 110.79 -2.30
CA ALA A 84 -127.56 111.78 -1.95
C ALA A 84 -126.26 111.10 -1.68
N ASN A 85 -126.38 109.91 -1.11
CA ASN A 85 -125.29 109.16 -0.53
C ASN A 85 -125.44 107.66 -0.68
N PRO A 86 -125.49 107.15 -1.95
CA PRO A 86 -125.78 105.76 -2.29
C PRO A 86 -124.84 104.83 -1.54
N THR A 87 -125.35 103.75 -0.93
CA THR A 87 -124.46 102.85 -0.16
C THR A 87 -123.59 101.90 -1.00
N ASN A 88 -124.03 101.61 -2.22
CA ASN A 88 -123.35 100.67 -3.07
C ASN A 88 -122.59 101.36 -4.19
N ASP A 89 -121.39 101.80 -3.88
CA ASP A 89 -120.58 102.52 -4.84
C ASP A 89 -119.43 101.61 -5.31
N LEU A 90 -118.18 101.96 -4.96
CA LEU A 90 -117.02 101.13 -5.20
C LEU A 90 -116.76 100.22 -3.98
N CYS A 91 -117.13 98.95 -4.11
CA CYS A 91 -116.95 98.01 -3.04
C CYS A 91 -115.48 97.67 -2.83
N TYR A 92 -114.67 97.58 -3.87
CA TYR A 92 -113.25 97.47 -3.67
C TYR A 92 -112.78 98.90 -3.76
N PRO A 93 -112.05 99.38 -2.75
CA PRO A 93 -111.77 100.79 -2.65
C PRO A 93 -110.90 101.34 -3.77
N GLY A 94 -111.21 102.56 -4.18
CA GLY A 94 -110.41 103.19 -5.19
C GLY A 94 -111.09 104.36 -5.83
N SER A 95 -110.76 104.61 -7.06
CA SER A 95 -111.39 105.75 -7.71
C SER A 95 -111.85 105.43 -9.14
N PHE A 96 -112.68 106.33 -9.65
CA PHE A 96 -113.24 106.21 -10.98
C PHE A 96 -112.95 107.45 -11.78
N ASN A 97 -111.90 107.47 -12.56
CA ASN A 97 -111.55 108.64 -13.36
C ASN A 97 -112.61 109.34 -14.12
N ASP A 98 -112.52 110.65 -14.20
CA ASP A 98 -113.44 111.49 -14.90
C ASP A 98 -114.83 111.03 -14.62
N TYR A 99 -115.17 111.01 -13.35
CA TYR A 99 -116.45 110.53 -12.98
C TYR A 99 -117.58 111.55 -13.21
N GLU A 100 -117.39 112.81 -12.86
CA GLU A 100 -118.47 113.75 -13.05
C GLU A 100 -118.70 114.04 -14.55
N GLU A 101 -117.69 113.77 -15.37
CA GLU A 101 -117.84 114.04 -16.76
C GLU A 101 -118.69 112.95 -17.36
N LEU A 102 -118.54 111.73 -16.83
CA LEU A 102 -119.33 110.57 -17.28
C LEU A 102 -120.72 110.70 -16.77
N LYS A 103 -120.89 111.22 -15.55
CA LYS A 103 -122.26 111.54 -15.12
C LYS A 103 -122.85 112.62 -16.01
N TYR A 104 -122.00 113.49 -16.53
CA TYR A 104 -122.54 114.53 -17.42
C TYR A 104 -123.00 113.94 -18.76
N LEU A 105 -122.23 113.02 -19.36
CA LEU A 105 -122.68 112.24 -20.52
C LEU A 105 -124.00 111.56 -20.28
N LEU A 106 -124.13 110.90 -19.14
CA LEU A 106 -125.35 110.19 -18.80
C LEU A 106 -126.55 111.10 -18.83
N SER A 107 -126.41 112.40 -18.62
CA SER A 107 -127.57 113.26 -18.61
C SER A 107 -128.00 113.49 -20.03
N ARG A 108 -127.28 112.91 -20.97
CA ARG A 108 -127.60 113.05 -22.38
C ARG A 108 -127.87 111.72 -23.09
N ILE A 109 -128.17 110.67 -22.34
CA ILE A 109 -128.43 109.35 -22.90
C ILE A 109 -129.74 108.79 -22.30
N ASN A 110 -130.53 108.04 -23.05
CA ASN A 110 -131.76 107.42 -22.50
C ASN A 110 -131.74 105.92 -22.58
N HIS A 111 -130.72 105.34 -23.20
CA HIS A 111 -130.67 103.91 -23.36
C HIS A 111 -129.29 103.30 -23.70
N PHE A 112 -128.86 102.35 -22.88
CA PHE A 112 -127.63 101.58 -23.09
C PHE A 112 -128.03 100.20 -23.48
N GLU A 113 -127.23 99.54 -24.28
CA GLU A 113 -127.45 98.12 -24.47
C GLU A 113 -126.15 97.40 -24.15
N LYS A 114 -126.12 96.77 -22.98
CA LYS A 114 -124.93 96.07 -22.54
C LYS A 114 -124.56 94.96 -23.54
N ILE A 115 -123.33 94.92 -24.02
CA ILE A 115 -122.93 93.79 -24.84
C ILE A 115 -121.60 93.24 -24.45
N GLN A 116 -121.43 91.93 -24.55
CA GLN A 116 -120.20 91.30 -24.09
C GLN A 116 -119.09 91.38 -25.13
N ILE A 117 -118.02 92.11 -24.86
CA ILE A 117 -117.03 92.32 -25.90
C ILE A 117 -115.75 91.47 -25.74
N ILE A 118 -115.53 90.89 -24.56
CA ILE A 118 -114.47 89.89 -24.37
C ILE A 118 -114.93 88.89 -23.33
N PRO A 119 -115.31 87.67 -23.79
CA PRO A 119 -115.78 86.55 -22.97
C PRO A 119 -114.81 86.14 -21.86
N LYS A 120 -115.33 85.85 -20.68
CA LYS A 120 -114.46 85.42 -19.57
C LYS A 120 -113.72 84.11 -19.95
N SER A 121 -114.31 83.41 -20.92
CA SER A 121 -113.76 82.18 -21.44
C SER A 121 -112.56 82.43 -22.30
N SER A 122 -112.45 83.62 -22.84
CA SER A 122 -111.46 83.79 -23.88
C SER A 122 -110.04 83.89 -23.35
N TRP A 123 -109.90 83.84 -22.03
CA TRP A 123 -108.60 84.03 -21.42
C TRP A 123 -107.87 82.71 -21.20
N SER A 124 -107.09 82.29 -22.19
CA SER A 124 -106.43 80.97 -22.16
C SER A 124 -105.24 80.90 -21.19
N ASP A 125 -104.43 81.95 -21.14
CA ASP A 125 -103.16 81.86 -20.41
C ASP A 125 -103.12 82.61 -19.10
N HIS A 126 -104.27 83.11 -18.67
CA HIS A 126 -104.40 83.66 -17.32
C HIS A 126 -105.64 83.06 -16.58
N GLU A 127 -105.66 83.14 -15.26
CA GLU A 127 -106.87 82.74 -14.58
C GLU A 127 -107.86 83.86 -14.65
N ALA A 128 -109.13 83.58 -14.90
CA ALA A 128 -110.13 84.64 -14.94
C ALA A 128 -111.33 84.32 -14.08
N SER A 129 -111.15 83.52 -13.05
CA SER A 129 -112.26 83.14 -12.19
C SER A 129 -111.93 83.13 -10.69
N SER A 130 -110.85 83.79 -10.33
CA SER A 130 -110.35 83.74 -8.98
C SER A 130 -110.08 85.16 -8.54
N GLY A 131 -110.70 86.09 -9.25
CA GLY A 131 -110.43 87.49 -9.08
C GLY A 131 -111.64 88.06 -8.43
N VAL A 132 -111.60 88.03 -7.10
CA VAL A 132 -112.75 88.19 -6.26
C VAL A 132 -112.28 88.68 -4.91
N SER A 133 -113.04 89.56 -4.26
CA SER A 133 -112.72 90.02 -2.88
C SER A 133 -113.84 89.85 -1.88
N SER A 134 -113.49 89.98 -0.60
CA SER A 134 -114.48 90.01 0.44
C SER A 134 -115.07 91.39 0.61
N ALA A 135 -114.59 92.32 -0.18
CA ALA A 135 -115.04 93.68 -0.03
C ALA A 135 -116.18 93.89 -0.99
N CYS A 136 -116.32 92.91 -1.89
CA CYS A 136 -117.36 92.87 -2.88
C CYS A 136 -118.10 91.58 -2.73
N PRO A 137 -118.81 91.40 -1.63
CA PRO A 137 -119.39 90.08 -1.38
C PRO A 137 -120.65 89.92 -2.15
N TYR A 138 -120.85 88.75 -2.77
CA TYR A 138 -122.16 88.45 -3.34
C TYR A 138 -122.71 87.30 -2.63
N LEU A 139 -123.80 87.51 -1.89
CA LEU A 139 -124.40 86.46 -1.04
C LEU A 139 -123.40 85.78 -0.07
N GLY A 140 -122.52 86.58 0.53
CA GLY A 140 -121.58 86.07 1.50
C GLY A 140 -120.25 85.63 0.95
N SER A 141 -120.31 84.99 -0.22
CA SER A 141 -119.12 84.62 -0.97
C SER A 141 -118.45 85.79 -1.68
N PRO A 142 -117.10 85.87 -1.57
CA PRO A 142 -116.22 86.82 -2.26
C PRO A 142 -116.59 86.96 -3.71
N SER A 143 -116.99 88.14 -4.13
CA SER A 143 -117.29 88.38 -5.53
C SER A 143 -116.47 89.57 -6.06
N PHE A 144 -117.05 90.31 -6.99
CA PHE A 144 -116.33 91.40 -7.62
C PHE A 144 -117.28 91.91 -8.63
N PHE A 145 -117.00 93.12 -9.12
CA PHE A 145 -117.67 93.72 -10.25
C PHE A 145 -117.96 92.71 -11.38
N ARG A 146 -119.12 92.80 -12.01
CA ARG A 146 -119.46 91.86 -13.08
C ARG A 146 -118.95 92.35 -14.43
N ASN A 147 -118.95 93.64 -14.68
CA ASN A 147 -118.66 94.14 -16.03
C ASN A 147 -117.19 94.15 -16.41
N VAL A 148 -116.33 94.22 -15.40
CA VAL A 148 -114.91 94.06 -15.62
C VAL A 148 -114.48 92.75 -14.98
N VAL A 149 -113.28 92.30 -15.27
CA VAL A 149 -112.76 91.02 -14.82
C VAL A 149 -111.32 91.10 -14.34
N TRP A 150 -111.09 90.75 -13.07
CA TRP A 150 -109.79 90.88 -12.42
C TRP A 150 -108.78 89.72 -12.72
N LEU A 151 -108.22 89.65 -13.92
CA LEU A 151 -107.25 88.60 -14.33
C LEU A 151 -106.06 88.47 -13.43
N ILE A 152 -105.63 87.26 -13.15
CA ILE A 152 -104.38 87.06 -12.40
C ILE A 152 -103.52 85.98 -13.02
N LYS A 153 -102.37 85.72 -12.42
CA LYS A 153 -101.43 84.75 -12.99
C LYS A 153 -101.98 83.34 -13.02
N LYS A 154 -101.45 82.56 -13.97
CA LYS A 154 -101.73 81.12 -14.10
C LYS A 154 -100.46 80.31 -14.36
N ASN A 155 -100.26 79.26 -13.58
CA ASN A 155 -99.04 78.45 -13.62
C ASN A 155 -97.83 79.31 -13.32
N SER A 156 -97.96 80.10 -12.27
CA SER A 156 -96.93 81.11 -11.95
C SER A 156 -96.51 81.90 -13.16
N ALA A 157 -97.45 82.44 -13.92
CA ALA A 157 -97.06 83.15 -15.12
C ALA A 157 -98.13 84.11 -15.64
N TYR A 158 -97.77 85.38 -15.78
CA TYR A 158 -98.65 86.33 -16.47
C TYR A 158 -97.94 86.75 -17.74
N PRO A 159 -98.11 85.97 -18.83
CA PRO A 159 -97.60 86.37 -20.13
C PRO A 159 -98.26 87.68 -20.57
N THR A 160 -97.52 88.52 -21.28
CA THR A 160 -98.07 89.79 -21.63
C THR A 160 -99.29 89.66 -22.59
N ILE A 161 -100.39 90.28 -22.19
CA ILE A 161 -101.62 90.32 -22.95
C ILE A 161 -101.59 91.33 -24.06
N LYS A 162 -102.06 90.93 -25.25
CA LYS A 162 -102.40 91.89 -26.30
C LYS A 162 -103.79 91.64 -26.79
N LYS A 163 -104.76 92.39 -26.29
CA LYS A 163 -106.10 92.19 -26.76
C LYS A 163 -106.51 93.42 -27.50
N SER A 164 -106.93 93.26 -28.74
CA SER A 164 -107.46 94.34 -29.54
C SER A 164 -108.97 94.20 -29.63
N TYR A 165 -109.69 95.27 -29.90
CA TYR A 165 -111.12 95.17 -30.04
C TYR A 165 -111.79 96.22 -30.94
N ASN A 166 -112.51 95.78 -31.99
CA ASN A 166 -112.97 96.72 -33.04
C ASN A 166 -114.47 96.94 -32.96
N ASN A 167 -114.90 98.15 -32.68
CA ASN A 167 -116.34 98.49 -32.59
C ASN A 167 -117.04 98.60 -33.92
N THR A 168 -117.75 97.53 -34.27
CA THR A 168 -118.32 97.41 -35.60
C THR A 168 -119.82 97.65 -35.60
N ASN A 169 -120.28 98.45 -34.64
CA ASN A 169 -121.68 98.70 -34.49
C ASN A 169 -121.92 100.07 -35.00
N GLN A 170 -123.17 100.50 -35.01
CA GLN A 170 -123.47 101.80 -35.54
C GLN A 170 -123.37 102.82 -34.44
N GLU A 171 -123.16 102.33 -33.22
CA GLU A 171 -123.23 103.17 -32.03
C GLU A 171 -121.91 103.25 -31.34
N ASP A 172 -121.71 104.37 -30.64
CA ASP A 172 -120.61 104.51 -29.71
C ASP A 172 -120.72 103.43 -28.58
N LEU A 173 -119.60 102.82 -28.24
CA LEU A 173 -119.43 102.05 -27.05
C LEU A 173 -118.91 102.90 -25.90
N LEU A 174 -119.57 102.80 -24.74
CA LEU A 174 -118.89 103.15 -23.48
C LEU A 174 -118.10 101.93 -23.01
N VAL A 175 -116.77 102.06 -22.87
CA VAL A 175 -115.91 100.91 -22.48
C VAL A 175 -115.16 101.23 -21.19
N LEU A 176 -115.27 100.37 -20.18
CA LEU A 176 -114.61 100.58 -18.89
C LEU A 176 -113.53 99.56 -18.64
N TRP A 177 -112.45 99.97 -18.01
CA TRP A 177 -111.43 99.05 -17.54
C TRP A 177 -110.77 99.55 -16.24
N GLY A 178 -109.77 98.85 -15.74
CA GLY A 178 -109.08 99.35 -14.58
C GLY A 178 -107.70 98.80 -14.29
N ILE A 179 -107.07 99.35 -13.29
CA ILE A 179 -105.78 98.87 -12.86
C ILE A 179 -105.92 98.56 -11.40
N HIS A 180 -105.16 97.58 -10.93
CA HIS A 180 -105.16 97.21 -9.54
C HIS A 180 -103.87 97.70 -8.98
N HIS A 181 -103.97 98.47 -7.90
CA HIS A 181 -102.83 98.95 -7.12
C HIS A 181 -102.69 98.17 -5.85
N PRO A 182 -101.68 97.31 -5.83
CA PRO A 182 -101.33 96.42 -4.73
C PRO A 182 -100.87 97.18 -3.49
N ASN A 183 -100.81 96.41 -2.41
CA ASN A 183 -100.44 96.95 -1.14
C ASN A 183 -98.94 96.84 -0.93
N ASP A 184 -98.30 95.81 -1.49
CA ASP A 184 -96.83 95.60 -1.40
C ASP A 184 -96.25 94.64 -2.43
N ALA A 185 -94.93 94.64 -2.53
CA ALA A 185 -94.26 93.87 -3.55
C ALA A 185 -94.57 92.39 -3.51
N ALA A 186 -94.72 91.90 -2.30
CA ALA A 186 -95.15 90.53 -2.07
C ALA A 186 -96.49 90.25 -2.74
N GLU A 187 -97.47 91.12 -2.50
CA GLU A 187 -98.78 90.97 -3.12
C GLU A 187 -98.69 90.99 -4.67
N GLN A 188 -97.86 91.90 -5.17
CA GLN A 188 -97.70 92.04 -6.60
C GLN A 188 -97.17 90.76 -7.23
N THR A 189 -96.25 90.06 -6.58
CA THR A 189 -95.77 88.82 -7.23
C THR A 189 -96.75 87.67 -7.04
N ARG A 190 -97.37 87.62 -5.85
CA ARG A 190 -98.37 86.60 -5.54
C ARG A 190 -99.44 86.61 -6.59
N LEU A 191 -99.79 87.81 -7.04
CA LEU A 191 -100.87 88.01 -7.99
C LEU A 191 -100.47 87.97 -9.49
N TYR A 192 -99.29 88.46 -9.84
CA TYR A 192 -98.96 88.61 -11.26
C TYR A 192 -97.54 88.23 -11.63
N GLN A 193 -96.87 87.46 -10.80
CA GLN A 193 -95.42 87.20 -10.96
C GLN A 193 -94.51 88.42 -11.23
N ASN A 194 -94.60 89.02 -12.42
CA ASN A 194 -93.64 90.03 -12.80
C ASN A 194 -93.69 91.21 -11.89
N PRO A 195 -92.56 91.56 -11.27
CA PRO A 195 -92.46 92.64 -10.26
C PRO A 195 -92.79 94.02 -10.82
N THR A 196 -92.54 94.22 -12.11
CA THR A 196 -92.64 95.52 -12.74
C THR A 196 -93.62 95.48 -13.93
N THR A 197 -94.75 96.19 -13.83
CA THR A 197 -95.80 96.03 -14.86
C THR A 197 -96.38 97.29 -15.42
N TYR A 198 -97.29 97.12 -16.37
CA TYR A 198 -97.94 98.24 -17.00
C TYR A 198 -99.21 97.81 -17.71
N ILE A 199 -100.06 98.78 -18.02
CA ILE A 199 -101.16 98.62 -18.97
C ILE A 199 -101.21 99.73 -19.99
N SER A 200 -100.85 99.47 -21.24
CA SER A 200 -101.06 100.48 -22.27
C SER A 200 -102.39 100.28 -22.99
N ILE A 201 -103.05 101.40 -23.29
CA ILE A 201 -104.34 101.40 -23.97
C ILE A 201 -104.42 102.46 -25.05
N GLY A 202 -104.67 102.06 -26.28
CA GLY A 202 -104.82 103.01 -27.38
C GLY A 202 -106.06 102.86 -28.29
N THR A 203 -106.65 103.99 -28.66
CA THR A 203 -107.62 104.06 -29.75
C THR A 203 -107.12 105.02 -30.82
N SER A 204 -108.03 105.71 -31.53
CA SER A 204 -107.61 106.78 -32.45
C SER A 204 -107.13 108.02 -31.69
N THR A 205 -107.63 108.12 -30.47
CA THR A 205 -107.65 109.33 -29.66
C THR A 205 -106.97 109.12 -28.33
N LEU A 206 -107.06 107.92 -27.76
CA LEU A 206 -106.57 107.69 -26.45
C LEU A 206 -105.25 107.01 -26.57
N ASN A 207 -104.24 107.53 -25.87
CA ASN A 207 -102.94 106.89 -25.89
C ASN A 207 -102.39 106.82 -24.47
N GLN A 208 -102.95 105.98 -23.61
CA GLN A 208 -102.36 105.95 -22.25
C GLN A 208 -101.49 104.76 -21.87
N ARG A 209 -100.70 104.92 -20.81
CA ARG A 209 -99.88 103.84 -20.27
C ARG A 209 -99.90 103.92 -18.77
N LEU A 210 -100.43 102.90 -18.10
CA LEU A 210 -100.67 102.97 -16.69
C LEU A 210 -99.65 102.10 -15.96
N VAL A 211 -99.03 102.62 -14.91
CA VAL A 211 -98.26 101.73 -14.03
C VAL A 211 -98.86 101.75 -12.63
N PRO A 212 -98.93 100.59 -12.00
CA PRO A 212 -99.58 100.54 -10.69
C PRO A 212 -98.67 101.09 -9.63
N LYS A 213 -99.27 101.75 -8.66
CA LYS A 213 -98.57 102.33 -7.54
C LYS A 213 -98.66 101.39 -6.34
N ILE A 214 -97.59 100.64 -6.09
CA ILE A 214 -97.49 99.85 -4.87
C ILE A 214 -97.12 100.75 -3.70
N ALA A 215 -97.83 100.61 -2.57
CA ALA A 215 -97.82 101.61 -1.48
C ALA A 215 -98.70 101.26 -0.24
N THR A 216 -98.27 101.65 0.93
CA THR A 216 -99.08 101.38 2.10
C THR A 216 -100.13 102.46 2.28
N ARG A 217 -101.40 102.04 2.39
CA ARG A 217 -102.51 102.96 2.60
C ARG A 217 -103.38 102.51 3.73
N SER A 218 -104.18 103.44 4.26
CA SER A 218 -105.15 103.13 5.31
C SER A 218 -106.11 102.11 4.77
N LYS A 219 -106.82 101.43 5.68
CA LYS A 219 -107.78 100.42 5.28
C LYS A 219 -109.10 101.06 4.97
N VAL A 220 -109.69 100.64 3.86
CA VAL A 220 -111.05 100.97 3.53
C VAL A 220 -111.73 99.66 3.17
N ASN A 221 -112.92 99.42 3.71
CA ASN A 221 -113.61 98.14 3.49
C ASN A 221 -112.74 96.91 3.78
N GLY A 222 -111.78 97.03 4.71
CA GLY A 222 -110.86 95.96 5.00
C GLY A 222 -109.54 96.03 4.25
N LEU A 223 -109.46 96.80 3.15
CA LEU A 223 -108.26 96.76 2.27
C LEU A 223 -107.41 98.01 2.20
N SER A 224 -106.13 97.80 1.99
CA SER A 224 -105.19 98.88 1.71
C SER A 224 -104.87 98.97 0.20
N SER A 225 -105.28 97.95 -0.54
CA SER A 225 -105.22 97.86 -1.96
C SER A 225 -106.21 98.81 -2.58
N ARG A 226 -105.94 99.25 -3.79
CA ARG A 226 -106.88 100.11 -4.45
C ARG A 226 -107.20 99.61 -5.85
N MET A 227 -108.38 99.95 -6.36
CA MET A 227 -108.71 99.72 -7.76
C MET A 227 -109.06 101.05 -8.40
N GLU A 228 -108.47 101.31 -9.55
CA GLU A 228 -108.68 102.57 -10.23
C GLU A 228 -109.28 102.30 -11.60
N PHE A 229 -110.42 102.92 -11.88
CA PHE A 229 -111.14 102.67 -13.13
C PHE A 229 -111.07 103.80 -14.10
N PHE A 230 -111.04 103.44 -15.38
CA PHE A 230 -110.93 104.37 -16.46
C PHE A 230 -111.97 104.04 -17.45
N TRP A 231 -112.43 105.02 -18.21
CA TRP A 231 -113.40 104.77 -19.27
C TRP A 231 -113.12 105.49 -20.57
N THR A 232 -113.69 105.00 -21.67
CA THR A 232 -113.57 105.72 -22.93
C THR A 232 -114.79 105.61 -23.77
N ILE A 233 -114.91 106.44 -24.79
CA ILE A 233 -115.96 106.22 -25.78
C ILE A 233 -115.41 105.73 -27.11
N LEU A 234 -115.72 104.48 -27.48
CA LEU A 234 -115.31 103.93 -28.79
C LEU A 234 -116.23 104.35 -29.92
N LYS A 235 -115.65 105.01 -30.90
CA LYS A 235 -116.37 105.45 -32.10
C LYS A 235 -116.67 104.26 -33.01
N PRO A 236 -117.85 104.29 -33.65
CA PRO A 236 -118.14 103.24 -34.59
C PRO A 236 -117.04 103.14 -35.70
N ASN A 237 -116.46 101.94 -35.75
CA ASN A 237 -115.38 101.51 -36.65
C ASN A 237 -113.98 101.70 -36.14
N ASP A 238 -113.86 102.15 -34.89
CA ASP A 238 -112.54 102.28 -34.29
C ASP A 238 -112.22 101.09 -33.39
N ALA A 239 -110.93 100.79 -33.16
CA ALA A 239 -110.52 99.73 -32.23
C ALA A 239 -109.87 100.26 -30.96
N ILE A 240 -110.01 99.51 -29.87
CA ILE A 240 -109.30 99.75 -28.63
C ILE A 240 -108.25 98.64 -28.39
N ASN A 241 -107.02 99.02 -28.08
CA ASN A 241 -105.94 98.01 -27.97
C ASN A 241 -105.37 98.08 -26.59
N PHE A 242 -105.20 96.92 -25.99
CA PHE A 242 -104.82 96.77 -24.63
C PHE A 242 -103.61 95.93 -24.67
N GLU A 243 -102.57 96.33 -23.98
CA GLU A 243 -101.44 95.44 -23.82
C GLU A 243 -100.99 95.57 -22.38
N SER A 244 -100.87 94.46 -21.65
CA SER A 244 -100.43 94.57 -20.26
C SER A 244 -99.72 93.32 -19.73
N ASN A 245 -98.89 93.45 -18.70
CA ASN A 245 -98.23 92.29 -18.15
C ASN A 245 -98.53 92.08 -16.67
N GLY A 246 -99.68 92.58 -16.22
CA GLY A 246 -100.11 92.46 -14.84
C GLY A 246 -101.02 93.60 -14.48
N ASN A 247 -101.66 93.50 -13.31
CA ASN A 247 -102.53 94.53 -12.72
C ASN A 247 -103.68 95.07 -13.57
N PHE A 248 -104.19 94.24 -14.47
CA PHE A 248 -105.11 94.72 -15.50
C PHE A 248 -106.50 94.17 -15.29
N ILE A 249 -107.44 95.04 -14.94
CA ILE A 249 -108.79 94.61 -14.69
C ILE A 249 -109.46 94.78 -16.03
N ALA A 250 -109.52 93.71 -16.84
CA ALA A 250 -109.94 93.80 -18.26
C ALA A 250 -111.45 94.01 -18.40
N PRO A 251 -111.92 94.69 -19.47
CA PRO A 251 -113.38 94.74 -19.64
C PRO A 251 -113.94 93.39 -20.03
N GLU A 252 -115.23 93.18 -19.81
CA GLU A 252 -115.94 92.02 -20.32
C GLU A 252 -117.26 92.41 -21.01
N TYR A 253 -118.00 93.35 -20.41
CA TYR A 253 -119.22 93.91 -21.01
C TYR A 253 -119.05 95.38 -21.18
N ALA A 254 -119.50 95.91 -22.31
CA ALA A 254 -119.45 97.34 -22.56
C ALA A 254 -120.87 97.86 -22.80
N TYR A 255 -121.06 99.15 -23.01
CA TYR A 255 -122.42 99.59 -23.30
C TYR A 255 -122.57 100.23 -24.67
N LYS A 256 -123.49 99.78 -25.53
CA LYS A 256 -123.79 100.56 -26.72
C LYS A 256 -124.69 101.69 -26.34
N ILE A 257 -124.48 102.86 -26.88
CA ILE A 257 -125.38 103.97 -26.57
C ILE A 257 -126.43 104.03 -27.69
N VAL A 258 -127.64 103.57 -27.44
CA VAL A 258 -128.55 103.48 -28.56
C VAL A 258 -129.63 104.51 -28.49
N LYS A 259 -129.60 105.40 -27.52
CA LYS A 259 -130.54 106.51 -27.53
C LYS A 259 -130.02 107.72 -26.77
N LYS A 260 -129.34 108.61 -27.46
CA LYS A 260 -129.01 109.87 -26.88
C LYS A 260 -130.28 110.70 -26.94
N GLY A 261 -130.35 111.77 -26.20
CA GLY A 261 -131.60 112.45 -25.98
C GLY A 261 -131.48 113.27 -24.72
N ASP A 262 -132.61 113.81 -24.28
CA ASP A 262 -132.62 114.72 -23.13
C ASP A 262 -132.92 114.02 -21.82
N SER A 263 -131.97 114.04 -20.92
CA SER A 263 -132.20 113.39 -19.67
C SER A 263 -131.61 114.21 -18.53
N ALA A 264 -131.57 113.62 -17.35
CA ALA A 264 -131.12 114.33 -16.18
C ALA A 264 -130.69 113.32 -15.17
N ILE A 265 -129.73 113.66 -14.31
CA ILE A 265 -129.53 112.87 -13.09
C ILE A 265 -130.08 113.58 -11.87
N MET A 266 -131.16 113.04 -11.31
CA MET A 266 -131.82 113.64 -10.14
C MET A 266 -131.29 113.03 -8.85
N LYS A 267 -130.85 113.87 -7.92
CA LYS A 267 -130.61 113.39 -6.59
C LYS A 267 -131.92 113.44 -5.83
N SER A 268 -132.39 112.29 -5.39
CA SER A 268 -133.59 112.22 -4.59
C SER A 268 -133.65 110.99 -3.71
N GLU A 269 -134.25 111.17 -2.53
CA GLU A 269 -134.40 110.05 -1.60
C GLU A 269 -135.64 109.23 -1.93
N LEU A 270 -136.53 109.80 -2.73
CA LEU A 270 -137.79 109.16 -3.07
C LEU A 270 -137.61 107.91 -3.89
N GLU A 271 -138.73 107.23 -4.08
CA GLU A 271 -138.75 105.96 -4.77
C GLU A 271 -139.84 106.02 -5.82
N TYR A 272 -139.89 105.00 -6.65
CA TYR A 272 -140.89 104.93 -7.68
C TYR A 272 -142.30 105.11 -7.13
N GLY A 273 -142.93 106.21 -7.53
CA GLY A 273 -144.38 106.34 -7.45
C GLY A 273 -144.83 105.50 -8.63
N ASN A 274 -146.13 105.32 -8.86
CA ASN A 274 -146.45 104.50 -10.02
C ASN A 274 -147.35 105.25 -10.95
N CYS A 275 -146.93 106.44 -11.32
CA CYS A 275 -147.80 107.35 -12.02
C CYS A 275 -147.18 107.83 -13.32
N ASN A 276 -147.79 108.86 -13.90
CA ASN A 276 -147.33 109.48 -15.14
C ASN A 276 -147.45 111.01 -15.07
N THR A 277 -146.46 111.74 -15.58
CA THR A 277 -146.52 113.20 -15.59
C THR A 277 -145.90 113.71 -16.85
N LYS A 278 -145.94 115.02 -17.02
CA LYS A 278 -145.24 115.70 -18.10
C LYS A 278 -144.18 116.60 -17.50
N CYS A 279 -144.11 116.68 -16.18
CA CYS A 279 -143.12 117.52 -15.51
C CYS A 279 -142.79 116.99 -14.11
N GLN A 280 -141.49 116.76 -13.86
CA GLN A 280 -140.97 116.09 -12.66
C GLN A 280 -139.93 116.93 -11.99
N THR A 281 -140.02 117.09 -10.66
CA THR A 281 -138.96 117.66 -9.81
C THR A 281 -138.53 116.60 -8.81
N PRO A 282 -137.44 116.80 -8.05
CA PRO A 282 -137.05 115.65 -7.23
C PRO A 282 -137.89 115.46 -5.97
N MET A 283 -138.77 116.42 -5.62
CA MET A 283 -139.63 116.23 -4.46
C MET A 283 -141.03 115.76 -4.78
N GLY A 284 -141.35 115.66 -6.07
CA GLY A 284 -142.61 115.13 -6.60
C GLY A 284 -142.89 115.64 -7.99
N ALA A 285 -143.98 115.21 -8.63
CA ALA A 285 -144.31 115.68 -9.97
C ALA A 285 -145.35 116.82 -10.02
N ILE A 286 -145.40 117.55 -11.14
CA ILE A 286 -146.37 118.62 -11.29
C ILE A 286 -147.36 118.47 -12.47
N ASN A 287 -148.67 118.54 -12.17
CA ASN A 287 -149.75 118.62 -13.17
C ASN A 287 -150.45 119.96 -13.04
N SER A 288 -150.05 120.90 -13.89
CA SER A 288 -150.48 122.29 -13.74
C SER A 288 -150.33 123.05 -15.04
N SER A 289 -151.23 124.01 -15.24
CA SER A 289 -151.25 124.79 -16.48
C SER A 289 -150.59 126.14 -16.20
N MET A 290 -150.45 126.44 -14.90
CA MET A 290 -149.79 127.62 -14.42
C MET A 290 -148.51 127.92 -15.18
N PRO A 291 -148.19 129.21 -15.38
CA PRO A 291 -146.95 129.49 -16.10
C PRO A 291 -145.75 129.50 -15.16
N PHE A 292 -145.98 129.60 -13.85
CA PHE A 292 -144.89 129.57 -12.87
C PHE A 292 -145.04 128.51 -11.75
N HIS A 293 -143.89 128.10 -11.19
CA HIS A 293 -143.88 127.28 -9.98
C HIS A 293 -142.70 127.64 -9.08
N ASN A 294 -142.83 127.33 -7.81
CA ASN A 294 -141.82 127.62 -6.82
C ASN A 294 -141.40 126.37 -6.04
N ILE A 295 -141.47 125.22 -6.69
CA ILE A 295 -141.17 123.95 -6.02
C ILE A 295 -139.67 123.67 -5.88
N HIS A 296 -138.97 123.55 -7.01
CA HIS A 296 -137.58 123.21 -6.98
C HIS A 296 -136.98 123.52 -8.34
N PRO A 297 -135.80 124.16 -8.39
CA PRO A 297 -135.16 124.60 -9.65
C PRO A 297 -134.82 123.47 -10.64
N LEU A 298 -134.42 122.29 -10.16
CA LEU A 298 -134.10 121.20 -11.08
C LEU A 298 -135.35 120.40 -11.41
N THR A 299 -135.59 120.22 -12.72
CA THR A 299 -136.90 119.98 -13.24
C THR A 299 -136.64 119.30 -14.55
N ILE A 300 -137.54 118.42 -14.97
CA ILE A 300 -137.43 117.82 -16.29
C ILE A 300 -138.81 117.64 -16.81
N GLY A 301 -139.00 117.77 -18.14
CA GLY A 301 -140.32 117.69 -18.76
C GLY A 301 -140.88 119.04 -19.13
N GLU A 302 -142.12 119.07 -19.62
CA GLU A 302 -142.77 120.33 -20.01
C GLU A 302 -143.18 121.12 -18.78
N CYS A 303 -142.36 122.07 -18.40
CA CYS A 303 -142.42 122.64 -17.05
C CYS A 303 -142.71 124.13 -16.95
N PRO A 304 -143.62 124.52 -16.06
CA PRO A 304 -143.75 125.88 -15.57
C PRO A 304 -142.39 126.42 -15.24
N LYS A 305 -142.25 127.73 -15.15
CA LYS A 305 -140.93 128.30 -15.01
C LYS A 305 -140.62 128.55 -13.55
N TYR A 306 -139.51 127.99 -13.06
CA TYR A 306 -139.22 128.08 -11.63
C TYR A 306 -138.94 129.49 -11.16
N VAL A 307 -139.40 129.79 -9.94
CA VAL A 307 -139.37 131.13 -9.37
C VAL A 307 -139.32 130.99 -7.87
N LYS A 308 -138.65 131.91 -7.21
CA LYS A 308 -138.38 131.73 -5.78
C LYS A 308 -139.47 132.23 -4.85
N SER A 309 -140.48 132.91 -5.40
CA SER A 309 -141.56 133.52 -4.59
C SER A 309 -142.51 132.50 -4.03
N ASN A 310 -143.19 132.84 -2.94
CA ASN A 310 -144.21 131.92 -2.44
C ASN A 310 -145.62 132.45 -2.72
N ARG A 311 -145.67 133.56 -3.46
CA ARG A 311 -146.95 134.22 -3.78
C ARG A 311 -146.92 135.13 -5.00
N LEU A 312 -147.60 134.72 -6.07
CA LEU A 312 -147.78 135.57 -7.23
C LEU A 312 -149.23 135.58 -7.65
N VAL A 313 -149.92 136.69 -7.35
CA VAL A 313 -151.30 136.86 -7.78
C VAL A 313 -151.47 138.11 -8.65
N LEU A 314 -152.09 137.92 -9.81
CA LEU A 314 -152.29 138.96 -10.81
C LEU A 314 -153.73 139.50 -10.75
N ALA A 315 -153.89 140.82 -10.67
CA ALA A 315 -155.22 141.41 -10.62
C ALA A 315 -155.95 141.36 -11.96
N THR A 316 -157.16 140.84 -11.96
CA THR A 316 -158.02 140.93 -13.12
C THR A 316 -159.13 141.98 -12.88
N GLY A 317 -159.86 141.88 -11.77
CA GLY A 317 -160.99 142.77 -11.52
C GLY A 317 -160.60 144.18 -11.07
N LEU A 318 -161.43 144.80 -10.23
CA LEU A 318 -161.10 146.10 -9.65
C LEU A 318 -161.24 146.11 -8.14
N ARG A 319 -161.00 147.26 -7.52
CA ARG A 319 -161.08 147.40 -6.06
C ARG A 319 -162.44 146.99 -5.48
N ASN A 320 -162.43 146.32 -4.34
CA ASN A 320 -163.69 145.93 -3.71
C ASN A 320 -163.68 146.42 -2.26
N SER A 321 -164.86 146.76 -1.70
CA SER A 321 -164.91 147.24 -0.30
C SER A 321 -166.07 146.73 0.60
N GLY B 1 -157.80 155.81 -5.80
CA GLY B 1 -158.16 156.33 -7.09
C GLY B 1 -157.10 157.28 -7.61
N LEU B 2 -156.37 156.88 -8.65
CA LEU B 2 -155.37 157.75 -9.22
C LEU B 2 -156.12 158.68 -10.15
N PHE B 3 -157.19 158.17 -10.73
CA PHE B 3 -157.99 159.00 -11.60
C PHE B 3 -159.15 159.60 -10.83
N GLY B 4 -159.24 159.21 -9.56
CA GLY B 4 -160.21 159.83 -8.66
C GLY B 4 -161.65 159.35 -8.79
N ALA B 5 -161.93 158.55 -9.82
CA ALA B 5 -163.26 157.96 -9.99
C ALA B 5 -163.53 156.88 -8.96
N ILE B 6 -162.96 155.70 -9.16
CA ILE B 6 -163.21 154.56 -8.28
C ILE B 6 -162.72 154.87 -6.88
N ALA B 7 -163.58 154.56 -5.90
CA ALA B 7 -163.41 154.91 -4.48
C ALA B 7 -163.00 156.37 -4.23
N GLY B 8 -163.15 157.19 -5.27
CA GLY B 8 -162.84 158.61 -5.20
C GLY B 8 -164.13 159.39 -5.00
N PHE B 9 -164.83 159.69 -6.10
CA PHE B 9 -166.06 160.46 -6.01
C PHE B 9 -167.30 159.60 -6.01
N ILE B 10 -167.28 158.54 -6.80
CA ILE B 10 -168.23 157.46 -6.55
C ILE B 10 -167.75 156.78 -5.26
N GLU B 11 -168.69 156.44 -4.37
CA GLU B 11 -168.34 155.88 -3.06
C GLU B 11 -167.96 154.43 -3.16
N GLY B 12 -168.94 153.54 -3.21
CA GLY B 12 -168.68 152.12 -3.30
C GLY B 12 -168.82 151.53 -4.69
N GLY B 13 -169.01 150.22 -4.76
CA GLY B 13 -169.29 149.57 -6.03
C GLY B 13 -170.67 148.95 -6.00
N TRP B 14 -171.19 148.63 -7.18
CA TRP B 14 -172.57 148.15 -7.27
C TRP B 14 -172.69 146.65 -7.24
N GLN B 15 -172.89 146.12 -6.04
CA GLN B 15 -173.10 144.72 -5.79
C GLN B 15 -174.11 144.16 -6.80
N GLY B 16 -175.14 144.95 -7.04
CA GLY B 16 -176.22 144.57 -7.93
C GLY B 16 -175.78 144.34 -9.36
N MET B 17 -174.72 145.00 -9.79
CA MET B 17 -174.36 144.87 -11.20
C MET B 17 -173.62 143.57 -11.48
N VAL B 18 -174.26 142.68 -12.23
CA VAL B 18 -173.72 141.35 -12.45
C VAL B 18 -173.56 141.08 -13.95
N ASP B 19 -173.26 142.12 -14.71
CA ASP B 19 -173.28 141.98 -16.18
C ASP B 19 -172.02 142.47 -16.87
N GLY B 20 -171.19 143.22 -16.15
CA GLY B 20 -169.97 143.74 -16.70
C GLY B 20 -169.23 144.44 -15.60
N TRP B 21 -168.08 145.01 -15.96
CA TRP B 21 -167.34 145.73 -14.94
C TRP B 21 -168.05 147.02 -14.62
N TYR B 22 -168.24 147.87 -15.62
CA TYR B 22 -168.92 149.13 -15.37
C TYR B 22 -170.32 149.26 -16.01
N GLY B 23 -171.07 150.28 -15.58
CA GLY B 23 -172.40 150.52 -16.10
C GLY B 23 -173.21 151.58 -15.38
N TYR B 24 -174.53 151.37 -15.34
CA TYR B 24 -175.49 152.37 -14.89
C TYR B 24 -176.54 151.79 -13.97
N HIS B 25 -177.08 152.67 -13.13
CA HIS B 25 -178.32 152.42 -12.40
C HIS B 25 -179.26 153.59 -12.65
N HIS B 26 -180.48 153.31 -13.10
CA HIS B 26 -181.42 154.39 -13.41
C HIS B 26 -182.67 154.37 -12.53
N SER B 27 -183.25 155.56 -12.32
CA SER B 27 -184.28 155.74 -11.29
C SER B 27 -185.44 156.58 -11.85
N ASN B 28 -186.12 155.95 -12.81
CA ASN B 28 -187.19 156.51 -13.66
C ASN B 28 -188.59 155.86 -13.48
N GLU B 29 -189.58 156.38 -14.22
CA GLU B 29 -191.01 156.05 -14.05
C GLU B 29 -191.54 154.71 -14.58
N GLN B 30 -190.87 154.10 -15.56
CA GLN B 30 -191.34 152.80 -16.05
C GLN B 30 -190.67 151.63 -15.32
N GLY B 31 -189.58 151.94 -14.62
CA GLY B 31 -188.79 150.94 -13.93
C GLY B 31 -187.49 151.50 -13.38
N SER B 32 -186.72 150.64 -12.71
CA SER B 32 -185.42 151.02 -12.20
C SER B 32 -184.46 149.91 -12.58
N GLY B 33 -183.18 150.01 -12.24
CA GLY B 33 -182.29 148.95 -12.68
C GLY B 33 -180.87 149.26 -13.11
N TYR B 34 -180.21 148.21 -13.62
CA TYR B 34 -178.78 148.22 -13.95
C TYR B 34 -178.50 147.77 -15.37
N ALA B 35 -177.55 148.44 -16.02
CA ALA B 35 -177.05 148.00 -17.32
C ALA B 35 -175.51 148.13 -17.39
N ALA B 36 -174.86 147.39 -18.26
CA ALA B 36 -173.41 147.51 -18.34
C ALA B 36 -172.94 147.88 -19.74
N ASP B 37 -171.94 148.73 -19.85
CA ASP B 37 -171.51 149.20 -21.17
C ASP B 37 -170.62 148.19 -21.90
N LYS B 38 -171.18 147.56 -22.92
CA LYS B 38 -170.44 146.64 -23.76
C LYS B 38 -169.18 147.31 -24.25
N GLU B 39 -169.30 148.50 -24.82
CA GLU B 39 -168.16 149.23 -25.37
C GLU B 39 -166.94 149.24 -24.42
N SER B 40 -167.15 149.76 -23.21
CA SER B 40 -166.04 149.88 -22.26
C SER B 40 -165.68 148.56 -21.56
N THR B 41 -166.68 147.80 -21.12
CA THR B 41 -166.39 146.55 -20.43
C THR B 41 -165.63 145.57 -21.33
N GLN B 42 -166.14 145.38 -22.53
CA GLN B 42 -165.46 144.58 -23.53
C GLN B 42 -164.04 145.08 -23.83
N LYS B 43 -163.89 146.40 -24.03
CA LYS B 43 -162.53 146.94 -24.20
C LYS B 43 -161.58 146.59 -23.04
N ALA B 44 -162.10 146.53 -21.82
CA ALA B 44 -161.26 146.17 -20.67
C ALA B 44 -160.89 144.68 -20.63
N ILE B 45 -161.86 143.82 -20.96
CA ILE B 45 -161.56 142.42 -21.13
C ILE B 45 -160.38 142.26 -22.08
N ASP B 46 -160.50 142.88 -23.26
CA ASP B 46 -159.41 142.81 -24.21
C ASP B 46 -158.09 143.32 -23.62
N GLY B 47 -158.21 144.35 -22.78
CA GLY B 47 -157.07 144.88 -22.08
C GLY B 47 -156.32 143.86 -21.27
N VAL B 48 -156.90 143.44 -20.14
CA VAL B 48 -156.17 142.56 -19.24
C VAL B 48 -155.86 141.18 -19.84
N THR B 49 -156.70 140.68 -20.74
CA THR B 49 -156.36 139.43 -21.39
C THR B 49 -155.04 139.62 -22.13
N ASN B 50 -154.92 140.73 -22.84
CA ASN B 50 -153.66 141.01 -23.53
C ASN B 50 -152.49 141.19 -22.59
N LYS B 51 -152.73 141.85 -21.46
CA LYS B 51 -151.72 141.99 -20.42
C LYS B 51 -151.19 140.63 -19.94
N VAL B 52 -152.10 139.78 -19.49
CA VAL B 52 -151.74 138.43 -19.07
C VAL B 52 -150.89 137.66 -20.10
N ASN B 53 -151.40 137.54 -21.33
CA ASN B 53 -150.67 136.74 -22.29
C ASN B 53 -149.35 137.34 -22.76
N SER B 54 -149.15 138.63 -22.49
CA SER B 54 -147.89 139.24 -22.84
C SER B 54 -146.91 139.08 -21.70
N ILE B 55 -147.43 139.00 -20.50
CA ILE B 55 -146.57 138.69 -19.37
C ILE B 55 -146.05 137.24 -19.46
N ILE B 56 -146.98 136.30 -19.60
CA ILE B 56 -146.65 134.92 -19.92
C ILE B 56 -145.70 134.74 -21.13
N ASP B 57 -145.98 135.42 -22.24
CA ASP B 57 -145.09 135.35 -23.40
C ASP B 57 -143.72 135.98 -23.21
N LYS B 58 -143.64 137.02 -22.39
CA LYS B 58 -142.36 137.72 -22.17
C LYS B 58 -141.35 136.86 -21.38
N MET B 59 -141.87 135.87 -20.67
CA MET B 59 -141.05 134.99 -19.85
C MET B 59 -141.30 133.50 -20.20
N ASN B 60 -141.24 133.16 -21.48
CA ASN B 60 -141.49 131.76 -21.84
C ASN B 60 -140.22 130.97 -22.26
N THR B 61 -139.21 131.68 -22.74
CA THR B 61 -137.84 131.16 -22.62
C THR B 61 -137.28 131.97 -21.49
N GLN B 62 -136.85 131.30 -20.44
CA GLN B 62 -136.26 131.98 -19.29
C GLN B 62 -134.84 131.45 -18.94
N PHE B 63 -134.72 130.66 -17.87
CA PHE B 63 -133.45 130.03 -17.58
C PHE B 63 -133.66 128.64 -17.04
N GLU B 64 -133.21 127.63 -17.77
CA GLU B 64 -133.25 126.27 -17.28
C GLU B 64 -131.98 126.01 -16.47
N ALA B 65 -132.06 125.12 -15.49
CA ALA B 65 -130.92 124.82 -14.65
C ALA B 65 -130.43 123.38 -14.78
N VAL B 66 -129.43 123.08 -15.61
CA VAL B 66 -128.95 121.69 -15.67
C VAL B 66 -128.04 121.29 -14.49
N GLY B 67 -128.13 120.03 -14.06
CA GLY B 67 -127.24 119.51 -13.04
C GLY B 67 -125.84 119.12 -13.51
N ARG B 68 -124.88 119.79 -12.93
CA ARG B 68 -123.49 119.42 -13.10
C ARG B 68 -122.97 119.07 -11.70
N GLU B 69 -122.15 118.04 -11.60
CA GLU B 69 -121.56 117.68 -10.33
C GLU B 69 -120.08 117.95 -10.40
N PHE B 70 -119.49 118.34 -9.28
CA PHE B 70 -118.04 118.59 -9.25
C PHE B 70 -117.37 117.76 -8.18
N ASN B 71 -116.13 117.37 -8.39
CA ASN B 71 -115.50 116.65 -7.33
C ASN B 71 -114.85 117.56 -6.29
N ASN B 72 -113.98 116.96 -5.53
CA ASN B 72 -113.49 117.50 -4.29
C ASN B 72 -112.42 118.59 -4.43
N LEU B 73 -111.76 118.59 -5.58
CA LEU B 73 -110.75 119.55 -5.88
C LEU B 73 -111.28 120.51 -6.90
N GLU B 74 -112.58 120.68 -6.94
CA GLU B 74 -113.18 121.55 -7.93
C GLU B 74 -114.16 122.45 -7.23
N ARG B 75 -113.83 122.79 -5.99
CA ARG B 75 -114.71 123.61 -5.20
C ARG B 75 -114.92 125.03 -5.78
N ARG B 76 -113.90 125.60 -6.41
CA ARG B 76 -114.00 126.85 -7.12
C ARG B 76 -114.99 126.83 -8.29
N ILE B 77 -114.86 125.90 -9.22
CA ILE B 77 -115.87 125.97 -10.26
C ILE B 77 -117.16 125.45 -9.74
N GLU B 78 -117.16 124.73 -8.60
CA GLU B 78 -118.46 124.26 -8.17
C GLU B 78 -119.27 125.36 -7.58
N ASN B 79 -118.55 126.23 -6.89
CA ASN B 79 -119.12 127.43 -6.36
C ASN B 79 -119.54 128.35 -7.51
N LEU B 80 -118.65 128.52 -8.50
CA LEU B 80 -118.97 129.34 -9.64
C LEU B 80 -120.28 128.91 -10.23
N ASN B 81 -120.37 127.61 -10.56
CA ASN B 81 -121.63 126.99 -10.97
C ASN B 81 -122.80 127.33 -10.10
N LYS B 82 -122.64 127.15 -8.79
CA LYS B 82 -123.76 127.38 -7.88
C LYS B 82 -124.18 128.82 -7.88
N LYS B 83 -123.25 129.73 -7.79
CA LYS B 83 -123.63 131.10 -7.70
C LYS B 83 -124.09 131.68 -9.05
N MET B 84 -123.71 131.08 -10.14
CA MET B 84 -124.34 131.54 -11.34
C MET B 84 -125.77 131.02 -11.45
N GLU B 85 -126.01 129.72 -11.21
CA GLU B 85 -127.38 129.25 -11.27
C GLU B 85 -128.30 129.95 -10.27
N ASP B 86 -127.85 130.06 -9.04
CA ASP B 86 -128.57 130.82 -8.04
C ASP B 86 -128.84 132.21 -8.61
N GLY B 87 -127.77 132.96 -8.94
CA GLY B 87 -127.87 134.33 -9.37
C GLY B 87 -128.92 134.56 -10.44
N PHE B 88 -128.95 133.72 -11.46
CA PHE B 88 -130.01 133.84 -12.50
C PHE B 88 -131.39 133.63 -11.90
N LEU B 89 -131.53 132.54 -11.16
CA LEU B 89 -132.79 132.23 -10.53
C LEU B 89 -133.29 133.42 -9.71
N ASP B 90 -132.34 134.17 -9.15
CA ASP B 90 -132.70 135.37 -8.42
C ASP B 90 -133.10 136.55 -9.30
N VAL B 91 -132.38 136.82 -10.37
CA VAL B 91 -132.87 137.93 -11.17
C VAL B 91 -134.20 137.64 -11.88
N TRP B 92 -134.42 136.39 -12.27
CA TRP B 92 -135.71 136.04 -12.86
C TRP B 92 -136.87 136.07 -11.85
N THR B 93 -136.56 135.70 -10.60
CA THR B 93 -137.55 135.79 -9.53
C THR B 93 -137.92 137.23 -9.20
N TYR B 94 -136.92 138.10 -9.26
CA TYR B 94 -137.14 139.53 -9.12
C TYR B 94 -137.99 140.03 -10.25
N ASN B 95 -137.53 139.83 -11.46
CA ASN B 95 -138.31 140.26 -12.60
C ASN B 95 -139.77 139.87 -12.52
N ALA B 96 -140.09 138.60 -12.32
CA ALA B 96 -141.49 138.23 -12.16
C ALA B 96 -142.20 139.02 -11.06
N GLU B 97 -141.65 139.05 -9.84
CA GLU B 97 -142.29 139.83 -8.75
C GLU B 97 -142.50 141.36 -9.03
N LEU B 98 -141.45 142.02 -9.50
CA LEU B 98 -141.48 143.40 -9.94
C LEU B 98 -142.55 143.65 -11.03
N LEU B 99 -142.46 142.90 -12.14
CA LEU B 99 -143.42 143.02 -13.24
C LEU B 99 -144.83 142.86 -12.76
N VAL B 100 -145.04 141.89 -11.89
CA VAL B 100 -146.38 141.74 -11.32
C VAL B 100 -146.84 142.97 -10.54
N LEU B 101 -146.04 143.49 -9.62
CA LEU B 101 -146.43 144.65 -8.80
C LEU B 101 -146.78 145.86 -9.62
N MET B 102 -145.94 146.11 -10.61
CA MET B 102 -146.18 147.22 -11.51
C MET B 102 -147.47 147.00 -12.29
N GLU B 103 -147.60 145.87 -12.97
CA GLU B 103 -148.80 145.69 -13.78
C GLU B 103 -150.07 145.66 -12.96
N ASN B 104 -149.99 145.25 -11.70
CA ASN B 104 -151.15 145.33 -10.85
C ASN B 104 -151.61 146.78 -10.63
N GLU B 105 -150.67 147.64 -10.28
CA GLU B 105 -151.04 149.02 -10.11
C GLU B 105 -151.58 149.61 -11.42
N ARG B 106 -150.81 149.49 -12.49
CA ARG B 106 -151.23 150.09 -13.75
C ARG B 106 -152.59 149.53 -14.22
N THR B 107 -152.95 148.35 -13.71
CA THR B 107 -154.25 147.76 -14.03
C THR B 107 -155.39 148.35 -13.23
N LEU B 108 -155.21 148.46 -11.92
CA LEU B 108 -156.20 149.16 -11.08
C LEU B 108 -156.49 150.59 -11.60
N ASP B 109 -155.42 151.32 -11.89
CA ASP B 109 -155.58 152.63 -12.48
C ASP B 109 -156.24 152.56 -13.84
N PHE B 110 -156.03 151.47 -14.59
CA PHE B 110 -156.74 151.26 -15.85
C PHE B 110 -158.27 151.20 -15.68
N HIS B 111 -158.73 150.39 -14.74
CA HIS B 111 -160.18 150.31 -14.47
C HIS B 111 -160.77 151.66 -14.03
N ASP B 112 -160.09 152.29 -13.07
CA ASP B 112 -160.41 153.67 -12.65
C ASP B 112 -160.58 154.60 -13.86
N SER B 113 -159.54 154.71 -14.69
CA SER B 113 -159.62 155.40 -15.97
C SER B 113 -160.92 155.10 -16.71
N ASN B 114 -161.21 153.82 -16.93
CA ASN B 114 -162.42 153.44 -17.67
C ASN B 114 -163.72 154.01 -17.07
N VAL B 115 -163.77 154.01 -15.74
CA VAL B 115 -164.90 154.63 -15.06
C VAL B 115 -164.98 156.13 -15.36
N LYS B 116 -163.96 156.90 -14.97
CA LYS B 116 -163.98 158.33 -15.22
C LYS B 116 -164.26 158.69 -16.71
N ASN B 117 -163.89 157.82 -17.62
CA ASN B 117 -164.14 158.09 -19.03
C ASN B 117 -165.57 157.77 -19.45
N LEU B 118 -166.21 156.86 -18.70
CA LEU B 118 -167.61 156.58 -18.91
C LEU B 118 -168.46 157.74 -18.38
N TYR B 119 -168.16 158.12 -17.14
CA TYR B 119 -168.78 159.27 -16.50
C TYR B 119 -168.66 160.50 -17.39
N ASP B 120 -167.50 160.69 -18.00
CA ASP B 120 -167.37 161.77 -18.99
C ASP B 120 -168.17 161.55 -20.29
N LYS B 121 -168.31 160.31 -20.73
CA LYS B 121 -169.15 160.09 -21.91
C LYS B 121 -170.57 160.55 -21.66
N VAL B 122 -171.13 160.23 -20.50
CA VAL B 122 -172.49 160.66 -20.19
C VAL B 122 -172.58 162.16 -19.96
N ARG B 123 -171.73 162.65 -19.07
CA ARG B 123 -171.71 164.08 -18.76
C ARG B 123 -171.60 164.92 -20.03
N LEU B 124 -170.77 164.50 -20.98
CA LEU B 124 -170.64 165.24 -22.25
C LEU B 124 -171.85 165.07 -23.19
N GLN B 125 -172.94 164.53 -22.67
CA GLN B 125 -174.19 164.48 -23.43
C GLN B 125 -175.29 165.29 -22.74
N LEU B 126 -175.43 165.07 -21.44
CA LEU B 126 -176.51 165.68 -20.67
C LEU B 126 -176.21 167.11 -20.19
N ARG B 127 -175.28 167.79 -20.83
CA ARG B 127 -174.80 169.09 -20.40
C ARG B 127 -175.77 169.94 -19.59
N ASP B 128 -176.87 170.38 -20.21
CA ASP B 128 -177.84 171.28 -19.58
C ASP B 128 -178.97 170.51 -18.92
N ASN B 129 -179.32 169.41 -19.56
CA ASN B 129 -180.55 168.65 -19.26
C ASN B 129 -180.46 167.80 -18.00
N ALA B 130 -179.35 167.93 -17.29
CA ALA B 130 -179.18 167.31 -15.99
C ALA B 130 -178.19 168.09 -15.14
N LYS B 131 -178.21 167.85 -13.84
CA LYS B 131 -177.22 168.41 -12.94
C LYS B 131 -176.34 167.30 -12.33
N GLU B 132 -175.03 167.56 -12.29
CA GLU B 132 -174.09 166.72 -11.58
C GLU B 132 -174.40 166.73 -10.09
N LEU B 133 -174.81 165.58 -9.56
CA LEU B 133 -175.07 165.51 -8.13
C LEU B 133 -173.80 165.67 -7.30
N GLY B 134 -172.80 164.82 -7.57
CA GLY B 134 -171.52 164.86 -6.89
C GLY B 134 -171.00 163.47 -6.53
N ASN B 135 -171.90 162.49 -6.55
CA ASN B 135 -171.52 161.13 -6.25
C ASN B 135 -171.72 160.24 -7.46
N GLY B 136 -171.57 160.84 -8.64
CA GLY B 136 -171.52 160.08 -9.89
C GLY B 136 -172.86 159.99 -10.57
N CYS B 137 -173.80 160.78 -10.09
CA CYS B 137 -175.17 160.73 -10.59
C CYS B 137 -175.64 162.05 -11.18
N PHE B 138 -176.56 161.93 -12.13
CA PHE B 138 -177.15 163.08 -12.79
C PHE B 138 -178.64 163.19 -12.51
N GLU B 139 -179.08 164.31 -11.93
CA GLU B 139 -180.52 164.53 -11.74
C GLU B 139 -181.09 165.22 -12.98
N PHE B 140 -182.25 164.76 -13.45
CA PHE B 140 -182.83 165.23 -14.70
C PHE B 140 -183.74 166.47 -14.64
N TYR B 141 -183.45 167.42 -15.52
CA TYR B 141 -184.28 168.61 -15.67
C TYR B 141 -185.48 168.29 -16.56
N HIS B 142 -185.47 167.09 -17.13
CA HIS B 142 -186.67 166.54 -17.75
C HIS B 142 -187.11 165.17 -17.18
N LYS B 143 -187.99 164.50 -17.93
CA LYS B 143 -188.44 163.15 -17.56
C LYS B 143 -187.70 162.19 -18.47
N CYS B 144 -187.07 161.15 -17.91
CA CYS B 144 -186.33 160.22 -18.77
C CYS B 144 -186.77 158.78 -18.68
N ASP B 145 -187.44 158.37 -19.75
CA ASP B 145 -188.09 157.08 -19.90
C ASP B 145 -187.08 156.05 -20.35
N ASN B 146 -187.39 154.78 -20.10
CA ASN B 146 -186.52 153.63 -20.49
C ASN B 146 -185.86 153.79 -21.87
N GLU B 147 -186.61 154.35 -22.81
CA GLU B 147 -186.16 154.46 -24.19
C GLU B 147 -185.23 155.67 -24.39
N CYS B 148 -185.46 156.70 -23.60
CA CYS B 148 -184.53 157.83 -23.55
C CYS B 148 -183.15 157.33 -23.18
N MET B 149 -183.12 156.47 -22.16
CA MET B 149 -181.89 155.85 -21.67
C MET B 149 -181.21 154.97 -22.69
N GLU B 150 -181.99 154.17 -23.41
CA GLU B 150 -181.33 153.35 -24.43
C GLU B 150 -180.60 154.27 -25.41
N SER B 151 -181.23 155.39 -25.78
CA SER B 151 -180.45 156.39 -26.51
C SER B 151 -179.17 156.86 -25.78
N ILE B 152 -179.24 156.96 -24.45
CA ILE B 152 -178.04 157.39 -23.68
C ILE B 152 -176.87 156.40 -23.70
N ARG B 153 -177.16 155.18 -23.26
CA ARG B 153 -176.13 154.14 -23.10
C ARG B 153 -175.34 153.99 -24.37
N ASN B 154 -176.07 153.78 -25.47
CA ASN B 154 -175.45 153.72 -26.80
C ASN B 154 -174.99 155.10 -27.36
N GLY B 155 -175.12 156.12 -26.55
CA GLY B 155 -174.52 157.42 -26.82
C GLY B 155 -174.86 158.11 -28.12
N THR B 156 -176.15 158.24 -28.39
CA THR B 156 -176.61 158.92 -29.60
C THR B 156 -177.59 160.02 -29.19
N TYR B 157 -177.44 160.45 -27.95
CA TYR B 157 -178.52 161.02 -27.20
C TYR B 157 -179.03 162.34 -27.77
N ASN B 158 -180.35 162.43 -27.94
CA ASN B 158 -181.00 163.63 -28.49
C ASN B 158 -180.98 164.86 -27.56
N TYR B 159 -180.18 165.84 -27.94
CA TYR B 159 -180.10 167.07 -27.19
C TYR B 159 -181.22 168.08 -27.52
N PRO B 160 -181.63 168.21 -28.81
CA PRO B 160 -182.85 168.96 -29.15
C PRO B 160 -184.00 168.76 -28.16
N GLN B 161 -183.86 169.52 -27.06
CA GLN B 161 -184.82 169.67 -25.98
C GLN B 161 -184.47 170.96 -25.22
N TYR B 162 -185.52 171.66 -24.77
CA TYR B 162 -185.48 172.91 -23.99
C TYR B 162 -184.48 172.88 -22.81
N SER B 163 -184.88 173.41 -21.66
CA SER B 163 -184.20 173.11 -20.40
C SER B 163 -185.11 173.34 -19.21
N GLU B 164 -185.50 174.59 -18.94
CA GLU B 164 -186.29 174.93 -17.73
C GLU B 164 -187.74 174.44 -17.75
N GLN C 1 -2.01 4.11 -12.42
CA GLN C 1 -2.51 2.88 -11.83
C GLN C 1 -1.38 1.89 -11.46
N ASP C 2 -1.39 1.37 -10.22
CA ASP C 2 -0.26 0.59 -9.71
C ASP C 2 -0.44 -0.95 -9.80
N GLN C 3 0.41 -1.64 -10.57
CA GLN C 3 0.61 -3.08 -10.34
C GLN C 3 1.86 -3.40 -9.52
N ILE C 4 1.96 -4.68 -9.15
CA ILE C 4 3.18 -5.28 -8.57
C ILE C 4 3.37 -6.70 -9.09
N CYS C 5 4.61 -7.05 -9.44
CA CYS C 5 4.88 -8.33 -10.08
C CYS C 5 5.78 -9.26 -9.25
N ILE C 6 5.76 -10.55 -9.56
CA ILE C 6 6.75 -11.51 -9.01
C ILE C 6 7.49 -12.28 -10.12
N GLY C 7 8.81 -12.42 -9.99
CA GLY C 7 9.65 -13.01 -11.03
C GLY C 7 11.02 -13.45 -10.53
N TYR C 8 11.79 -14.08 -11.40
CA TYR C 8 13.07 -14.66 -11.02
C TYR C 8 14.18 -14.16 -11.91
N HIS C 9 15.39 -14.62 -11.62
CA HIS C 9 16.61 -14.22 -12.33
C HIS C 9 16.72 -14.80 -13.74
N ALA C 10 17.28 -14.01 -14.65
CA ALA C 10 17.83 -14.55 -15.90
C ALA C 10 19.13 -13.79 -16.10
N ASN C 11 20.12 -14.40 -16.76
CA ASN C 11 21.31 -13.65 -17.12
C ASN C 11 22.01 -14.10 -18.39
N ASN C 12 23.26 -13.70 -18.53
CA ASN C 12 24.01 -13.90 -19.77
C ASN C 12 24.96 -15.11 -19.73
N SER C 13 24.59 -16.14 -18.97
CA SER C 13 25.38 -17.37 -18.98
C SER C 13 24.73 -18.45 -19.78
N THR C 14 25.63 -19.08 -20.53
CA THR C 14 25.41 -19.98 -21.67
C THR C 14 25.48 -21.45 -21.25
N GLU C 15 25.51 -21.70 -19.93
CA GLU C 15 25.98 -22.96 -19.35
C GLU C 15 24.91 -24.01 -19.11
N GLN C 16 24.83 -24.97 -20.02
CA GLN C 16 23.83 -26.00 -19.91
C GLN C 16 24.27 -27.05 -18.90
N VAL C 17 23.28 -27.76 -18.33
CA VAL C 17 23.49 -28.93 -17.47
C VAL C 17 22.42 -29.98 -17.79
N ASP C 18 22.54 -31.18 -17.23
CA ASP C 18 21.65 -32.27 -17.61
C ASP C 18 20.78 -32.74 -16.44
N THR C 19 19.54 -33.14 -16.76
CA THR C 19 18.68 -33.79 -15.79
C THR C 19 18.38 -35.17 -16.28
N ILE C 20 17.60 -35.89 -15.49
CA ILE C 20 17.15 -37.21 -15.91
C ILE C 20 16.24 -37.15 -17.17
N MET C 21 15.53 -36.04 -17.38
CA MET C 21 14.50 -35.95 -18.45
C MET C 21 14.85 -34.99 -19.58
N GLU C 22 15.84 -34.14 -19.37
CA GLU C 22 16.21 -33.25 -20.45
C GLU C 22 17.69 -32.93 -20.45
N LYS C 23 18.25 -32.86 -21.65
CA LYS C 23 19.68 -32.58 -21.81
C LYS C 23 19.96 -31.13 -22.21
N ASN C 24 21.21 -30.72 -22.03
CA ASN C 24 21.71 -29.42 -22.49
C ASN C 24 20.77 -28.26 -22.10
N VAL C 25 20.32 -28.25 -20.86
CA VAL C 25 19.39 -27.24 -20.37
C VAL C 25 20.13 -26.06 -19.77
N THR C 26 20.10 -24.93 -20.45
CA THR C 26 20.83 -23.73 -20.02
C THR C 26 20.40 -23.19 -18.64
N VAL C 27 21.35 -22.77 -17.81
CA VAL C 27 21.01 -22.22 -16.48
C VAL C 27 21.84 -21.00 -16.08
N THR C 28 21.50 -20.40 -14.94
CA THR C 28 22.09 -19.11 -14.56
C THR C 28 23.46 -19.29 -13.95
N HIS C 29 23.50 -19.98 -12.81
CA HIS C 29 24.77 -20.37 -12.16
C HIS C 29 24.92 -21.89 -12.18
N ALA C 30 26.14 -22.35 -12.40
CA ALA C 30 26.43 -23.79 -12.47
C ALA C 30 27.80 -24.02 -11.93
N GLN C 31 27.97 -25.09 -11.18
CA GLN C 31 29.26 -25.41 -10.59
C GLN C 31 29.87 -26.63 -11.24
N ASP C 32 31.17 -26.58 -11.54
CA ASP C 32 31.84 -27.75 -12.11
C ASP C 32 32.57 -28.56 -11.05
N ILE C 33 32.31 -29.85 -10.98
CA ILE C 33 32.95 -30.66 -9.96
C ILE C 33 33.90 -31.75 -10.46
N LEU C 34 34.31 -31.67 -11.73
CA LEU C 34 35.21 -32.65 -12.34
C LEU C 34 36.48 -31.98 -12.82
N GLU C 35 37.63 -32.49 -12.39
CA GLU C 35 38.88 -31.86 -12.82
C GLU C 35 39.49 -32.61 -14.00
N LYS C 36 39.80 -31.91 -15.07
CA LYS C 36 40.21 -32.53 -16.34
C LYS C 36 41.57 -32.06 -16.83
N THR C 37 42.41 -31.59 -15.91
CA THR C 37 43.67 -30.93 -16.29
C THR C 37 44.84 -31.37 -15.43
N HIS C 38 45.90 -31.85 -16.07
CA HIS C 38 47.14 -32.09 -15.34
C HIS C 38 48.27 -31.24 -15.89
N ASN C 39 49.43 -31.34 -15.27
CA ASN C 39 50.53 -30.49 -15.66
C ASN C 39 51.55 -31.24 -16.50
N GLY C 40 51.20 -32.47 -16.91
CA GLY C 40 52.06 -33.29 -17.76
C GLY C 40 53.44 -33.57 -17.20
N LYS C 41 53.63 -33.39 -15.89
CA LYS C 41 54.93 -33.48 -15.22
C LYS C 41 54.94 -34.46 -14.04
N LEU C 42 56.09 -35.03 -13.76
CA LEU C 42 56.25 -35.87 -12.57
C LEU C 42 56.88 -35.08 -11.43
N CYS C 43 56.11 -34.83 -10.38
CA CYS C 43 56.54 -33.93 -9.34
C CYS C 43 57.00 -34.59 -8.04
N ASP C 44 57.51 -33.80 -7.10
CA ASP C 44 57.72 -34.27 -5.74
C ASP C 44 56.39 -34.28 -5.13
N LEU C 45 56.20 -35.15 -4.17
CA LEU C 45 54.94 -35.20 -3.47
C LEU C 45 55.25 -34.58 -2.15
N ASP C 46 54.79 -33.35 -1.97
CA ASP C 46 55.02 -32.59 -0.74
C ASP C 46 56.48 -32.51 -0.37
N GLY C 47 57.34 -32.15 -1.32
CA GLY C 47 58.74 -31.92 -1.01
C GLY C 47 59.63 -33.14 -0.98
N VAL C 48 59.07 -34.33 -0.91
CA VAL C 48 59.95 -35.50 -1.04
C VAL C 48 59.86 -36.11 -2.47
N LYS C 49 61.04 -36.32 -3.07
CA LYS C 49 61.17 -36.46 -4.51
C LYS C 49 61.15 -37.94 -4.94
N PRO C 50 60.57 -38.21 -6.15
CA PRO C 50 60.40 -39.62 -6.55
C PRO C 50 61.68 -40.29 -7.00
N LEU C 51 61.70 -41.62 -6.87
CA LEU C 51 62.73 -42.45 -7.46
C LEU C 51 62.28 -42.74 -8.84
N ILE C 52 62.98 -42.19 -9.82
CA ILE C 52 62.69 -42.52 -11.20
C ILE C 52 63.88 -43.29 -11.70
N LEU C 53 63.68 -44.61 -11.79
CA LEU C 53 64.60 -45.52 -12.50
C LEU C 53 64.45 -45.03 -13.87
N ARG C 54 65.48 -45.07 -14.67
CA ARG C 54 65.24 -44.48 -16.00
C ARG C 54 64.92 -45.59 -16.99
N ASP C 55 65.94 -46.36 -17.34
CA ASP C 55 65.80 -47.44 -18.24
C ASP C 55 66.09 -48.67 -17.46
N CYS C 56 65.99 -48.55 -16.14
CA CYS C 56 66.19 -49.66 -15.22
C CYS C 56 64.84 -50.18 -14.71
N SER C 57 64.80 -51.48 -14.47
CA SER C 57 63.70 -52.11 -13.77
C SER C 57 64.08 -52.13 -12.29
N VAL C 58 63.15 -52.58 -11.46
CA VAL C 58 63.44 -52.83 -10.04
C VAL C 58 64.54 -53.88 -9.94
N ALA C 59 64.54 -54.86 -10.80
CA ALA C 59 65.49 -55.92 -10.65
C ALA C 59 66.93 -55.44 -10.89
N GLY C 60 67.09 -54.50 -11.82
CA GLY C 60 68.41 -54.03 -12.19
C GLY C 60 68.88 -53.14 -11.08
N TRP C 61 67.94 -52.37 -10.56
CA TRP C 61 68.25 -51.50 -9.44
C TRP C 61 68.72 -52.31 -8.22
N LEU C 62 67.86 -53.19 -7.76
CA LEU C 62 68.14 -53.90 -6.56
C LEU C 62 69.33 -54.81 -6.69
N LEU C 63 69.56 -55.39 -7.85
CA LEU C 63 70.61 -56.38 -7.93
C LEU C 63 71.92 -55.74 -8.26
N GLY C 64 71.90 -54.52 -8.82
CA GLY C 64 73.09 -53.83 -9.23
C GLY C 64 73.54 -54.04 -10.65
N ASN C 65 72.70 -53.67 -11.62
CA ASN C 65 73.07 -53.78 -13.04
C ASN C 65 74.14 -52.78 -13.20
N PRO C 66 75.20 -53.15 -13.91
CA PRO C 66 76.24 -52.14 -13.94
C PRO C 66 75.84 -51.03 -14.94
N MET C 67 74.68 -51.13 -15.54
CA MET C 67 74.15 -50.02 -16.27
C MET C 67 73.23 -49.19 -15.39
N CYS C 68 73.29 -49.41 -14.08
CA CYS C 68 72.28 -48.87 -13.14
C CYS C 68 72.89 -48.09 -11.95
N ASP C 69 74.11 -47.60 -12.13
CA ASP C 69 74.84 -46.93 -11.06
C ASP C 69 74.20 -45.63 -10.61
N GLU C 70 73.36 -45.04 -11.44
CA GLU C 70 72.66 -43.83 -11.04
C GLU C 70 72.00 -44.12 -9.73
N PHE C 71 71.63 -45.36 -9.55
CA PHE C 71 70.88 -45.78 -8.37
C PHE C 71 71.69 -46.60 -7.35
N ILE C 72 73.03 -46.54 -7.37
CA ILE C 72 73.82 -47.22 -6.36
C ILE C 72 73.40 -46.84 -4.95
N ASN C 73 73.06 -45.56 -4.76
CA ASN C 73 72.60 -45.11 -3.47
C ASN C 73 71.49 -44.15 -3.58
N VAL C 74 70.33 -44.57 -3.15
CA VAL C 74 69.13 -43.86 -3.45
C VAL C 74 68.52 -43.31 -2.18
N PRO C 75 68.24 -42.00 -2.19
CA PRO C 75 67.71 -41.37 -0.98
C PRO C 75 66.27 -41.79 -0.73
N GLU C 76 65.75 -41.45 0.45
CA GLU C 76 64.32 -41.60 0.74
C GLU C 76 63.47 -41.11 -0.45
N TRP C 77 62.50 -41.92 -0.86
CA TRP C 77 61.62 -41.60 -1.97
C TRP C 77 60.14 -41.56 -1.60
N SER C 78 59.36 -40.87 -2.43
CA SER C 78 57.92 -40.73 -2.21
C SER C 78 57.11 -41.74 -3.01
N TYR C 79 57.60 -42.14 -4.18
CA TYR C 79 56.96 -43.13 -5.02
C TYR C 79 57.92 -43.47 -6.16
N ILE C 80 57.73 -44.56 -6.86
CA ILE C 80 58.73 -45.02 -7.79
C ILE C 80 58.14 -45.01 -9.17
N VAL C 81 58.96 -44.64 -10.18
CA VAL C 81 58.52 -44.67 -11.59
C VAL C 81 59.34 -45.63 -12.45
N GLU C 82 58.69 -46.69 -12.97
CA GLU C 82 59.33 -47.66 -13.85
C GLU C 82 58.74 -47.49 -15.25
N LYS C 83 59.56 -47.61 -16.28
CA LYS C 83 58.97 -47.57 -17.63
C LYS C 83 58.22 -48.88 -17.93
N ALA C 84 57.42 -48.90 -18.99
CA ALA C 84 56.59 -50.06 -19.35
C ALA C 84 57.48 -51.24 -19.61
N ASN C 85 58.66 -50.93 -20.12
CA ASN C 85 59.55 -51.89 -20.74
C ASN C 85 61.02 -51.51 -20.59
N PRO C 86 61.49 -51.44 -19.31
CA PRO C 86 62.83 -50.98 -18.97
C PRO C 86 63.89 -51.79 -19.72
N THR C 87 64.86 -51.12 -20.34
CA THR C 87 65.90 -51.86 -21.07
C THR C 87 66.97 -52.56 -20.21
N ASN C 88 67.22 -52.05 -19.02
CA ASN C 88 68.22 -52.59 -18.15
C ASN C 88 67.65 -53.42 -16.99
N ASP C 89 67.29 -54.67 -17.29
CA ASP C 89 66.74 -55.59 -16.31
C ASP C 89 67.82 -56.58 -15.83
N LEU C 90 67.67 -57.86 -16.18
CA LEU C 90 68.63 -58.92 -15.91
C LEU C 90 69.55 -59.07 -17.09
N CYS C 91 70.76 -58.55 -16.96
CA CYS C 91 71.74 -58.54 -18.04
C CYS C 91 72.30 -59.94 -18.26
N TYR C 92 72.50 -60.69 -17.21
CA TYR C 92 72.82 -62.09 -17.41
C TYR C 92 71.46 -62.78 -17.32
N PRO C 93 71.12 -63.57 -18.34
CA PRO C 93 69.75 -64.08 -18.46
C PRO C 93 69.31 -64.98 -17.32
N GLY C 94 68.06 -64.86 -16.94
CA GLY C 94 67.56 -65.77 -15.93
C GLY C 94 66.28 -65.25 -15.33
N SER C 95 66.06 -65.64 -14.10
CA SER C 95 64.86 -65.15 -13.44
C SER C 95 65.11 -64.61 -12.01
N PHE C 96 64.10 -63.91 -11.51
CA PHE C 96 64.13 -63.34 -10.18
C PHE C 96 62.89 -63.84 -9.43
N ASN C 97 63.03 -64.85 -8.59
CA ASN C 97 61.88 -65.37 -7.82
C ASN C 97 61.05 -64.43 -7.02
N ASP C 98 59.77 -64.71 -6.98
CA ASP C 98 58.82 -63.87 -6.30
C ASP C 98 59.08 -62.43 -6.60
N TYR C 99 59.02 -62.13 -7.87
CA TYR C 99 59.32 -60.80 -8.24
C TYR C 99 58.16 -59.82 -8.00
N GLU C 100 56.95 -60.18 -8.37
CA GLU C 100 55.89 -59.25 -8.20
C GLU C 100 55.59 -59.04 -6.74
N GLU C 101 56.02 -59.96 -5.91
CA GLU C 101 55.71 -59.87 -4.51
C GLU C 101 56.61 -58.84 -3.92
N LEU C 102 57.82 -58.81 -4.46
CA LEU C 102 58.87 -57.88 -4.00
C LEU C 102 58.56 -56.52 -4.49
N LYS C 103 58.07 -56.39 -5.71
CA LYS C 103 57.52 -55.11 -6.13
C LYS C 103 56.35 -54.69 -5.25
N TYR C 104 55.58 -55.65 -4.76
CA TYR C 104 54.46 -55.30 -3.89
C TYR C 104 54.99 -54.76 -2.55
N LEU C 105 55.98 -55.41 -1.95
CA LEU C 105 56.68 -54.85 -0.79
C LEU C 105 57.19 -53.43 -1.04
N LEU C 106 57.84 -53.21 -2.19
CA LEU C 106 58.36 -51.91 -2.50
C LEU C 106 57.29 -50.86 -2.46
N SER C 107 56.03 -51.21 -2.79
CA SER C 107 55.00 -50.18 -2.72
C SER C 107 54.71 -49.74 -1.27
N ARG C 108 55.36 -50.38 -0.33
CA ARG C 108 55.17 -50.07 1.08
C ARG C 108 56.47 -49.61 1.80
N ILE C 109 57.45 -49.10 1.06
CA ILE C 109 58.71 -48.68 1.63
C ILE C 109 59.08 -47.32 1.01
N ASN C 110 59.72 -46.42 1.77
CA ASN C 110 60.14 -45.14 1.22
C ASN C 110 61.63 -44.93 1.29
N HIS C 111 62.34 -45.88 1.89
CA HIS C 111 63.76 -45.69 2.07
C HIS C 111 64.59 -46.95 2.40
N PHE C 112 65.59 -47.23 1.58
CA PHE C 112 66.53 -48.32 1.81
C PHE C 112 67.84 -47.74 2.22
N GLU C 113 68.61 -48.47 3.00
CA GLU C 113 69.98 -48.02 3.23
C GLU C 113 70.87 -49.21 2.95
N LYS C 114 71.54 -49.15 1.79
CA LYS C 114 72.39 -50.23 1.34
C LYS C 114 73.50 -50.45 2.36
N ILE C 115 73.71 -51.66 2.85
CA ILE C 115 74.88 -51.85 3.69
C ILE C 115 75.64 -53.07 3.25
N GLN C 116 76.96 -53.11 3.40
CA GLN C 116 77.73 -54.24 2.92
C GLN C 116 77.86 -55.31 3.98
N ILE C 117 77.29 -56.48 3.74
CA ILE C 117 77.20 -57.47 4.78
C ILE C 117 78.19 -58.62 4.63
N ILE C 118 78.84 -58.73 3.46
CA ILE C 118 79.96 -59.66 3.29
C ILE C 118 80.93 -59.10 2.28
N PRO C 119 82.05 -58.56 2.79
CA PRO C 119 83.08 -57.94 1.94
C PRO C 119 83.63 -58.86 0.84
N LYS C 120 83.85 -58.31 -0.35
CA LYS C 120 84.42 -59.09 -1.45
C LYS C 120 85.80 -59.63 -1.03
N SER C 121 86.46 -58.90 -0.14
CA SER C 121 87.74 -59.28 0.45
C SER C 121 87.66 -60.52 1.33
N SER C 122 86.48 -60.81 1.84
CA SER C 122 86.42 -61.80 2.88
C SER C 122 86.52 -63.22 2.36
N TRP C 123 86.65 -63.38 1.05
CA TRP C 123 86.64 -64.69 0.45
C TRP C 123 88.04 -65.24 0.24
N SER C 124 88.55 -65.91 1.25
CA SER C 124 89.96 -66.35 1.23
C SER C 124 90.22 -67.52 0.28
N ASP C 125 89.30 -68.49 0.21
CA ASP C 125 89.62 -69.72 -0.49
C ASP C 125 88.92 -69.89 -1.82
N HIS C 126 88.24 -68.84 -2.26
CA HIS C 126 87.67 -68.78 -3.61
C HIS C 126 88.06 -67.47 -4.32
N GLU C 127 88.01 -67.48 -5.65
CA GLU C 127 88.22 -66.23 -6.35
C GLU C 127 86.95 -65.42 -6.29
N ALA C 128 87.04 -64.12 -6.00
CA ALA C 128 85.86 -63.27 -6.02
C ALA C 128 85.96 -62.09 -6.94
N SER C 129 86.82 -62.16 -7.95
CA SER C 129 87.10 -61.00 -8.81
C SER C 129 87.09 -61.30 -10.32
N SER C 130 86.59 -62.48 -10.66
CA SER C 130 86.75 -63.00 -11.98
C SER C 130 85.40 -63.49 -12.44
N GLY C 131 84.38 -62.97 -11.78
CA GLY C 131 83.04 -63.47 -11.98
C GLY C 131 82.31 -62.37 -12.63
N VAL C 132 82.41 -62.41 -13.94
CA VAL C 132 82.07 -61.31 -14.80
C VAL C 132 81.61 -61.88 -16.14
N SER C 133 80.64 -61.24 -16.81
CA SER C 133 80.28 -61.61 -18.19
C SER C 133 80.33 -60.47 -19.14
N SER C 134 80.21 -60.81 -20.42
CA SER C 134 80.07 -59.84 -21.48
C SER C 134 78.61 -59.49 -21.67
N ALA C 135 77.76 -60.10 -20.88
CA ALA C 135 76.33 -59.86 -21.00
C ALA C 135 75.99 -58.72 -20.09
N CYS C 136 76.93 -58.44 -19.19
CA CYS C 136 76.82 -57.39 -18.17
C CYS C 136 78.00 -56.47 -18.32
N PRO C 137 78.08 -55.79 -19.46
CA PRO C 137 79.27 -54.99 -19.70
C PRO C 137 79.23 -53.73 -18.88
N TYR C 138 80.36 -53.35 -18.31
CA TYR C 138 80.46 -52.00 -17.75
C TYR C 138 81.53 -51.27 -18.50
N LEU C 139 81.15 -50.26 -19.26
CA LEU C 139 82.13 -49.52 -20.08
C LEU C 139 82.99 -50.42 -20.97
N GLY C 140 82.31 -51.39 -21.60
CA GLY C 140 82.92 -52.27 -22.59
C GLY C 140 83.53 -53.51 -22.00
N SER C 141 84.12 -53.33 -20.80
CA SER C 141 84.69 -54.43 -20.04
C SER C 141 83.66 -55.32 -19.34
N PRO C 142 83.82 -56.63 -19.45
CA PRO C 142 82.94 -57.64 -18.81
C PRO C 142 82.70 -57.35 -17.35
N SER C 143 81.46 -57.14 -16.94
CA SER C 143 81.23 -56.81 -15.53
C SER C 143 80.20 -57.75 -14.95
N PHE C 144 79.39 -57.29 -13.99
CA PHE C 144 78.40 -58.15 -13.43
C PHE C 144 77.71 -57.29 -12.47
N PHE C 145 76.57 -57.75 -11.96
CA PHE C 145 75.84 -57.19 -10.82
C PHE C 145 76.78 -56.71 -9.67
N ARG C 146 76.49 -55.58 -9.06
CA ARG C 146 77.38 -55.13 -7.98
C ARG C 146 76.99 -55.71 -6.60
N ASN C 147 75.70 -55.88 -6.36
CA ASN C 147 75.23 -56.20 -5.04
C ASN C 147 75.44 -57.65 -4.73
N VAL C 148 75.45 -58.49 -5.76
CA VAL C 148 75.84 -59.87 -5.55
C VAL C 148 77.21 -60.14 -6.10
N VAL C 149 77.80 -61.29 -5.82
CA VAL C 149 79.17 -61.61 -6.22
C VAL C 149 79.33 -63.08 -6.70
N TRP C 150 79.74 -63.24 -7.95
CA TRP C 150 79.77 -64.55 -8.58
C TRP C 150 81.04 -65.36 -8.26
N LEU C 151 81.17 -65.92 -7.07
CA LEU C 151 82.37 -66.72 -6.67
C LEU C 151 82.66 -67.89 -7.56
N ILE C 152 83.93 -68.13 -7.87
CA ILE C 152 84.33 -69.34 -8.57
C ILE C 152 85.54 -70.02 -7.93
N LYS C 153 85.95 -71.14 -8.51
CA LYS C 153 87.03 -71.93 -7.93
C LYS C 153 88.34 -71.21 -7.89
N LYS C 154 89.17 -71.60 -6.93
CA LYS C 154 90.55 -71.10 -6.78
C LYS C 154 91.55 -72.25 -6.51
N ASN C 155 92.64 -72.27 -7.27
CA ASN C 155 93.59 -73.36 -7.23
C ASN C 155 92.95 -74.69 -7.54
N SER C 156 92.13 -74.68 -8.59
CA SER C 156 91.31 -75.86 -8.88
C SER C 156 90.53 -76.39 -7.69
N ALA C 157 89.85 -75.53 -6.96
CA ALA C 157 89.20 -76.02 -5.75
C ALA C 157 88.13 -75.09 -5.24
N TYR C 158 86.90 -75.62 -5.09
CA TYR C 158 85.83 -74.88 -4.42
C TYR C 158 85.52 -75.63 -3.15
N PRO C 159 86.25 -75.33 -2.06
CA PRO C 159 85.92 -75.92 -0.77
C PRO C 159 84.53 -75.43 -0.36
N THR C 160 83.78 -76.27 0.34
CA THR C 160 82.41 -75.92 0.66
C THR C 160 82.41 -74.69 1.62
N ILE C 161 81.67 -73.66 1.20
CA ILE C 161 81.40 -72.48 1.98
C ILE C 161 80.39 -72.67 3.12
N LYS C 162 80.71 -72.13 4.29
CA LYS C 162 79.73 -71.92 5.36
C LYS C 162 79.79 -70.47 5.83
N LYS C 163 78.94 -69.62 5.30
CA LYS C 163 78.90 -68.24 5.77
C LYS C 163 77.64 -67.99 6.53
N SER C 164 77.77 -67.51 7.74
CA SER C 164 76.57 -67.21 8.51
C SER C 164 76.48 -65.70 8.62
N TYR C 165 75.30 -65.18 8.92
CA TYR C 165 75.15 -63.75 9.01
C TYR C 165 74.00 -63.23 9.90
N ASN C 166 74.32 -62.43 10.93
CA ASN C 166 73.35 -62.11 11.98
C ASN C 166 72.90 -60.66 11.92
N ASN C 167 71.64 -60.42 11.62
CA ASN C 167 71.11 -59.05 11.47
C ASN C 167 70.92 -58.38 12.79
N THR C 168 71.88 -57.56 13.15
CA THR C 168 71.91 -56.93 14.44
C THR C 168 71.43 -55.50 14.41
N ASN C 169 70.62 -55.17 13.39
CA ASN C 169 70.09 -53.83 13.25
C ASN C 169 68.70 -53.76 13.80
N GLN C 170 68.10 -52.59 13.77
CA GLN C 170 66.78 -52.44 14.35
C GLN C 170 65.80 -52.70 13.24
N GLU C 171 66.31 -52.84 12.02
CA GLU C 171 65.48 -52.90 10.82
C GLU C 171 65.59 -54.23 10.15
N ASP C 172 64.53 -54.59 9.43
CA ASP C 172 64.57 -55.71 8.53
C ASP C 172 65.59 -55.43 7.40
N LEU C 173 66.41 -56.43 7.09
CA LEU C 173 67.19 -56.51 5.87
C LEU C 173 66.44 -57.17 4.69
N LEU C 174 66.44 -56.52 3.53
CA LEU C 174 66.21 -57.26 2.28
C LEU C 174 67.56 -57.83 1.82
N VAL C 175 67.64 -59.14 1.65
CA VAL C 175 68.90 -59.82 1.30
C VAL C 175 68.69 -60.64 0.03
N LEU C 176 69.57 -60.45 -0.95
CA LEU C 176 69.45 -61.12 -2.24
C LEU C 176 70.63 -62.04 -2.47
N TRP C 177 70.38 -63.17 -3.14
CA TRP C 177 71.42 -64.09 -3.55
C TRP C 177 70.96 -64.80 -4.80
N GLY C 178 71.79 -65.70 -5.33
CA GLY C 178 71.43 -66.46 -6.50
C GLY C 178 72.21 -67.73 -6.74
N ILE C 179 71.76 -68.47 -7.72
CA ILE C 179 72.46 -69.64 -8.15
C ILE C 179 72.76 -69.46 -9.63
N HIS C 180 73.85 -70.05 -10.07
CA HIS C 180 74.20 -70.04 -11.48
C HIS C 180 73.89 -71.38 -12.08
N HIS C 181 73.12 -71.39 -13.17
CA HIS C 181 72.81 -72.61 -13.89
C HIS C 181 73.62 -72.65 -15.13
N PRO C 182 74.66 -73.48 -15.13
CA PRO C 182 75.56 -73.77 -16.24
C PRO C 182 74.87 -74.33 -17.50
N ASN C 183 75.64 -74.27 -18.57
CA ASN C 183 75.20 -74.75 -19.85
C ASN C 183 75.53 -76.23 -20.09
N ASP C 184 76.61 -76.72 -19.47
CA ASP C 184 77.03 -78.14 -19.55
C ASP C 184 78.05 -78.55 -18.48
N ALA C 185 78.31 -79.84 -18.40
CA ALA C 185 79.14 -80.39 -17.34
C ALA C 185 80.57 -79.87 -17.38
N ALA C 186 81.02 -79.64 -18.60
CA ALA C 186 82.34 -79.03 -18.82
C ALA C 186 82.40 -77.65 -18.15
N GLU C 187 81.40 -76.80 -18.40
CA GLU C 187 81.35 -75.48 -17.81
C GLU C 187 81.32 -75.57 -16.29
N GLN C 188 80.54 -76.52 -15.77
CA GLN C 188 80.41 -76.67 -14.34
C GLN C 188 81.72 -77.03 -13.68
N THR C 189 82.53 -77.89 -14.29
CA THR C 189 83.85 -78.15 -13.66
C THR C 189 84.83 -76.98 -13.87
N ARG C 190 84.79 -76.39 -15.06
CA ARG C 190 85.68 -75.26 -15.36
C ARG C 190 85.53 -74.18 -14.27
N LEU C 191 84.29 -74.03 -13.81
CA LEU C 191 83.93 -72.96 -12.91
C LEU C 191 84.03 -73.35 -11.44
N TYR C 192 83.67 -74.58 -11.09
CA TYR C 192 83.56 -74.94 -9.68
C TYR C 192 84.14 -76.31 -9.28
N GLN C 193 85.01 -76.86 -10.11
CA GLN C 193 85.49 -78.25 -9.93
C GLN C 193 84.41 -79.33 -9.65
N ASN C 194 83.77 -79.27 -8.49
CA ASN C 194 82.93 -80.36 -8.07
C ASN C 194 81.76 -80.50 -8.99
N PRO C 195 81.55 -81.71 -9.56
CA PRO C 195 80.55 -81.94 -10.60
C PRO C 195 79.14 -81.81 -10.08
N THR C 196 78.96 -82.09 -8.80
CA THR C 196 77.62 -82.17 -8.20
C THR C 196 77.55 -81.19 -7.02
N THR C 197 76.65 -80.19 -7.12
CA THR C 197 76.66 -79.12 -6.10
C THR C 197 75.32 -78.71 -5.53
N TYR C 198 75.36 -77.80 -4.58
CA TYR C 198 74.14 -77.30 -3.97
C TYR C 198 74.39 -75.95 -3.25
N ILE C 199 73.30 -75.27 -2.92
CA ILE C 199 73.31 -74.13 -2.01
C ILE C 199 72.17 -74.26 -1.00
N SER C 200 72.46 -74.61 0.25
CA SER C 200 71.42 -74.52 1.25
C SER C 200 71.44 -73.15 1.95
N ILE C 201 70.25 -72.67 2.29
CA ILE C 201 70.04 -71.37 2.93
C ILE C 201 68.96 -71.45 3.99
N GLY C 202 69.34 -71.18 5.24
CA GLY C 202 68.37 -71.13 6.34
C GLY C 202 68.30 -69.86 7.19
N THR C 203 67.08 -69.48 7.56
CA THR C 203 66.86 -68.50 8.63
C THR C 203 65.99 -69.14 9.71
N SER C 204 65.18 -68.34 10.42
CA SER C 204 64.17 -68.87 11.34
C SER C 204 63.02 -69.49 10.58
N THR C 205 62.88 -69.06 9.33
CA THR C 205 61.69 -69.23 8.54
C THR C 205 62.01 -69.89 7.22
N LEU C 206 63.19 -69.62 6.67
CA LEU C 206 63.50 -70.06 5.36
C LEU C 206 64.33 -71.30 5.51
N ASN C 207 63.94 -72.38 4.84
CA ASN C 207 64.77 -73.57 4.81
C ASN C 207 64.90 -74.10 3.38
N GLN C 208 65.70 -73.46 2.51
CA GLN C 208 65.82 -74.03 1.17
C GLN C 208 67.15 -74.69 0.80
N ARG C 209 67.10 -75.52 -0.25
CA ARG C 209 68.29 -76.19 -0.79
C ARG C 209 68.22 -76.13 -2.29
N LEU C 210 69.17 -75.47 -2.94
CA LEU C 210 69.09 -75.26 -4.37
C LEU C 210 70.12 -76.14 -5.05
N VAL C 211 69.69 -76.87 -6.08
CA VAL C 211 70.68 -77.50 -6.98
C VAL C 211 70.58 -76.91 -8.41
N PRO C 212 71.72 -76.65 -9.02
CA PRO C 212 71.71 -75.99 -10.33
C PRO C 212 71.32 -76.98 -11.38
N LYS C 213 70.60 -76.48 -12.37
CA LYS C 213 70.12 -77.27 -13.47
C LYS C 213 71.04 -77.07 -14.66
N ILE C 214 71.91 -78.05 -14.91
CA ILE C 214 72.73 -78.07 -16.13
C ILE C 214 71.95 -78.58 -17.35
N ALA C 215 72.01 -77.88 -18.47
CA ALA C 215 70.99 -78.02 -19.54
C ALA C 215 71.24 -77.08 -20.75
N THR C 216 70.96 -77.57 -21.94
CA THR C 216 71.07 -76.73 -23.11
C THR C 216 69.84 -75.84 -23.29
N ARG C 217 70.07 -74.53 -23.41
CA ARG C 217 68.98 -73.57 -23.63
C ARG C 217 69.28 -72.65 -24.77
N SER C 218 68.26 -72.01 -25.30
CA SER C 218 68.48 -71.04 -26.36
C SER C 218 69.38 -69.90 -25.85
N LYS C 219 69.98 -69.15 -26.76
CA LYS C 219 70.78 -68.02 -26.37
C LYS C 219 69.91 -66.80 -26.06
N VAL C 220 70.21 -66.17 -24.93
CA VAL C 220 69.72 -64.86 -24.63
C VAL C 220 70.94 -64.01 -24.27
N ASN C 221 71.02 -62.78 -24.81
CA ASN C 221 72.16 -61.93 -24.56
C ASN C 221 73.49 -62.64 -24.81
N GLY C 222 73.49 -63.65 -25.67
CA GLY C 222 74.74 -64.32 -25.98
C GLY C 222 74.90 -65.61 -25.24
N LEU C 223 74.10 -65.84 -24.19
CA LEU C 223 74.31 -67.02 -23.31
C LEU C 223 73.19 -68.01 -23.22
N SER C 224 73.58 -69.26 -23.04
CA SER C 224 72.63 -70.32 -22.77
C SER C 224 72.56 -70.65 -21.25
N SER C 225 73.52 -70.06 -20.51
CA SER C 225 73.60 -70.11 -19.06
C SER C 225 72.53 -69.21 -18.46
N ARG C 226 72.12 -69.58 -17.26
CA ARG C 226 71.12 -68.78 -16.57
C ARG C 226 71.56 -68.38 -15.16
N MET C 227 71.05 -67.27 -14.66
CA MET C 227 71.23 -66.90 -13.26
C MET C 227 69.85 -66.71 -12.65
N GLU C 228 69.66 -67.34 -11.50
CA GLU C 228 68.36 -67.34 -10.87
C GLU C 228 68.54 -66.71 -9.52
N PHE C 229 67.73 -65.70 -9.22
CA PHE C 229 67.88 -64.92 -8.00
C PHE C 229 66.77 -65.17 -7.04
N PHE C 230 67.14 -65.18 -5.75
CA PHE C 230 66.22 -65.36 -4.65
C PHE C 230 66.40 -64.24 -3.68
N TRP C 231 65.35 -63.95 -2.92
CA TRP C 231 65.45 -62.94 -1.86
C TRP C 231 64.80 -63.33 -0.55
N THR C 232 65.15 -62.65 0.52
CA THR C 232 64.46 -62.84 1.78
C THR C 232 64.44 -61.59 2.63
N ILE C 233 63.57 -61.56 3.62
CA ILE C 233 63.62 -60.50 4.63
C ILE C 233 64.15 -60.99 5.98
N LEU C 234 65.33 -60.53 6.34
CA LEU C 234 65.91 -60.88 7.63
C LEU C 234 65.35 -60.01 8.74
N LYS C 235 64.74 -60.66 9.72
CA LYS C 235 64.23 -59.98 10.91
C LYS C 235 65.38 -59.54 11.83
N PRO C 236 65.19 -58.39 12.47
CA PRO C 236 66.19 -57.91 13.41
C PRO C 236 66.43 -58.97 14.52
N ASN C 237 67.70 -59.37 14.58
CA ASN C 237 68.28 -60.35 15.49
C ASN C 237 68.31 -61.76 14.99
N ASP C 238 67.86 -61.99 13.75
CA ASP C 238 67.91 -63.34 13.19
C ASP C 238 69.12 -63.47 12.28
N ALA C 239 69.63 -64.67 12.10
CA ALA C 239 70.72 -64.95 11.18
C ALA C 239 70.32 -65.71 9.87
N ILE C 240 71.06 -65.44 8.80
CA ILE C 240 70.95 -66.19 7.57
C ILE C 240 72.21 -67.06 7.36
N ASN C 241 72.03 -68.35 7.10
CA ASN C 241 73.17 -69.26 6.96
C ASN C 241 73.18 -69.86 5.58
N PHE C 242 74.38 -69.87 5.00
CA PHE C 242 74.60 -70.20 3.64
C PHE C 242 75.60 -71.28 3.68
N GLU C 243 75.35 -72.37 2.97
CA GLU C 243 76.38 -73.39 2.82
C GLU C 243 76.30 -73.87 1.38
N SER C 244 77.45 -73.89 0.71
CA SER C 244 77.45 -74.28 -0.71
C SER C 244 78.79 -74.79 -1.23
N ASN C 245 78.78 -75.62 -2.26
CA ASN C 245 80.01 -76.14 -2.78
C ASN C 245 80.17 -75.86 -4.26
N GLY C 246 79.47 -74.82 -4.75
CA GLY C 246 79.56 -74.37 -6.13
C GLY C 246 78.30 -73.60 -6.51
N ASN C 247 78.31 -72.96 -7.67
CA ASN C 247 77.20 -72.25 -8.27
C ASN C 247 76.50 -71.17 -7.49
N PHE C 248 77.21 -70.56 -6.57
CA PHE C 248 76.59 -69.69 -5.54
C PHE C 248 76.96 -68.25 -5.77
N ILE C 249 75.98 -67.45 -6.12
CA ILE C 249 76.21 -66.06 -6.39
C ILE C 249 75.92 -65.43 -5.06
N ALA C 250 76.94 -65.23 -4.20
CA ALA C 250 76.77 -64.78 -2.78
C ALA C 250 76.32 -63.31 -2.66
N PRO C 251 75.59 -62.95 -1.61
CA PRO C 251 75.37 -61.51 -1.42
C PRO C 251 76.63 -60.71 -1.06
N GLU C 252 76.63 -59.40 -1.33
CA GLU C 252 77.67 -58.56 -0.80
C GLU C 252 77.06 -57.33 -0.12
N TYR C 253 76.06 -56.73 -0.75
CA TYR C 253 75.32 -55.60 -0.12
C TYR C 253 73.89 -56.00 0.03
N ALA C 254 73.29 -55.59 1.13
CA ALA C 254 71.89 -55.84 1.40
C ALA C 254 71.18 -54.49 1.59
N TYR C 255 69.90 -54.47 1.89
CA TYR C 255 69.26 -53.18 2.14
C TYR C 255 68.56 -53.16 3.47
N LYS C 256 68.82 -52.14 4.30
CA LYS C 256 68.02 -51.97 5.51
C LYS C 256 66.79 -51.23 5.09
N ILE C 257 65.65 -51.60 5.61
CA ILE C 257 64.42 -50.90 5.31
C ILE C 257 64.16 -49.89 6.41
N VAL C 258 64.50 -48.63 6.18
CA VAL C 258 64.48 -47.70 7.29
C VAL C 258 63.30 -46.76 7.19
N LYS C 259 62.40 -46.97 6.24
CA LYS C 259 61.18 -46.17 6.22
C LYS C 259 60.09 -46.84 5.45
N LYS C 260 59.29 -47.65 6.15
CA LYS C 260 58.09 -48.16 5.56
C LYS C 260 57.06 -47.03 5.62
N GLY C 261 56.07 -47.09 4.77
CA GLY C 261 55.22 -45.96 4.58
C GLY C 261 54.40 -46.23 3.34
N ASP C 262 53.68 -45.21 2.91
CA ASP C 262 52.77 -45.34 1.77
C ASP C 262 53.44 -44.93 0.48
N SER C 263 53.61 -45.89 -0.41
CA SER C 263 54.20 -45.55 -1.68
C SER C 263 53.49 -46.27 -2.82
N ALA C 264 54.10 -46.23 -4.00
CA ALA C 264 53.50 -46.81 -5.18
C ALA C 264 54.58 -47.06 -6.20
N ILE C 265 54.37 -48.04 -7.06
CA ILE C 265 55.16 -48.15 -8.27
C ILE C 265 54.34 -47.75 -9.49
N MET C 266 54.71 -46.61 -10.06
CA MET C 266 54.03 -46.06 -11.23
C MET C 266 54.75 -46.48 -12.49
N LYS C 267 53.98 -47.02 -13.43
CA LYS C 267 54.51 -47.23 -14.75
C LYS C 267 54.27 -45.94 -15.50
N SER C 268 55.34 -45.32 -15.97
CA SER C 268 55.25 -44.13 -16.79
C SER C 268 56.49 -43.89 -17.66
N GLU C 269 56.24 -43.37 -18.85
CA GLU C 269 57.34 -43.04 -19.75
C GLU C 269 57.97 -41.70 -19.44
N LEU C 270 57.28 -40.91 -18.61
CA LEU C 270 57.73 -39.55 -18.26
C LEU C 270 59.01 -39.50 -17.43
N GLU C 271 59.52 -38.28 -17.30
CA GLU C 271 60.73 -38.10 -16.59
C GLU C 271 60.51 -37.04 -15.54
N TYR C 272 61.50 -36.85 -14.69
CA TYR C 272 61.41 -35.84 -13.67
C TYR C 272 61.02 -34.47 -14.22
N GLY C 273 59.85 -34.00 -13.80
CA GLY C 273 59.50 -32.60 -13.89
C GLY C 273 60.26 -32.01 -12.73
N ASN C 274 60.26 -30.70 -12.55
CA ASN C 274 61.02 -30.24 -11.40
C ASN C 274 60.15 -29.44 -10.47
N CYS C 275 59.04 -30.02 -10.08
CA CYS C 275 58.01 -29.27 -9.40
C CYS C 275 57.60 -29.95 -8.13
N ASN C 276 56.48 -29.50 -7.56
CA ASN C 276 55.94 -30.04 -6.31
C ASN C 276 54.39 -30.12 -6.38
N THR C 277 53.81 -31.20 -5.84
CA THR C 277 52.35 -31.40 -5.85
C THR C 277 51.93 -32.10 -4.61
N LYS C 278 50.62 -32.23 -4.44
CA LYS C 278 50.04 -33.03 -3.37
C LYS C 278 49.31 -34.22 -3.98
N CYS C 279 49.30 -34.31 -5.31
CA CYS C 279 48.60 -35.39 -5.98
C CYS C 279 49.15 -35.64 -7.38
N GLN C 280 49.61 -36.88 -7.60
CA GLN C 280 50.34 -37.31 -8.78
C GLN C 280 49.67 -38.49 -9.46
N THR C 281 49.50 -38.41 -10.79
CA THR C 281 49.10 -39.54 -11.65
C THR C 281 50.21 -39.82 -12.66
N PRO C 282 50.17 -40.94 -13.40
CA PRO C 282 51.36 -41.18 -14.22
C PRO C 282 51.41 -40.33 -15.49
N MET C 283 50.34 -39.59 -15.81
CA MET C 283 50.42 -38.68 -16.97
C MET C 283 50.65 -37.24 -16.66
N GLY C 284 50.72 -36.95 -15.36
CA GLY C 284 51.09 -35.63 -14.82
C GLY C 284 50.53 -35.39 -13.42
N ALA C 285 50.78 -34.23 -12.82
CA ALA C 285 50.25 -33.97 -11.48
C ALA C 285 48.97 -33.11 -11.47
N ILE C 286 48.25 -33.13 -10.35
CA ILE C 286 47.02 -32.34 -10.24
C ILE C 286 47.03 -31.35 -9.09
N ASN C 287 46.76 -30.06 -9.41
CA ASN C 287 46.54 -29.00 -8.41
C ASN C 287 45.12 -28.52 -8.55
N SER C 288 44.24 -29.04 -7.70
CA SER C 288 42.82 -28.79 -7.85
C SER C 288 42.07 -29.06 -6.55
N SER C 289 40.99 -28.33 -6.35
CA SER C 289 40.21 -28.39 -5.11
C SER C 289 38.98 -29.22 -5.39
N MET C 290 38.73 -29.46 -6.68
CA MET C 290 37.62 -30.25 -7.17
C MET C 290 37.52 -31.55 -6.41
N PRO C 291 36.30 -32.04 -6.20
CA PRO C 291 36.17 -33.31 -5.49
C PRO C 291 36.35 -34.51 -6.43
N PHE C 292 36.20 -34.32 -7.74
CA PHE C 292 36.42 -35.40 -8.69
C PHE C 292 37.46 -35.11 -9.77
N HIS C 293 38.05 -36.18 -10.32
CA HIS C 293 38.86 -36.09 -11.55
C HIS C 293 38.69 -37.31 -12.44
N ASN C 294 38.94 -37.12 -13.73
CA ASN C 294 38.84 -38.18 -14.72
C ASN C 294 40.14 -38.40 -15.50
N ILE C 295 41.27 -38.16 -14.85
CA ILE C 295 42.56 -38.27 -15.51
C ILE C 295 43.06 -39.74 -15.61
N HIS C 296 43.22 -40.41 -14.47
CA HIS C 296 43.79 -41.74 -14.48
C HIS C 296 43.59 -42.39 -13.10
N PRO C 297 43.12 -43.64 -13.06
CA PRO C 297 42.78 -44.32 -11.80
C PRO C 297 43.94 -44.50 -10.78
N LEU C 298 45.17 -44.72 -11.25
CA LEU C 298 46.29 -44.88 -10.32
C LEU C 298 46.91 -43.51 -9.96
N THR C 299 47.00 -43.26 -8.67
CA THR C 299 47.04 -41.92 -8.16
C THR C 299 47.75 -42.05 -6.83
N ILE C 300 48.46 -41.03 -6.42
CA ILE C 300 49.08 -41.07 -5.11
C ILE C 300 49.08 -39.66 -4.57
N GLY C 301 48.90 -39.50 -3.26
CA GLY C 301 48.78 -38.20 -2.62
C GLY C 301 47.35 -37.84 -2.27
N GLU C 302 47.14 -36.63 -1.79
CA GLU C 302 45.80 -36.13 -1.44
C GLU C 302 44.98 -35.83 -2.70
N CYS C 303 44.13 -36.77 -3.09
CA CYS C 303 43.60 -36.79 -4.44
C CYS C 303 42.10 -36.73 -4.55
N PRO C 304 41.59 -35.88 -5.44
CA PRO C 304 40.23 -35.96 -5.99
C PRO C 304 39.89 -37.41 -6.33
N LYS C 305 38.62 -37.76 -6.33
CA LYS C 305 38.24 -39.14 -6.50
C LYS C 305 38.07 -39.45 -7.97
N TYR C 306 38.77 -40.47 -8.46
CA TYR C 306 38.74 -40.78 -9.89
C TYR C 306 37.39 -41.25 -10.36
N VAL C 307 37.04 -40.84 -11.57
CA VAL C 307 35.72 -41.03 -12.17
C VAL C 307 35.89 -41.10 -13.68
N LYS C 308 35.08 -41.93 -14.33
CA LYS C 308 35.31 -42.18 -15.75
C LYS C 308 34.64 -41.21 -16.67
N SER C 309 33.82 -40.30 -16.13
CA SER C 309 33.08 -39.31 -16.96
C SER C 309 33.96 -38.21 -17.51
N ASN C 310 33.52 -37.58 -18.60
CA ASN C 310 34.27 -36.46 -19.13
C ASN C 310 33.55 -35.15 -18.85
N ARG C 311 32.43 -35.25 -18.14
CA ARG C 311 31.59 -34.08 -17.83
C ARG C 311 30.69 -34.25 -16.59
N LEU C 312 31.00 -33.50 -15.54
CA LEU C 312 30.10 -33.44 -14.39
C LEU C 312 29.86 -31.99 -13.95
N VAL C 313 28.69 -31.47 -14.31
CA VAL C 313 28.31 -30.13 -13.88
C VAL C 313 27.04 -30.13 -13.03
N LEU C 314 27.14 -29.48 -11.88
CA LEU C 314 26.08 -29.41 -10.88
C LEU C 314 25.33 -28.08 -10.98
N ALA C 315 24.00 -28.12 -11.09
CA ALA C 315 23.21 -26.89 -11.15
C ALA C 315 23.18 -26.16 -9.80
N THR C 316 23.53 -24.88 -9.79
CA THR C 316 23.28 -24.04 -8.64
C THR C 316 22.08 -23.08 -8.87
N GLY C 317 22.07 -22.40 -10.02
CA GLY C 317 21.04 -21.39 -10.28
C GLY C 317 19.70 -21.96 -10.73
N LEU C 318 18.98 -21.22 -11.60
CA LEU C 318 17.75 -21.75 -12.18
C LEU C 318 17.74 -21.63 -13.69
N ARG C 319 16.65 -22.05 -14.32
CA ARG C 319 16.52 -21.99 -15.78
C ARG C 319 16.72 -20.59 -16.37
N ASN C 320 17.39 -20.51 -17.50
CA ASN C 320 17.60 -19.21 -18.13
C ASN C 320 17.15 -19.27 -19.61
N SER C 321 16.65 -18.16 -20.17
CA SER C 321 16.16 -18.20 -21.57
C SER C 321 16.46 -16.98 -22.47
N GLY D 1 8.69 -26.45 -16.09
CA GLY D 1 8.06 -26.17 -14.81
C GLY D 1 7.28 -27.35 -14.31
N LEU D 2 7.76 -27.99 -13.25
CA LEU D 2 7.03 -29.10 -12.67
C LEU D 2 6.00 -28.48 -11.76
N PHE D 3 6.37 -27.34 -11.18
CA PHE D 3 5.44 -26.64 -10.32
C PHE D 3 4.70 -25.58 -11.11
N GLY D 4 5.03 -25.46 -12.39
CA GLY D 4 4.28 -24.61 -13.30
C GLY D 4 4.54 -23.11 -13.17
N ALA D 5 5.29 -22.71 -12.15
CA ALA D 5 5.69 -21.32 -11.97
C ALA D 5 6.73 -20.90 -13.01
N ILE D 6 8.00 -21.27 -12.77
CA ILE D 6 9.09 -20.87 -13.66
C ILE D 6 8.88 -21.40 -15.07
N ALA D 7 9.05 -20.50 -16.04
CA ALA D 7 8.75 -20.75 -17.46
C ALA D 7 7.35 -21.39 -17.72
N GLY D 8 6.50 -21.35 -16.70
CA GLY D 8 5.14 -21.87 -16.80
C GLY D 8 4.18 -20.71 -17.00
N PHE D 9 3.77 -20.07 -15.91
CA PHE D 9 2.83 -18.94 -16.00
C PHE D 9 3.53 -17.60 -16.00
N ILE D 10 4.58 -17.45 -15.21
CA ILE D 10 5.51 -16.36 -15.45
C ILE D 10 6.27 -16.73 -16.73
N GLU D 11 6.48 -15.76 -17.62
CA GLU D 11 7.07 -16.04 -18.93
C GLU D 11 8.56 -16.22 -18.84
N GLY D 12 9.31 -15.11 -18.78
CA GLY D 12 10.76 -15.17 -18.70
C GLY D 12 11.30 -14.94 -17.29
N GLY D 13 12.55 -14.54 -17.21
CA GLY D 13 13.15 -14.17 -15.93
C GLY D 13 13.59 -12.73 -15.97
N TRP D 14 13.79 -12.14 -14.79
CA TRP D 14 14.07 -10.72 -14.70
C TRP D 14 15.54 -10.39 -14.73
N GLN D 15 16.04 -10.12 -15.92
CA GLN D 15 17.41 -9.71 -16.15
C GLN D 15 17.80 -8.61 -15.16
N GLY D 16 16.86 -7.69 -14.93
CA GLY D 16 17.09 -6.57 -14.06
C GLY D 16 17.37 -6.95 -12.61
N MET D 17 16.88 -8.10 -12.18
CA MET D 17 17.04 -8.44 -10.79
C MET D 17 18.44 -8.97 -10.49
N VAL D 18 19.21 -8.20 -9.74
CA VAL D 18 20.61 -8.55 -9.48
C VAL D 18 20.87 -8.66 -7.97
N ASP D 19 19.87 -9.09 -7.23
CA ASP D 19 19.99 -9.05 -5.76
C ASP D 19 19.69 -10.36 -5.05
N GLY D 20 19.07 -11.29 -5.78
CA GLY D 20 18.74 -12.57 -5.21
C GLY D 20 18.17 -13.42 -6.31
N TRP D 21 17.77 -14.64 -5.96
CA TRP D 21 17.18 -15.48 -6.98
C TRP D 21 15.79 -14.97 -7.31
N TYR D 22 14.91 -14.89 -6.31
CA TYR D 22 13.57 -14.40 -6.57
C TYR D 22 13.24 -13.05 -5.94
N GLY D 23 12.13 -12.45 -6.39
CA GLY D 23 11.70 -11.16 -5.89
C GLY D 23 10.53 -10.51 -6.62
N TYR D 24 10.55 -9.18 -6.68
CA TYR D 24 9.43 -8.39 -7.16
C TYR D 24 9.86 -7.28 -8.09
N HIS D 25 8.91 -6.86 -8.92
CA HIS D 25 8.99 -5.59 -9.66
C HIS D 25 7.69 -4.83 -9.42
N HIS D 26 7.79 -3.59 -8.95
CA HIS D 26 6.59 -2.80 -8.68
C HIS D 26 6.47 -1.57 -9.57
N SER D 27 5.22 -1.16 -9.82
CA SER D 27 4.88 -0.20 -10.87
C SER D 27 3.86 0.82 -10.31
N ASN D 28 4.32 1.56 -9.28
CA ASN D 28 3.59 2.64 -8.60
C ASN D 28 4.07 4.11 -8.89
N GLU D 29 3.60 5.06 -8.08
CA GLU D 29 3.73 6.51 -8.36
C GLU D 29 5.01 7.23 -7.85
N GLN D 30 5.56 6.78 -6.73
CA GLN D 30 6.79 7.39 -6.22
C GLN D 30 8.02 6.79 -6.89
N GLY D 31 7.84 5.56 -7.37
CA GLY D 31 8.90 4.82 -8.01
C GLY D 31 8.43 3.49 -8.60
N SER D 32 9.35 2.82 -9.29
CA SER D 32 9.14 1.48 -9.85
C SER D 32 10.50 0.83 -9.89
N GLY D 33 10.55 -0.51 -9.85
CA GLY D 33 11.79 -1.16 -9.43
C GLY D 33 11.74 -2.61 -8.95
N TYR D 34 12.87 -3.10 -8.43
CA TYR D 34 13.06 -4.52 -8.07
C TYR D 34 13.53 -4.73 -6.65
N ALA D 35 12.99 -5.77 -6.01
CA ALA D 35 13.50 -6.18 -4.69
C ALA D 35 13.59 -7.71 -4.61
N ALA D 36 14.42 -8.25 -3.72
CA ALA D 36 14.52 -9.70 -3.65
C ALA D 36 14.19 -10.20 -2.24
N ASP D 37 13.48 -11.32 -2.14
CA ASP D 37 13.07 -11.81 -0.82
C ASP D 37 14.21 -12.52 -0.07
N LYS D 38 14.74 -11.87 0.96
CA LYS D 38 15.74 -12.47 1.82
C LYS D 38 15.26 -13.82 2.31
N GLU D 39 14.06 -13.86 2.88
CA GLU D 39 13.50 -15.09 3.42
C GLU D 39 13.67 -16.31 2.48
N SER D 40 13.12 -16.20 1.27
CA SER D 40 13.17 -17.31 0.32
C SER D 40 14.55 -17.50 -0.39
N THR D 41 15.15 -16.40 -0.82
CA THR D 41 16.44 -16.51 -1.51
C THR D 41 17.52 -17.09 -0.59
N GLN D 42 17.60 -16.55 0.63
CA GLN D 42 18.50 -17.10 1.63
C GLN D 42 18.20 -18.58 1.93
N LYS D 43 16.92 -18.92 2.11
CA LYS D 43 16.59 -20.34 2.32
C LYS D 43 17.09 -21.24 1.19
N ALA D 44 17.07 -20.72 -0.04
CA ALA D 44 17.56 -21.52 -1.20
C ALA D 44 19.10 -21.66 -1.24
N ILE D 45 19.79 -20.59 -0.90
CA ILE D 45 21.22 -20.67 -0.70
C ILE D 45 21.52 -21.81 0.25
N ASP D 46 20.91 -21.77 1.43
CA ASP D 46 21.14 -22.85 2.40
C ASP D 46 20.82 -24.23 1.81
N GLY D 47 19.78 -24.28 0.97
CA GLY D 47 19.42 -25.49 0.27
C GLY D 47 20.57 -26.05 -0.52
N VAL D 48 20.91 -25.42 -1.64
CA VAL D 48 21.89 -26.03 -2.54
C VAL D 48 23.29 -26.12 -1.94
N THR D 49 23.65 -25.23 -1.04
CA THR D 49 24.94 -25.37 -0.37
C THR D 49 24.94 -26.70 0.39
N ASN D 50 23.85 -26.97 1.11
CA ASN D 50 23.74 -28.27 1.78
C ASN D 50 23.75 -29.45 0.82
N LYS D 51 23.06 -29.31 -0.31
CA LYS D 51 23.06 -30.36 -1.33
C LYS D 51 24.48 -30.69 -1.79
N VAL D 52 25.22 -29.66 -2.20
CA VAL D 52 26.59 -29.85 -2.64
C VAL D 52 27.47 -30.55 -1.61
N ASN D 53 27.49 -30.03 -0.40
CA ASN D 53 28.41 -30.62 0.57
C ASN D 53 27.99 -32.00 1.06
N SER D 54 26.73 -32.37 0.83
CA SER D 54 26.31 -33.74 1.15
C SER D 54 26.60 -34.71 0.01
N ILE D 55 26.62 -34.19 -1.22
CA ILE D 55 27.09 -35.01 -2.31
C ILE D 55 28.60 -35.34 -2.19
N ILE D 56 29.39 -34.26 -2.08
CA ILE D 56 30.81 -34.37 -1.73
C ILE D 56 31.12 -35.27 -0.49
N ASP D 57 30.40 -35.08 0.60
CA ASP D 57 30.59 -35.96 1.78
C ASP D 57 30.15 -37.40 1.58
N LYS D 58 29.12 -37.62 0.75
CA LYS D 58 28.62 -38.98 0.54
C LYS D 58 29.61 -39.84 -0.25
N MET D 59 30.47 -39.14 -1.02
CA MET D 59 31.51 -39.86 -1.76
C MET D 59 32.95 -39.41 -1.39
N ASN D 60 33.31 -39.46 -0.11
CA ASN D 60 34.65 -39.01 0.24
C ASN D 60 35.60 -40.14 0.66
N THR D 61 35.05 -41.25 1.19
CA THR D 61 35.78 -42.52 1.08
C THR D 61 35.06 -43.23 -0.03
N GLN D 62 35.79 -43.54 -1.10
CA GLN D 62 35.20 -44.23 -2.26
C GLN D 62 35.96 -45.54 -2.59
N PHE D 63 36.76 -45.55 -3.64
CA PHE D 63 37.56 -46.72 -3.92
C PHE D 63 38.90 -46.33 -4.48
N GLU D 64 39.97 -46.59 -3.72
CA GLU D 64 41.32 -46.40 -4.19
C GLU D 64 41.75 -47.63 -5.02
N ALA D 65 42.64 -47.43 -5.97
CA ALA D 65 43.12 -48.51 -6.81
C ALA D 65 44.60 -48.76 -6.69
N VAL D 66 45.06 -49.64 -5.78
CA VAL D 66 46.51 -49.94 -5.72
C VAL D 66 47.03 -50.80 -6.92
N GLY D 67 48.26 -50.56 -7.34
CA GLY D 67 48.89 -51.39 -8.35
C GLY D 67 49.46 -52.70 -7.84
N ARG D 68 48.99 -53.78 -8.46
CA ARG D 68 49.53 -55.09 -8.24
C ARG D 68 49.96 -55.62 -9.58
N GLU D 69 51.08 -56.31 -9.64
CA GLU D 69 51.55 -56.80 -10.91
C GLU D 69 51.48 -58.30 -10.86
N PHE D 70 51.22 -58.93 -12.01
CA PHE D 70 51.18 -60.39 -12.02
C PHE D 70 52.10 -60.94 -13.08
N ASN D 71 52.65 -62.12 -12.86
CA ASN D 71 53.46 -62.68 -13.90
C ASN D 71 52.64 -63.43 -14.95
N ASN D 72 53.34 -64.23 -15.72
CA ASN D 72 52.90 -64.76 -17.00
C ASN D 72 52.00 -65.98 -16.84
N LEU D 73 52.13 -66.62 -15.65
CA LEU D 73 51.30 -67.75 -15.32
C LEU D 73 50.27 -67.35 -14.28
N GLU D 74 49.87 -66.10 -14.30
CA GLU D 74 48.95 -65.65 -13.34
C GLU D 74 47.89 -64.85 -14.02
N ARG D 75 47.61 -65.23 -15.26
CA ARG D 75 46.72 -64.43 -16.09
C ARG D 75 45.28 -64.40 -15.56
N ARG D 76 44.85 -65.48 -14.91
CA ARG D 76 43.58 -65.58 -14.21
C ARG D 76 43.43 -64.63 -13.07
N ILE D 77 44.34 -64.61 -12.12
CA ILE D 77 44.16 -63.61 -11.07
C ILE D 77 44.50 -62.26 -11.62
N GLU D 78 45.27 -62.17 -12.69
CA GLU D 78 45.53 -60.82 -13.14
C GLU D 78 44.31 -60.17 -13.74
N ASN D 79 43.59 -60.99 -14.49
CA ASN D 79 42.29 -60.61 -15.02
C ASN D 79 41.27 -60.38 -13.91
N LEU D 80 41.26 -61.23 -12.89
CA LEU D 80 40.38 -61.02 -11.75
C LEU D 80 40.66 -59.64 -11.18
N ASN D 81 41.93 -59.36 -10.87
CA ASN D 81 42.33 -58.04 -10.41
C ASN D 81 41.83 -56.94 -11.28
N LYS D 82 42.05 -57.08 -12.58
CA LYS D 82 41.65 -56.05 -13.54
C LYS D 82 40.16 -55.80 -13.58
N LYS D 83 39.40 -56.85 -13.69
CA LYS D 83 37.98 -56.66 -13.75
C LYS D 83 37.34 -56.27 -12.40
N MET D 84 37.98 -56.54 -11.27
CA MET D 84 37.42 -56.01 -10.10
C MET D 84 37.74 -54.54 -10.00
N GLU D 85 38.97 -54.12 -10.27
CA GLU D 85 39.27 -52.69 -10.21
C GLU D 85 38.43 -51.90 -11.20
N ASP D 86 38.39 -52.38 -12.41
CA ASP D 86 37.56 -51.76 -13.42
C ASP D 86 36.14 -51.68 -12.87
N GLY D 87 35.59 -52.83 -12.47
CA GLY D 87 34.19 -52.93 -12.10
C GLY D 87 33.79 -51.91 -11.07
N PHE D 88 34.61 -51.76 -10.04
CA PHE D 88 34.32 -50.74 -9.02
C PHE D 88 34.32 -49.37 -9.63
N LEU D 89 35.42 -49.05 -10.29
CA LEU D 89 35.57 -47.76 -10.96
C LEU D 89 34.34 -47.46 -11.83
N ASP D 90 33.71 -48.52 -12.36
CA ASP D 90 32.47 -48.33 -13.10
C ASP D 90 31.23 -48.08 -12.24
N VAL D 91 31.06 -48.80 -11.16
CA VAL D 91 29.87 -48.49 -10.38
C VAL D 91 29.97 -47.13 -9.69
N TRP D 92 31.18 -46.71 -9.33
CA TRP D 92 31.31 -45.39 -8.68
C TRP D 92 31.10 -44.26 -9.70
N THR D 93 31.47 -44.54 -10.95
CA THR D 93 31.31 -43.56 -12.03
C THR D 93 29.84 -43.40 -12.38
N TYR D 94 29.14 -44.52 -12.34
CA TYR D 94 27.69 -44.50 -12.50
C TYR D 94 27.10 -43.71 -11.37
N ASN D 95 27.35 -44.14 -10.15
CA ASN D 95 26.82 -43.43 -9.02
C ASN D 95 26.98 -41.94 -9.08
N ALA D 96 28.19 -41.46 -9.36
CA ALA D 96 28.37 -40.01 -9.50
C ALA D 96 27.49 -39.43 -10.60
N GLU D 97 27.49 -40.03 -11.78
CA GLU D 97 26.66 -39.47 -12.87
C GLU D 97 25.13 -39.47 -12.60
N LEU D 98 24.64 -40.59 -12.10
CA LEU D 98 23.26 -40.76 -11.72
C LEU D 98 22.85 -39.73 -10.65
N LEU D 99 23.60 -39.69 -9.56
CA LEU D 99 23.31 -38.78 -8.45
C LEU D 99 23.27 -37.35 -8.96
N VAL D 100 24.22 -36.99 -9.81
CA VAL D 100 24.17 -35.66 -10.39
C VAL D 100 22.88 -35.39 -11.18
N LEU D 101 22.51 -36.26 -12.11
CA LEU D 101 21.29 -36.03 -12.91
C LEU D 101 20.05 -35.84 -12.09
N MET D 102 19.89 -36.73 -11.12
CA MET D 102 18.77 -36.65 -10.22
C MET D 102 18.79 -35.35 -9.42
N GLU D 103 19.91 -35.03 -8.79
CA GLU D 103 19.91 -33.81 -7.99
C GLU D 103 19.76 -32.55 -8.79
N ASN D 104 20.20 -32.58 -10.03
CA ASN D 104 19.94 -31.46 -10.91
C ASN D 104 18.46 -31.24 -11.15
N GLU D 105 17.75 -32.29 -11.53
CA GLU D 105 16.32 -32.12 -11.69
C GLU D 105 15.65 -31.65 -10.39
N ARG D 106 15.86 -32.38 -9.32
CA ARG D 106 15.20 -32.06 -8.06
C ARG D 106 15.55 -30.65 -7.58
N THR D 107 16.65 -30.11 -8.10
CA THR D 107 17.05 -28.74 -7.78
C THR D 107 16.31 -27.69 -8.60
N LEU D 108 16.25 -27.89 -9.92
CA LEU D 108 15.41 -27.02 -10.77
C LEU D 108 13.96 -26.94 -10.24
N ASP D 109 13.40 -28.09 -9.93
CA ASP D 109 12.06 -28.12 -9.36
C ASP D 109 12.01 -27.43 -8.03
N PHE D 110 13.10 -27.47 -7.28
CA PHE D 110 13.21 -26.74 -6.00
C PHE D 110 13.07 -25.22 -6.17
N HIS D 111 13.78 -24.66 -7.13
CA HIS D 111 13.65 -23.22 -7.39
C HIS D 111 12.23 -22.85 -7.87
N ASP D 112 11.72 -23.63 -8.82
CA ASP D 112 10.32 -23.51 -9.25
C ASP D 112 9.37 -23.46 -8.05
N SER D 113 9.42 -24.49 -7.21
CA SER D 113 8.71 -24.51 -5.94
C SER D 113 8.82 -23.17 -5.18
N ASN D 114 10.04 -22.69 -4.97
CA ASN D 114 10.23 -21.44 -4.25
C ASN D 114 9.50 -20.22 -4.88
N VAL D 115 9.49 -20.18 -6.21
CA VAL D 115 8.71 -19.18 -6.91
C VAL D 115 7.21 -19.32 -6.61
N LYS D 116 6.61 -20.43 -7.02
CA LYS D 116 5.18 -20.61 -6.76
C LYS D 116 4.75 -20.41 -5.29
N ASN D 117 5.67 -20.62 -4.36
CA ASN D 117 5.36 -20.40 -2.94
C ASN D 117 5.49 -18.93 -2.53
N LEU D 118 6.30 -18.19 -3.28
CA LEU D 118 6.36 -16.74 -3.09
C LEU D 118 5.10 -16.08 -3.64
N TYR D 119 4.77 -16.44 -4.87
CA TYR D 119 3.55 -15.98 -5.52
C TYR D 119 2.34 -16.27 -4.62
N ASP D 120 2.31 -17.43 -4.00
CA ASP D 120 1.25 -17.72 -3.05
C ASP D 120 1.34 -16.89 -1.76
N LYS D 121 2.55 -16.56 -1.29
CA LYS D 121 2.64 -15.71 -0.10
C LYS D 121 2.00 -14.36 -0.36
N VAL D 122 2.23 -13.78 -1.54
CA VAL D 122 1.62 -12.49 -1.88
C VAL D 122 0.13 -12.61 -2.13
N ARG D 123 -0.24 -13.53 -3.01
CA ARG D 123 -1.63 -13.77 -3.33
C ARG D 123 -2.47 -13.98 -2.06
N LEU D 124 -1.95 -14.74 -1.09
CA LEU D 124 -2.65 -14.97 0.17
C LEU D 124 -2.69 -13.74 1.10
N GLN D 125 -2.31 -12.58 0.58
CA GLN D 125 -2.44 -11.35 1.33
C GLN D 125 -3.39 -10.37 0.63
N LEU D 126 -3.18 -10.19 -0.67
CA LEU D 126 -3.93 -9.21 -1.47
C LEU D 126 -5.30 -9.71 -1.95
N ARG D 127 -5.85 -10.73 -1.30
CA ARG D 127 -7.07 -11.41 -1.73
C ARG D 127 -8.05 -10.59 -2.58
N ASP D 128 -8.65 -9.57 -1.98
CA ASP D 128 -9.67 -8.74 -2.63
C ASP D 128 -9.07 -7.51 -3.27
N ASN D 129 -8.02 -7.00 -2.62
CA ASN D 129 -7.44 -5.69 -2.93
C ASN D 129 -6.57 -5.64 -4.19
N ALA D 130 -6.53 -6.77 -4.89
CA ALA D 130 -5.89 -6.84 -6.18
C ALA D 130 -6.50 -7.95 -7.02
N LYS D 131 -6.27 -7.90 -8.34
CA LYS D 131 -6.69 -8.98 -9.21
C LYS D 131 -5.46 -9.70 -9.81
N GLU D 132 -5.54 -11.04 -9.87
CA GLU D 132 -4.55 -11.86 -10.55
C GLU D 132 -4.60 -11.57 -12.04
N LEU D 133 -3.52 -11.02 -12.57
CA LEU D 133 -3.45 -10.74 -14.00
C LEU D 133 -3.42 -12.02 -14.83
N GLY D 134 -2.42 -12.86 -14.55
CA GLY D 134 -2.28 -14.15 -15.20
C GLY D 134 -0.83 -14.46 -15.52
N ASN D 135 -0.01 -13.43 -15.49
CA ASN D 135 1.39 -13.61 -15.81
C ASN D 135 2.25 -13.29 -14.59
N GLY D 136 1.67 -13.52 -13.42
CA GLY D 136 2.39 -13.46 -12.16
C GLY D 136 2.30 -12.11 -11.49
N CYS D 137 1.37 -11.28 -11.98
CA CYS D 137 1.23 -9.92 -11.49
C CYS D 137 -0.14 -9.65 -10.92
N PHE D 138 -0.17 -8.70 -9.99
CA PHE D 138 -1.40 -8.30 -9.33
C PHE D 138 -1.73 -6.84 -9.62
N GLU D 139 -2.88 -6.58 -10.24
CA GLU D 139 -3.31 -5.18 -10.43
C GLU D 139 -4.08 -4.70 -9.20
N PHE D 140 -3.80 -3.48 -8.75
CA PHE D 140 -4.35 -2.97 -7.50
C PHE D 140 -5.72 -2.27 -7.59
N TYR D 141 -6.63 -2.65 -6.71
CA TYR D 141 -7.92 -1.99 -6.59
C TYR D 141 -7.78 -0.77 -5.70
N HIS D 142 -6.59 -0.60 -5.11
CA HIS D 142 -6.22 0.68 -4.49
C HIS D 142 -4.94 1.30 -5.04
N LYS D 143 -4.41 2.27 -4.29
CA LYS D 143 -3.14 2.90 -4.67
C LYS D 143 -2.09 2.31 -3.75
N CYS D 144 -0.98 1.82 -4.31
CA CYS D 144 0.05 1.24 -3.44
C CYS D 144 1.41 1.89 -3.50
N ASP D 145 1.66 2.59 -2.38
CA ASP D 145 2.83 3.42 -2.11
C ASP D 145 4.04 2.55 -1.74
N ASN D 146 5.25 3.07 -2.02
CA ASN D 146 6.53 2.40 -1.65
C ASN D 146 6.47 1.73 -0.26
N GLU D 147 5.82 2.43 0.67
CA GLU D 147 5.76 1.97 2.06
C GLU D 147 4.69 0.87 2.25
N CYS D 148 3.65 0.93 1.42
CA CYS D 148 2.65 -0.13 1.39
C CYS D 148 3.35 -1.43 1.02
N MET D 149 4.23 -1.34 0.02
CA MET D 149 5.03 -2.47 -0.47
C MET D 149 5.97 -3.04 0.55
N GLU D 150 6.68 -2.17 1.27
CA GLU D 150 7.54 -2.72 2.30
C GLU D 150 6.65 -3.58 3.22
N SER D 151 5.48 -3.06 3.59
CA SER D 151 4.54 -3.90 4.34
C SER D 151 4.17 -5.24 3.66
N ILE D 152 4.09 -5.29 2.32
CA ILE D 152 3.83 -6.59 1.64
C ILE D 152 4.99 -7.57 1.69
N ARG D 153 6.18 -7.07 1.35
CA ARG D 153 7.40 -7.88 1.24
C ARG D 153 7.65 -8.68 2.52
N ASN D 154 7.56 -8.01 3.68
CA ASN D 154 7.71 -8.69 4.98
C ASN D 154 6.48 -9.40 5.56
N GLY D 155 5.42 -9.52 4.75
CA GLY D 155 4.31 -10.40 5.06
C GLY D 155 3.34 -10.00 6.15
N THR D 156 3.43 -8.74 6.58
CA THR D 156 2.55 -8.20 7.61
C THR D 156 1.54 -7.21 7.02
N TYR D 157 1.01 -7.52 5.86
CA TYR D 157 0.33 -6.51 5.07
C TYR D 157 -1.04 -6.18 5.64
N ASN D 158 -1.33 -4.89 5.80
CA ASN D 158 -2.61 -4.42 6.34
C ASN D 158 -3.83 -4.63 5.40
N TYR D 159 -4.68 -5.56 5.79
CA TYR D 159 -5.88 -5.84 5.02
C TYR D 159 -7.06 -4.88 5.33
N PRO D 160 -7.26 -4.48 6.62
CA PRO D 160 -8.18 -3.37 6.93
C PRO D 160 -8.15 -2.22 5.94
N GLN D 161 -8.86 -2.48 4.83
CA GLN D 161 -9.13 -1.55 3.74
C GLN D 161 -10.35 -2.08 2.97
N TYR D 162 -11.20 -1.14 2.51
CA TYR D 162 -12.42 -1.39 1.70
C TYR D 162 -12.23 -2.37 0.55
N SER D 163 -12.81 -2.05 -0.60
CA SER D 163 -12.42 -2.69 -1.86
C SER D 163 -12.74 -1.83 -3.07
N GLU D 164 -14.04 -1.62 -3.36
CA GLU D 164 -14.48 -0.93 -4.58
C GLU D 164 -14.22 0.57 -4.56
N GLN E 1 -95.82 81.74 5.83
CA GLN E 1 -95.36 81.24 4.54
C GLN E 1 -93.85 81.40 4.38
N ASP E 2 -93.38 82.64 4.56
CA ASP E 2 -91.92 82.94 4.43
C ASP E 2 -90.84 82.50 5.49
N GLN E 3 -89.57 82.29 5.06
CA GLN E 3 -88.55 81.70 5.97
C GLN E 3 -87.05 81.67 5.58
N ILE E 4 -86.23 81.23 6.54
CA ILE E 4 -84.80 80.89 6.34
C ILE E 4 -84.44 79.63 7.16
N CYS E 5 -83.69 78.73 6.56
CA CYS E 5 -83.38 77.45 7.21
C CYS E 5 -81.87 77.23 7.45
N ILE E 6 -81.54 76.29 8.34
CA ILE E 6 -80.15 75.85 8.53
C ILE E 6 -80.05 74.32 8.36
N GLY E 7 -79.07 73.87 7.60
CA GLY E 7 -78.92 72.44 7.31
C GLY E 7 -77.52 72.06 6.87
N TYR E 8 -77.29 70.75 6.71
CA TYR E 8 -75.96 70.25 6.40
C TYR E 8 -75.96 69.42 5.11
N HIS E 9 -74.78 68.96 4.72
CA HIS E 9 -74.55 68.20 3.47
C HIS E 9 -75.08 66.79 3.58
N ALA E 10 -75.59 66.31 2.45
CA ALA E 10 -75.76 64.89 2.24
C ALA E 10 -75.35 64.65 0.79
N ASN E 11 -74.82 63.48 0.47
CA ASN E 11 -74.54 63.18 -0.93
C ASN E 11 -74.70 61.71 -1.32
N ASN E 12 -74.09 61.35 -2.44
CA ASN E 12 -74.26 60.02 -3.04
C ASN E 12 -73.12 59.01 -2.76
N SER E 13 -72.48 59.12 -1.60
CA SER E 13 -71.50 58.11 -1.18
C SER E 13 -72.10 57.30 -0.01
N THR E 14 -72.19 55.97 -0.09
CA THR E 14 -72.54 55.23 1.14
C THR E 14 -71.36 54.50 1.77
N GLU E 15 -70.22 55.18 1.76
CA GLU E 15 -69.01 54.71 2.43
C GLU E 15 -69.15 54.75 3.95
N GLN E 16 -69.41 53.58 4.53
CA GLN E 16 -69.59 53.46 5.97
C GLN E 16 -68.25 53.50 6.70
N VAL E 17 -68.27 53.93 7.96
CA VAL E 17 -67.12 53.85 8.86
C VAL E 17 -67.62 53.44 10.25
N ASP E 18 -66.69 53.16 11.16
CA ASP E 18 -67.07 52.64 12.47
C ASP E 18 -66.73 53.60 13.62
N THR E 19 -67.60 53.63 14.63
CA THR E 19 -67.27 54.32 15.88
C THR E 19 -67.18 53.30 16.99
N ILE E 20 -66.93 53.81 18.19
CA ILE E 20 -66.96 52.96 19.38
C ILE E 20 -68.42 52.53 19.67
N MET E 21 -69.36 53.42 19.31
CA MET E 21 -70.81 53.30 19.59
C MET E 21 -71.76 52.84 18.45
N GLU E 22 -71.23 52.53 17.26
CA GLU E 22 -72.04 52.01 16.13
C GLU E 22 -71.18 51.61 14.92
N LYS E 23 -71.57 50.52 14.25
CA LYS E 23 -70.82 50.02 13.08
C LYS E 23 -71.48 50.39 11.76
N ASN E 24 -70.71 50.28 10.68
CA ASN E 24 -71.20 50.45 9.31
C ASN E 24 -72.06 51.71 9.11
N VAL E 25 -71.59 52.83 9.67
CA VAL E 25 -72.32 54.09 9.63
C VAL E 25 -71.95 54.94 8.42
N THR E 26 -72.86 55.04 7.47
CA THR E 26 -72.61 55.75 6.22
C THR E 26 -72.23 57.22 6.41
N VAL E 27 -71.24 57.71 5.67
CA VAL E 27 -70.88 59.15 5.73
C VAL E 27 -70.61 59.79 4.36
N THR E 28 -70.38 61.11 4.36
CA THR E 28 -70.23 61.86 3.12
C THR E 28 -68.84 61.71 2.51
N HIS E 29 -67.83 62.18 3.23
CA HIS E 29 -66.42 62.00 2.85
C HIS E 29 -65.72 61.09 3.86
N ALA E 30 -64.87 60.21 3.36
CA ALA E 30 -64.12 59.29 4.21
C ALA E 30 -62.75 59.06 3.60
N GLN E 31 -61.72 58.99 4.44
CA GLN E 31 -60.38 58.79 3.95
C GLN E 31 -59.88 57.42 4.37
N ASP E 32 -59.21 56.73 3.44
CA ASP E 32 -58.66 55.41 3.75
C ASP E 32 -57.17 55.53 4.08
N ILE E 33 -56.75 54.96 5.21
CA ILE E 33 -55.34 55.06 5.63
C ILE E 33 -54.59 53.73 5.74
N LEU E 34 -55.16 52.67 5.17
CA LEU E 34 -54.54 51.34 5.18
C LEU E 34 -54.28 50.88 3.73
N GLU E 35 -53.04 50.49 3.43
CA GLU E 35 -52.72 50.04 2.08
C GLU E 35 -52.72 48.51 2.02
N LYS E 36 -53.48 47.94 1.08
CA LYS E 36 -53.69 46.48 1.02
C LYS E 36 -53.29 45.87 -0.32
N THR E 37 -52.36 46.52 -1.01
CA THR E 37 -52.01 46.17 -2.38
C THR E 37 -50.50 46.15 -2.62
N HIS E 38 -49.99 45.02 -3.08
CA HIS E 38 -48.60 44.95 -3.52
C HIS E 38 -48.55 44.60 -5.01
N ASN E 39 -47.35 44.59 -5.57
CA ASN E 39 -47.23 44.30 -6.98
C ASN E 39 -46.76 42.88 -7.25
N GLY E 40 -46.67 42.07 -6.20
CA GLY E 40 -46.29 40.67 -6.30
C GLY E 40 -44.92 40.41 -6.88
N LYS E 41 -44.09 41.44 -6.90
CA LYS E 41 -42.77 41.39 -7.54
C LYS E 41 -41.65 41.75 -6.58
N LEU E 42 -40.45 41.21 -6.84
CA LEU E 42 -39.25 41.59 -6.09
C LEU E 42 -38.45 42.64 -6.86
N CYS E 43 -38.41 43.85 -6.31
CA CYS E 43 -37.86 44.99 -7.05
C CYS E 43 -36.50 45.45 -6.53
N ASP E 44 -35.86 46.35 -7.28
CA ASP E 44 -34.72 47.08 -6.77
C ASP E 44 -35.25 48.03 -5.72
N LEU E 45 -34.44 48.29 -4.71
CA LEU E 45 -34.78 49.30 -3.72
C LEU E 45 -34.00 50.55 -4.09
N ASP E 46 -34.69 51.50 -4.71
CA ASP E 46 -34.08 52.75 -5.17
C ASP E 46 -32.87 52.52 -6.08
N GLY E 47 -33.06 51.70 -7.12
CA GLY E 47 -32.04 51.55 -8.14
C GLY E 47 -30.93 50.57 -7.84
N VAL E 48 -30.76 50.18 -6.57
CA VAL E 48 -29.77 49.14 -6.29
C VAL E 48 -30.46 47.76 -6.07
N LYS E 49 -29.98 46.78 -6.84
CA LYS E 49 -30.70 45.53 -7.09
C LYS E 49 -30.39 44.43 -6.07
N PRO E 50 -31.42 43.64 -5.69
CA PRO E 50 -31.19 42.63 -4.64
C PRO E 50 -30.34 41.44 -5.08
N LEU E 51 -29.75 40.80 -4.07
CA LEU E 51 -29.09 39.53 -4.25
C LEU E 51 -30.15 38.47 -4.03
N ILE E 52 -30.49 37.78 -5.10
CA ILE E 52 -31.38 36.66 -5.00
C ILE E 52 -30.59 35.41 -5.31
N LEU E 53 -30.17 34.75 -4.23
CA LEU E 53 -29.70 33.37 -4.29
C LEU E 53 -30.89 32.64 -4.87
N ARG E 54 -30.68 31.66 -5.71
CA ARG E 54 -31.87 31.02 -6.25
C ARG E 54 -32.24 29.81 -5.40
N ASP E 55 -31.46 28.75 -5.59
CA ASP E 55 -31.67 27.51 -4.88
C ASP E 55 -30.48 27.33 -3.98
N CYS E 56 -29.80 28.45 -3.72
CA CYS E 56 -28.66 28.48 -2.84
C CYS E 56 -29.06 29.04 -1.49
N SER E 57 -28.38 28.55 -0.45
CA SER E 57 -28.41 29.15 0.87
C SER E 57 -27.21 30.09 0.99
N VAL E 58 -27.14 30.82 2.10
CA VAL E 58 -26.00 31.68 2.34
C VAL E 58 -24.74 30.82 2.45
N ALA E 59 -24.88 29.62 2.99
CA ALA E 59 -23.72 28.77 3.19
C ALA E 59 -23.11 28.31 1.86
N GLY E 60 -23.95 27.96 0.89
CA GLY E 60 -23.49 27.51 -0.40
C GLY E 60 -22.86 28.66 -1.16
N TRP E 61 -23.46 29.84 -1.02
CA TRP E 61 -22.92 31.03 -1.63
C TRP E 61 -21.53 31.34 -1.07
N LEU E 62 -21.46 31.55 0.23
CA LEU E 62 -20.22 31.97 0.86
C LEU E 62 -19.11 30.94 0.71
N LEU E 63 -19.46 29.66 0.80
CA LEU E 63 -18.42 28.64 0.78
C LEU E 63 -18.00 28.27 -0.63
N GLY E 64 -18.89 28.52 -1.58
CA GLY E 64 -18.62 28.19 -2.97
C GLY E 64 -19.12 26.82 -3.40
N ASN E 65 -20.41 26.57 -3.23
CA ASN E 65 -21.01 25.34 -3.73
C ASN E 65 -20.78 25.36 -5.22
N PRO E 66 -20.32 24.24 -5.79
CA PRO E 66 -20.12 24.27 -7.24
C PRO E 66 -21.44 24.33 -7.99
N MET E 67 -22.55 24.27 -7.27
CA MET E 67 -23.84 24.51 -7.89
C MET E 67 -24.26 25.97 -7.71
N CYS E 68 -23.31 26.81 -7.31
CA CYS E 68 -23.63 28.18 -6.92
C CYS E 68 -22.77 29.24 -7.59
N ASP E 69 -22.27 28.94 -8.78
CA ASP E 69 -21.36 29.84 -9.50
C ASP E 69 -22.01 31.13 -10.01
N GLU E 70 -23.33 31.14 -10.15
CA GLU E 70 -24.05 32.37 -10.49
C GLU E 70 -23.58 33.49 -9.54
N PHE E 71 -23.22 33.09 -8.33
CA PHE E 71 -22.84 34.03 -7.28
C PHE E 71 -21.33 34.00 -6.95
N ILE E 72 -20.50 33.55 -7.89
CA ILE E 72 -19.05 33.62 -7.70
C ILE E 72 -18.62 35.05 -7.37
N ASN E 73 -19.16 36.00 -8.12
CA ASN E 73 -18.87 37.39 -7.86
C ASN E 73 -20.11 38.24 -7.87
N VAL E 74 -20.43 38.76 -6.70
CA VAL E 74 -21.71 39.41 -6.49
C VAL E 74 -21.53 40.90 -6.26
N PRO E 75 -22.24 41.71 -7.05
CA PRO E 75 -22.14 43.17 -6.92
C PRO E 75 -22.78 43.65 -5.63
N GLU E 76 -22.57 44.92 -5.28
CA GLU E 76 -23.30 45.55 -4.19
C GLU E 76 -24.80 45.23 -4.27
N TRP E 77 -25.38 44.85 -3.13
CA TRP E 77 -26.79 44.50 -3.06
C TRP E 77 -27.55 45.34 -2.06
N SER E 78 -28.86 45.40 -2.25
CA SER E 78 -29.75 46.19 -1.39
C SER E 78 -30.35 45.33 -0.26
N TYR E 79 -30.64 44.07 -0.57
CA TYR E 79 -31.16 43.12 0.41
C TYR E 79 -31.07 41.73 -0.22
N ILE E 80 -31.15 40.69 0.60
CA ILE E 80 -30.92 39.34 0.11
C ILE E 80 -32.19 38.46 0.21
N VAL E 81 -32.42 37.64 -0.81
CA VAL E 81 -33.56 36.73 -0.77
C VAL E 81 -33.16 35.25 -0.80
N GLU E 82 -33.53 34.53 0.23
CA GLU E 82 -33.22 33.11 0.35
C GLU E 82 -34.54 32.37 0.35
N LYS E 83 -34.61 31.21 -0.28
CA LYS E 83 -35.86 30.48 -0.23
C LYS E 83 -36.02 29.82 1.15
N ALA E 84 -37.21 29.30 1.44
CA ALA E 84 -37.51 28.67 2.75
C ALA E 84 -36.61 27.50 3.00
N ASN E 85 -36.30 26.81 1.89
CA ASN E 85 -35.64 25.54 1.90
C ASN E 85 -34.73 25.36 0.70
N PRO E 86 -33.66 26.17 0.62
CA PRO E 86 -32.75 26.16 -0.53
C PRO E 86 -32.14 24.78 -0.73
N THR E 87 -32.13 24.28 -1.96
CA THR E 87 -31.61 22.93 -2.25
C THR E 87 -30.09 22.83 -2.26
N ASN E 88 -29.40 23.93 -2.59
CA ASN E 88 -27.93 23.94 -2.60
C ASN E 88 -27.28 24.55 -1.34
N ASP E 89 -27.17 23.74 -0.30
CA ASP E 89 -26.58 24.19 0.97
C ASP E 89 -25.15 23.62 1.09
N LEU E 90 -24.96 22.71 2.06
CA LEU E 90 -23.70 22.01 2.24
C LEU E 90 -23.78 20.71 1.47
N CYS E 91 -23.07 20.65 0.35
CA CYS E 91 -23.09 19.47 -0.51
C CYS E 91 -22.29 18.32 0.09
N TYR E 92 -21.18 18.62 0.77
CA TYR E 92 -20.54 17.61 1.62
C TYR E 92 -21.12 17.82 3.01
N PRO E 93 -21.72 16.76 3.57
CA PRO E 93 -22.46 16.88 4.82
C PRO E 93 -21.65 17.37 6.01
N GLY E 94 -22.30 18.15 6.85
CA GLY E 94 -21.63 18.66 8.01
C GLY E 94 -22.29 19.90 8.53
N SER E 95 -21.53 20.76 9.17
CA SER E 95 -22.12 21.93 9.80
C SER E 95 -21.32 23.18 9.62
N PHE E 96 -21.96 24.32 9.85
CA PHE E 96 -21.33 25.63 9.66
C PHE E 96 -21.49 26.38 10.96
N ASN E 97 -20.42 26.48 11.74
CA ASN E 97 -20.46 27.16 13.03
C ASN E 97 -20.96 28.57 13.03
N ASP E 98 -21.65 28.94 14.11
CA ASP E 98 -22.23 30.28 14.25
C ASP E 98 -22.86 30.74 12.98
N TYR E 99 -23.81 29.96 12.50
CA TYR E 99 -24.37 30.27 11.22
C TYR E 99 -25.38 31.41 11.28
N GLU E 100 -26.25 31.39 12.29
CA GLU E 100 -27.29 32.40 12.38
C GLU E 100 -26.68 33.75 12.75
N GLU E 101 -25.51 33.72 13.36
CA GLU E 101 -24.84 34.95 13.75
C GLU E 101 -24.22 35.62 12.53
N LEU E 102 -23.78 34.78 11.59
CA LEU E 102 -23.19 35.23 10.33
C LEU E 102 -24.29 35.72 9.37
N LYS E 103 -25.44 35.05 9.36
CA LYS E 103 -26.60 35.59 8.66
C LYS E 103 -27.02 36.93 9.28
N TYR E 104 -26.86 37.06 10.60
CA TYR E 104 -27.17 38.34 11.21
C TYR E 104 -26.20 39.44 10.76
N LEU E 105 -24.90 39.13 10.72
CA LEU E 105 -23.91 40.04 10.11
C LEU E 105 -24.29 40.46 8.71
N LEU E 106 -24.68 39.49 7.90
CA LEU E 106 -25.10 39.76 6.52
C LEU E 106 -26.26 40.73 6.40
N SER E 107 -27.13 40.76 7.41
CA SER E 107 -28.20 41.77 7.38
C SER E 107 -27.66 43.20 7.56
N ARG E 108 -26.34 43.34 7.74
CA ARG E 108 -25.73 44.64 7.96
C ARG E 108 -24.64 44.98 6.96
N ILE E 109 -24.67 44.31 5.80
CA ILE E 109 -23.63 44.46 4.77
C ILE E 109 -24.30 44.61 3.42
N ASN E 110 -23.77 45.45 2.54
CA ASN E 110 -24.35 45.57 1.20
C ASN E 110 -23.40 45.13 0.09
N HIS E 111 -22.16 44.83 0.46
CA HIS E 111 -21.14 44.56 -0.57
C HIS E 111 -19.86 43.84 -0.08
N PHE E 112 -19.60 42.67 -0.67
CA PHE E 112 -18.37 41.91 -0.45
C PHE E 112 -17.48 42.07 -1.67
N GLU E 113 -16.18 42.04 -1.45
CA GLU E 113 -15.27 41.90 -2.56
C GLU E 113 -14.37 40.68 -2.33
N LYS E 114 -14.71 39.58 -2.99
CA LYS E 114 -13.97 38.34 -2.88
C LYS E 114 -12.51 38.57 -3.28
N ILE E 115 -11.57 38.23 -2.41
CA ILE E 115 -10.17 38.31 -2.79
C ILE E 115 -9.45 37.02 -2.43
N GLN E 116 -8.50 36.61 -3.26
CA GLN E 116 -7.80 35.36 -3.04
C GLN E 116 -6.63 35.55 -2.12
N ILE E 117 -6.67 34.91 -0.97
CA ILE E 117 -5.68 35.20 0.06
C ILE E 117 -4.62 34.10 0.22
N ILE E 118 -4.90 32.94 -0.35
CA ILE E 118 -3.89 31.88 -0.44
C ILE E 118 -4.12 31.09 -1.72
N PRO E 119 -3.27 31.33 -2.73
CA PRO E 119 -3.30 30.63 -4.02
C PRO E 119 -3.25 29.11 -3.89
N LYS E 120 -4.04 28.42 -4.71
CA LYS E 120 -4.03 26.95 -4.71
C LYS E 120 -2.65 26.44 -5.15
N SER E 121 -1.95 27.28 -5.90
CA SER E 121 -0.59 27.02 -6.34
C SER E 121 0.43 27.07 -5.20
N SER E 122 0.12 27.80 -4.12
CA SER E 122 1.13 28.05 -3.11
C SER E 122 1.45 26.83 -2.23
N TRP E 123 0.72 25.74 -2.44
CA TRP E 123 0.88 24.55 -1.62
C TRP E 123 1.90 23.57 -2.18
N SER E 124 3.16 23.78 -1.79
CA SER E 124 4.28 23.01 -2.34
C SER E 124 4.34 21.54 -1.87
N ASP E 125 4.08 21.31 -0.58
CA ASP E 125 4.35 20.00 0.00
C ASP E 125 3.11 19.19 0.33
N HIS E 126 1.97 19.67 -0.15
CA HIS E 126 0.72 18.91 -0.11
C HIS E 126 0.03 18.94 -1.49
N GLU E 127 -0.85 17.98 -1.73
CA GLU E 127 -1.68 17.99 -2.93
C GLU E 127 -2.87 18.90 -2.69
N ALA E 128 -3.16 19.77 -3.65
CA ALA E 128 -4.28 20.70 -3.49
C ALA E 128 -5.25 20.64 -4.66
N SER E 129 -5.27 19.51 -5.36
CA SER E 129 -6.11 19.44 -6.55
C SER E 129 -6.86 18.11 -6.66
N SER E 130 -6.91 17.38 -5.54
CA SER E 130 -7.42 16.04 -5.54
C SER E 130 -8.43 15.95 -4.42
N GLY E 131 -8.79 17.13 -3.92
CA GLY E 131 -9.70 17.26 -2.80
C GLY E 131 -11.09 17.57 -3.32
N VAL E 132 -11.82 16.50 -3.60
CA VAL E 132 -13.02 16.57 -4.38
C VAL E 132 -13.92 15.41 -3.96
N SER E 133 -15.24 15.62 -3.98
CA SER E 133 -16.20 14.54 -3.73
C SER E 133 -17.25 14.42 -4.80
N SER E 134 -17.96 13.30 -4.77
CA SER E 134 -19.11 13.07 -5.64
C SER E 134 -20.36 13.64 -4.97
N ALA E 135 -20.22 14.19 -3.78
CA ALA E 135 -21.34 14.79 -3.08
C ALA E 135 -21.44 16.25 -3.49
N CYS E 136 -20.37 16.75 -4.08
CA CYS E 136 -20.26 18.12 -4.57
C CYS E 136 -19.96 18.12 -6.04
N PRO E 137 -20.88 17.59 -6.84
CA PRO E 137 -20.53 17.37 -8.25
C PRO E 137 -20.57 18.66 -9.01
N TYR E 138 -19.59 18.89 -9.86
CA TYR E 138 -19.69 19.98 -10.82
C TYR E 138 -19.69 19.41 -12.22
N LEU E 139 -20.85 19.46 -12.86
CA LEU E 139 -21.01 18.90 -14.20
C LEU E 139 -20.64 17.44 -14.25
N GLY E 140 -21.13 16.68 -13.27
CA GLY E 140 -20.96 15.24 -13.25
C GLY E 140 -19.68 14.79 -12.60
N SER E 141 -18.61 15.56 -12.83
CA SER E 141 -17.31 15.30 -12.23
C SER E 141 -17.21 15.78 -10.78
N PRO E 142 -16.64 14.91 -9.92
CA PRO E 142 -16.38 15.20 -8.50
C PRO E 142 -15.73 16.56 -8.28
N SER E 143 -16.39 17.45 -7.56
CA SER E 143 -15.82 18.78 -7.28
C SER E 143 -15.84 19.04 -5.79
N PHE E 144 -15.95 20.30 -5.43
CA PHE E 144 -15.92 20.69 -4.03
C PHE E 144 -16.10 22.19 -4.02
N PHE E 145 -16.40 22.72 -2.83
CA PHE E 145 -16.41 24.15 -2.56
C PHE E 145 -15.23 24.89 -3.24
N ARG E 146 -15.51 26.07 -3.79
CA ARG E 146 -14.45 26.80 -4.49
C ARG E 146 -13.64 27.70 -3.56
N ASN E 147 -14.27 28.22 -2.51
CA ASN E 147 -13.61 29.21 -1.70
C ASN E 147 -12.66 28.63 -0.68
N VAL E 148 -12.94 27.40 -0.29
CA VAL E 148 -11.98 26.68 0.52
C VAL E 148 -11.35 25.57 -0.33
N VAL E 149 -10.31 24.93 0.20
CA VAL E 149 -9.53 23.93 -0.52
C VAL E 149 -9.15 22.77 0.40
N TRP E 150 -9.55 21.57 -0.03
CA TRP E 150 -9.38 20.35 0.78
C TRP E 150 -7.99 19.68 0.63
N LEU E 151 -6.95 20.23 1.28
CA LEU E 151 -5.59 19.69 1.16
C LEU E 151 -5.48 18.24 1.64
N ILE E 152 -4.74 17.43 0.89
CA ILE E 152 -4.39 16.09 1.38
C ILE E 152 -2.88 15.76 1.27
N LYS E 153 -2.52 14.56 1.71
CA LYS E 153 -1.12 14.15 1.71
C LYS E 153 -0.51 14.09 0.32
N LYS E 154 0.81 14.27 0.27
CA LYS E 154 1.61 14.14 -0.94
C LYS E 154 2.90 13.35 -0.66
N ASN E 155 3.17 12.36 -1.50
CA ASN E 155 4.31 11.45 -1.32
C ASN E 155 4.23 10.77 0.03
N SER E 156 3.03 10.29 0.35
CA SER E 156 2.73 9.72 1.66
C SER E 156 3.19 10.61 2.82
N ALA E 157 2.87 11.90 2.75
CA ALA E 157 3.36 12.82 3.77
C ALA E 157 2.56 14.13 3.88
N TYR E 158 2.05 14.39 5.09
CA TYR E 158 1.44 15.67 5.41
C TYR E 158 2.34 16.36 6.42
N PRO E 159 3.36 17.07 5.94
CA PRO E 159 4.19 17.82 6.87
C PRO E 159 3.34 18.91 7.52
N THR E 160 3.61 19.25 8.77
CA THR E 160 2.76 20.21 9.45
C THR E 160 2.86 21.60 8.79
N ILE E 161 1.69 22.16 8.48
CA ILE E 161 1.53 23.45 7.85
C ILE E 161 1.59 24.57 8.87
N LYS E 162 2.31 25.64 8.51
CA LYS E 162 2.23 26.90 9.24
C LYS E 162 2.00 28.02 8.25
N LYS E 163 0.74 28.38 8.04
CA LYS E 163 0.43 29.48 7.14
C LYS E 163 -0.06 30.67 7.94
N SER E 164 0.63 31.79 7.80
CA SER E 164 0.20 33.02 8.46
C SER E 164 -0.43 33.95 7.44
N TYR E 165 -1.20 34.93 7.89
CA TYR E 165 -1.83 35.81 6.94
C TYR E 165 -2.26 37.18 7.51
N ASN E 166 -1.71 38.25 6.97
CA ASN E 166 -1.91 39.59 7.51
C ASN E 166 -2.86 40.47 6.69
N ASN E 167 -4.00 40.86 7.28
CA ASN E 167 -4.97 41.69 6.57
C ASN E 167 -4.53 43.13 6.48
N THR E 168 -4.00 43.50 5.31
CA THR E 168 -3.44 44.84 5.12
C THR E 168 -4.37 45.77 4.36
N ASN E 169 -5.66 45.48 4.42
CA ASN E 169 -6.63 46.29 3.73
C ASN E 169 -7.25 47.25 4.71
N GLN E 170 -8.13 48.11 4.23
CA GLN E 170 -8.78 49.07 5.11
C GLN E 170 -10.06 48.48 5.67
N GLU E 171 -10.40 47.28 5.17
CA GLU E 171 -11.66 46.64 5.52
C GLU E 171 -11.45 45.36 6.28
N ASP E 172 -12.49 45.00 7.04
CA ASP E 172 -12.55 43.69 7.67
C ASP E 172 -12.64 42.61 6.60
N LEU E 173 -11.93 41.51 6.84
CA LEU E 173 -12.05 40.28 6.07
C LEU E 173 -12.99 39.29 6.75
N LEU E 174 -13.95 38.76 6.01
CA LEU E 174 -14.62 37.56 6.47
C LEU E 174 -13.77 36.42 5.93
N VAL E 175 -13.29 35.57 6.85
CA VAL E 175 -12.43 34.44 6.48
C VAL E 175 -13.00 33.09 6.94
N LEU E 176 -13.13 32.15 5.99
CA LEU E 176 -13.74 30.87 6.28
C LEU E 176 -12.73 29.74 6.15
N TRP E 177 -12.86 28.73 7.00
CA TRP E 177 -12.05 27.52 6.88
C TRP E 177 -12.81 26.34 7.44
N GLY E 178 -12.17 25.19 7.50
CA GLY E 178 -12.84 24.00 7.98
C GLY E 178 -11.98 22.83 8.36
N ILE E 179 -12.62 21.86 9.00
CA ILE E 179 -11.96 20.64 9.36
C ILE E 179 -12.75 19.50 8.75
N HIS E 180 -12.04 18.46 8.35
CA HIS E 180 -12.67 17.25 7.83
C HIS E 180 -12.71 16.19 8.91
N HIS E 181 -13.89 15.66 9.17
CA HIS E 181 -14.07 14.58 10.12
C HIS E 181 -14.29 13.30 9.35
N PRO E 182 -13.26 12.45 9.33
CA PRO E 182 -13.23 11.15 8.65
C PRO E 182 -14.21 10.16 9.27
N ASN E 183 -14.41 9.11 8.49
CA ASN E 183 -15.32 8.05 8.87
C ASN E 183 -14.64 6.97 9.70
N ASP E 184 -13.34 6.73 9.46
CA ASP E 184 -12.54 5.76 10.22
C ASP E 184 -11.02 5.98 10.11
N ALA E 185 -10.27 5.28 10.96
CA ALA E 185 -8.82 5.46 11.05
C ALA E 185 -8.12 5.20 9.71
N ALA E 186 -8.66 4.23 8.97
CA ALA E 186 -8.15 3.86 7.65
C ALA E 186 -8.23 5.05 6.70
N GLU E 187 -9.40 5.69 6.68
CA GLU E 187 -9.61 6.87 5.88
C GLU E 187 -8.62 7.98 6.29
N GLN E 188 -8.49 8.18 7.60
CA GLN E 188 -7.60 9.21 8.13
C GLN E 188 -6.17 9.06 7.63
N THR E 189 -5.65 7.84 7.60
CA THR E 189 -4.28 7.67 7.12
C THR E 189 -4.22 7.75 5.60
N ARG E 190 -5.23 7.18 4.94
CA ARG E 190 -5.29 7.24 3.48
C ARG E 190 -5.18 8.68 2.99
N LEU E 191 -5.74 9.58 3.80
CA LEU E 191 -5.87 10.99 3.43
C LEU E 191 -4.73 11.87 3.94
N TYR E 192 -4.25 11.59 5.16
CA TYR E 192 -3.31 12.52 5.82
C TYR E 192 -2.12 11.85 6.54
N GLN E 193 -1.85 10.59 6.22
CA GLN E 193 -0.84 9.79 6.95
C GLN E 193 -0.96 9.81 8.48
N ASN E 194 -0.61 10.94 9.10
CA ASN E 194 -0.49 10.99 10.55
C ASN E 194 -1.80 10.66 11.20
N PRO E 195 -1.82 9.63 12.08
CA PRO E 195 -3.04 9.11 12.71
C PRO E 195 -3.72 10.13 13.63
N THR E 196 -2.91 10.99 14.25
CA THR E 196 -3.38 11.92 15.27
C THR E 196 -3.10 13.37 14.82
N THR E 197 -4.17 14.15 14.59
CA THR E 197 -4.01 15.48 14.01
C THR E 197 -4.72 16.61 14.72
N TYR E 198 -4.51 17.83 14.22
CA TYR E 198 -5.10 19.04 14.80
C TYR E 198 -5.04 20.20 13.80
N ILE E 199 -5.85 21.24 14.05
CA ILE E 199 -5.74 22.54 13.40
C ILE E 199 -5.84 23.64 14.44
N SER E 200 -4.74 24.31 14.77
CA SER E 200 -4.82 25.50 15.62
C SER E 200 -4.93 26.78 14.77
N ILE E 201 -5.78 27.70 15.22
CA ILE E 201 -6.02 28.98 14.54
C ILE E 201 -6.00 30.14 15.54
N GLY E 202 -5.14 31.13 15.29
CA GLY E 202 -5.06 32.30 16.15
C GLY E 202 -5.05 33.68 15.48
N THR E 203 -5.83 34.59 16.05
CA THR E 203 -5.73 36.01 15.69
C THR E 203 -5.41 36.79 16.96
N SER E 204 -5.83 38.06 17.03
CA SER E 204 -5.69 38.83 18.27
C SER E 204 -6.68 38.31 19.29
N THR E 205 -7.74 37.70 18.77
CA THR E 205 -8.98 37.47 19.50
C THR E 205 -9.33 35.99 19.53
N LEU E 206 -9.05 35.31 18.43
CA LEU E 206 -9.41 33.92 18.28
C LEU E 206 -8.23 33.08 18.69
N ASN E 207 -8.47 32.10 19.56
CA ASN E 207 -7.43 31.14 19.91
C ASN E 207 -8.01 29.73 19.99
N GLN E 208 -8.29 29.12 18.85
CA GLN E 208 -8.85 27.75 18.89
C GLN E 208 -7.92 26.61 18.40
N ARG E 209 -8.29 25.39 18.78
CA ARG E 209 -7.55 24.20 18.40
C ARG E 209 -8.53 23.07 18.14
N LEU E 210 -8.59 22.63 16.90
CA LEU E 210 -9.59 21.69 16.48
C LEU E 210 -8.97 20.31 16.30
N VAL E 211 -9.58 19.29 16.87
CA VAL E 211 -9.19 17.93 16.53
C VAL E 211 -10.37 17.22 15.88
N PRO E 212 -10.09 16.49 14.79
CA PRO E 212 -11.19 15.85 14.07
C PRO E 212 -11.75 14.67 14.84
N LYS E 213 -13.05 14.45 14.69
CA LYS E 213 -13.73 13.38 15.36
C LYS E 213 -13.94 12.24 14.39
N ILE E 214 -13.12 11.21 14.49
CA ILE E 214 -13.32 9.98 13.71
C ILE E 214 -14.41 9.11 14.35
N ALA E 215 -15.38 8.69 13.54
CA ALA E 215 -16.62 8.11 14.08
C ALA E 215 -17.58 7.60 12.98
N THR E 216 -18.34 6.55 13.29
CA THR E 216 -19.30 6.04 12.34
C THR E 216 -20.61 6.82 12.43
N ARG E 217 -21.06 7.36 11.29
CA ARG E 217 -22.32 8.10 11.25
C ARG E 217 -23.19 7.62 10.09
N SER E 218 -24.47 7.97 10.16
CA SER E 218 -25.40 7.61 9.09
C SER E 218 -24.95 8.26 7.80
N LYS E 219 -25.47 7.79 6.69
CA LYS E 219 -25.10 8.38 5.41
C LYS E 219 -25.96 9.60 5.12
N VAL E 220 -25.30 10.66 4.66
CA VAL E 220 -25.97 11.83 4.09
C VAL E 220 -25.26 12.13 2.76
N ASN E 221 -26.03 12.29 1.68
CA ASN E 221 -25.47 12.54 0.33
C ASN E 221 -24.45 11.46 -0.07
N GLY E 222 -24.59 10.27 0.50
CA GLY E 222 -23.68 9.18 0.21
C GLY E 222 -22.56 8.99 1.23
N LEU E 223 -22.35 9.98 2.10
CA LEU E 223 -21.20 9.96 3.00
C LEU E 223 -21.50 9.88 4.48
N SER E 224 -20.59 9.25 5.22
CA SER E 224 -20.62 9.19 6.67
C SER E 224 -19.61 10.18 7.23
N SER E 225 -18.78 10.71 6.34
CA SER E 225 -17.78 11.72 6.65
C SER E 225 -18.47 13.05 6.84
N ARG E 226 -17.85 13.94 7.60
CA ARG E 226 -18.45 15.24 7.80
C ARG E 226 -17.45 16.34 7.52
N MET E 227 -17.94 17.51 7.14
CA MET E 227 -17.09 18.70 7.06
C MET E 227 -17.69 19.76 7.99
N GLU E 228 -16.83 20.39 8.78
CA GLU E 228 -17.30 21.39 9.73
C GLU E 228 -16.60 22.70 9.48
N PHE E 229 -17.36 23.77 9.32
CA PHE E 229 -16.80 25.03 8.87
C PHE E 229 -16.86 26.05 9.92
N PHE E 230 -15.84 26.88 9.95
CA PHE E 230 -15.73 27.92 10.93
C PHE E 230 -15.42 29.22 10.20
N TRP E 231 -15.77 30.33 10.82
CA TRP E 231 -15.48 31.63 10.22
C TRP E 231 -14.97 32.65 11.24
N THR E 232 -14.34 33.70 10.75
CA THR E 232 -13.92 34.80 11.62
C THR E 232 -13.91 36.12 10.89
N ILE E 233 -13.87 37.20 11.65
CA ILE E 233 -13.65 38.51 11.06
C ILE E 233 -12.25 39.04 11.37
N LEU E 234 -11.41 39.13 10.34
CA LEU E 234 -10.08 39.71 10.45
C LEU E 234 -10.09 41.25 10.42
N LYS E 235 -9.60 41.86 11.50
CA LYS E 235 -9.48 43.31 11.61
C LYS E 235 -8.37 43.85 10.73
N PRO E 236 -8.58 45.06 10.19
CA PRO E 236 -7.52 45.65 9.37
C PRO E 236 -6.24 45.77 10.19
N ASN E 237 -5.19 45.16 9.66
CA ASN E 237 -3.83 45.08 10.23
C ASN E 237 -3.55 43.94 11.21
N ASP E 238 -4.52 43.05 11.39
CA ASP E 238 -4.27 41.86 12.20
C ASP E 238 -3.98 40.65 11.32
N ALA E 239 -3.31 39.66 11.90
CA ALA E 239 -3.02 38.42 11.17
C ALA E 239 -3.76 37.20 11.71
N ILE E 240 -4.06 36.26 10.82
CA ILE E 240 -4.61 34.96 11.18
C ILE E 240 -3.55 33.86 10.95
N ASN E 241 -3.29 33.05 11.97
CA ASN E 241 -2.26 32.03 11.88
C ASN E 241 -2.84 30.65 11.97
N PHE E 242 -2.42 29.80 11.04
CA PHE E 242 -2.94 28.47 10.88
C PHE E 242 -1.81 27.51 11.05
N GLU E 243 -2.00 26.50 11.90
CA GLU E 243 -1.01 25.44 11.99
C GLU E 243 -1.73 24.11 12.07
N SER E 244 -1.41 23.18 11.17
CA SER E 244 -2.14 21.91 11.16
C SER E 244 -1.34 20.76 10.56
N ASN E 245 -1.62 19.53 10.99
CA ASN E 245 -0.94 18.37 10.42
C ASN E 245 -1.88 17.35 9.79
N GLY E 246 -3.02 17.84 9.30
CA GLY E 246 -4.02 16.99 8.70
C GLY E 246 -5.43 17.57 8.86
N ASN E 247 -6.38 17.05 8.10
CA ASN E 247 -7.80 17.38 8.18
C ASN E 247 -8.19 18.85 8.00
N PHE E 248 -7.35 19.61 7.30
CA PHE E 248 -7.50 21.06 7.27
C PHE E 248 -7.97 21.53 5.92
N ILE E 249 -9.22 22.00 5.88
CA ILE E 249 -9.79 22.55 4.66
C ILE E 249 -9.40 24.01 4.66
N ALA E 250 -8.29 24.36 3.99
CA ALA E 250 -7.71 25.71 4.09
C ALA E 250 -8.50 26.76 3.32
N PRO E 251 -8.45 28.02 3.77
CA PRO E 251 -9.10 29.03 2.90
C PRO E 251 -8.33 29.25 1.60
N GLU E 252 -9.01 29.81 0.58
CA GLU E 252 -8.35 30.27 -0.63
C GLU E 252 -8.84 31.67 -1.03
N TYR E 253 -10.16 31.88 -0.95
CA TYR E 253 -10.74 33.21 -1.14
C TYR E 253 -11.43 33.66 0.12
N ALA E 254 -11.27 34.94 0.44
CA ALA E 254 -11.97 35.53 1.58
C ALA E 254 -12.86 36.66 1.07
N TYR E 255 -13.55 37.35 1.97
CA TYR E 255 -14.35 38.48 1.53
C TYR E 255 -13.99 39.80 2.24
N LYS E 256 -13.67 40.83 1.48
CA LYS E 256 -13.58 42.17 2.07
C LYS E 256 -14.97 42.71 2.23
N ILE E 257 -15.24 43.31 3.39
CA ILE E 257 -16.52 43.97 3.61
C ILE E 257 -16.41 45.45 3.24
N VAL E 258 -16.85 45.81 2.03
CA VAL E 258 -16.61 47.17 1.55
C VAL E 258 -17.86 48.04 1.60
N LYS E 259 -18.97 47.50 2.08
CA LYS E 259 -20.12 48.35 2.31
C LYS E 259 -21.04 47.80 3.38
N LYS E 260 -20.77 48.18 4.63
CA LYS E 260 -21.76 47.96 5.67
C LYS E 260 -22.87 48.99 5.47
N GLY E 261 -24.03 48.72 6.03
CA GLY E 261 -25.20 49.52 5.75
C GLY E 261 -26.43 48.73 6.14
N ASP E 262 -27.59 49.23 5.72
CA ASP E 262 -28.85 48.63 6.13
C ASP E 262 -29.35 47.64 5.09
N SER E 263 -29.45 46.38 5.51
CA SER E 263 -29.97 45.36 4.64
C SER E 263 -30.85 44.39 5.41
N ALA E 264 -31.19 43.29 4.75
CA ALA E 264 -32.09 42.31 5.32
C ALA E 264 -31.92 40.99 4.60
N ILE E 265 -32.20 39.89 5.30
CA ILE E 265 -32.36 38.62 4.61
C ILE E 265 -33.83 38.24 4.58
N MET E 266 -34.38 38.29 3.36
CA MET E 266 -35.76 37.95 3.12
C MET E 266 -35.90 36.50 2.72
N LYS E 267 -36.76 35.77 3.41
CA LYS E 267 -37.17 34.46 2.97
C LYS E 267 -38.34 34.64 2.01
N SER E 268 -38.15 34.28 0.75
CA SER E 268 -39.21 34.36 -0.23
C SER E 268 -39.02 33.39 -1.38
N GLU E 269 -40.13 32.84 -1.85
CA GLU E 269 -40.09 31.91 -2.97
C GLU E 269 -40.03 32.66 -4.31
N LEU E 270 -40.31 33.96 -4.26
CA LEU E 270 -40.37 34.76 -5.48
C LEU E 270 -39.03 34.90 -6.17
N GLU E 271 -39.09 35.48 -7.36
CA GLU E 271 -37.91 35.68 -8.18
C GLU E 271 -37.83 37.13 -8.58
N TYR E 272 -36.72 37.51 -9.19
CA TYR E 272 -36.52 38.86 -9.63
C TYR E 272 -37.68 39.31 -10.51
N GLY E 273 -38.42 40.29 -10.01
CA GLY E 273 -39.26 41.12 -10.87
C GLY E 273 -38.27 42.08 -11.51
N ASN E 274 -38.67 42.90 -12.48
CA ASN E 274 -37.65 43.77 -13.07
C ASN E 274 -37.94 45.25 -12.87
N CYS E 275 -38.20 45.60 -11.61
CA CYS E 275 -38.77 46.89 -11.33
C CYS E 275 -37.96 47.66 -10.30
N ASN E 276 -38.54 48.75 -9.81
CA ASN E 276 -37.93 49.60 -8.80
C ASN E 276 -38.99 50.06 -7.78
N THR E 277 -38.63 50.06 -6.50
CA THR E 277 -39.53 50.51 -5.45
C THR E 277 -38.77 51.26 -4.37
N LYS E 278 -39.50 51.77 -3.39
CA LYS E 278 -38.91 52.39 -2.21
C LYS E 278 -39.25 51.56 -0.99
N CYS E 279 -40.06 50.52 -1.19
CA CYS E 279 -40.50 49.68 -0.09
C CYS E 279 -40.87 48.28 -0.56
N GLN E 280 -40.19 47.29 0.04
CA GLN E 280 -40.27 45.88 -0.36
C GLN E 280 -40.69 44.96 0.80
N THR E 281 -41.66 44.07 0.54
CA THR E 281 -42.01 42.99 1.47
C THR E 281 -41.74 41.67 0.73
N PRO E 282 -41.78 40.51 1.41
CA PRO E 282 -41.42 39.31 0.65
C PRO E 282 -42.50 38.78 -0.30
N MET E 283 -43.72 39.31 -0.21
CA MET E 283 -44.76 38.90 -1.17
C MET E 283 -45.00 39.89 -2.32
N GLY E 284 -44.28 41.00 -2.30
CA GLY E 284 -44.31 41.98 -3.38
C GLY E 284 -43.87 43.35 -2.89
N ALA E 285 -43.76 44.33 -3.79
CA ALA E 285 -43.38 45.68 -3.37
C ALA E 285 -44.59 46.61 -3.20
N ILE E 286 -44.39 47.72 -2.48
CA ILE E 286 -45.46 48.70 -2.27
C ILE E 286 -45.13 50.11 -2.78
N ASN E 287 -46.01 50.66 -3.62
CA ASN E 287 -45.97 52.08 -4.01
C ASN E 287 -47.20 52.80 -3.48
N SER E 288 -47.06 53.44 -2.34
CA SER E 288 -48.19 54.02 -1.66
C SER E 288 -47.77 55.14 -0.71
N SER E 289 -48.68 56.09 -0.52
CA SER E 289 -48.44 57.26 0.30
C SER E 289 -49.07 57.05 1.67
N MET E 290 -49.96 56.06 1.72
CA MET E 290 -50.66 55.63 2.93
C MET E 290 -49.71 55.56 4.12
N PRO E 291 -50.20 55.92 5.31
CA PRO E 291 -49.34 55.81 6.48
C PRO E 291 -49.31 54.40 7.05
N PHE E 292 -50.29 53.55 6.69
CA PHE E 292 -50.31 52.15 7.15
C PHE E 292 -50.42 51.11 6.03
N HIS E 293 -49.96 49.90 6.35
CA HIS E 293 -50.20 48.74 5.49
C HIS E 293 -50.38 47.45 6.31
N ASN E 294 -51.05 46.47 5.71
CA ASN E 294 -51.32 45.20 6.37
C ASN E 294 -50.82 44.00 5.57
N ILE E 295 -49.77 44.22 4.80
CA ILE E 295 -49.27 43.18 3.92
C ILE E 295 -48.44 42.14 4.64
N HIS E 296 -47.31 42.56 5.22
CA HIS E 296 -46.38 41.63 5.87
C HIS E 296 -45.42 42.41 6.76
N PRO E 297 -45.22 41.93 8.00
CA PRO E 297 -44.39 42.62 9.00
C PRO E 297 -42.92 42.86 8.60
N LEU E 298 -42.31 41.92 7.88
CA LEU E 298 -40.92 42.11 7.45
C LEU E 298 -40.84 42.89 6.14
N THR E 299 -40.08 43.98 6.20
CA THR E 299 -40.25 45.06 5.27
C THR E 299 -38.90 45.71 5.19
N ILE E 300 -38.58 46.33 4.05
CA ILE E 300 -37.35 47.10 3.95
C ILE E 300 -37.59 48.27 3.00
N GLY E 301 -36.95 49.41 3.28
CA GLY E 301 -37.17 50.63 2.51
C GLY E 301 -38.09 51.61 3.24
N GLU E 302 -38.39 52.72 2.57
CA GLU E 302 -39.24 53.75 3.16
C GLU E 302 -40.67 53.26 3.21
N CYS E 303 -41.08 52.76 4.38
CA CYS E 303 -42.29 51.94 4.47
C CYS E 303 -43.42 52.46 5.37
N PRO E 304 -44.66 52.42 4.85
CA PRO E 304 -45.86 52.48 5.69
C PRO E 304 -45.70 51.56 6.92
N LYS E 305 -46.44 51.84 7.98
CA LYS E 305 -46.25 51.11 9.20
C LYS E 305 -47.15 49.88 9.23
N TYR E 306 -46.55 48.72 9.42
CA TYR E 306 -47.33 47.48 9.39
C TYR E 306 -48.38 47.40 10.51
N VAL E 307 -49.53 46.84 10.16
CA VAL E 307 -50.69 46.78 11.03
C VAL E 307 -51.51 45.54 10.67
N LYS E 308 -52.07 44.87 11.66
CA LYS E 308 -52.72 43.58 11.43
C LYS E 308 -54.17 43.67 10.91
N SER E 309 -54.74 44.88 10.88
CA SER E 309 -56.13 45.09 10.45
C SER E 309 -56.32 44.94 8.94
N ASN E 310 -57.53 44.60 8.53
CA ASN E 310 -57.83 44.53 7.10
C ASN E 310 -58.68 45.72 6.68
N ARG E 311 -58.97 46.60 7.63
CA ARG E 311 -59.80 47.77 7.38
C ARG E 311 -59.60 48.96 8.33
N LEU E 312 -59.03 50.04 7.82
CA LEU E 312 -58.91 51.29 8.57
C LEU E 312 -59.39 52.48 7.75
N VAL E 313 -60.60 52.93 8.05
CA VAL E 313 -61.14 54.11 7.39
C VAL E 313 -61.46 55.22 8.40
N LEU E 314 -60.94 56.40 8.10
CA LEU E 314 -61.07 57.57 8.95
C LEU E 314 -62.15 58.52 8.41
N ALA E 315 -63.06 58.94 9.27
CA ALA E 315 -64.15 59.84 8.87
C ALA E 315 -63.66 61.28 8.65
N THR E 316 -63.95 61.82 7.47
CA THR E 316 -63.74 63.25 7.22
C THR E 316 -65.07 64.04 7.22
N GLY E 317 -66.07 63.57 6.46
CA GLY E 317 -67.34 64.27 6.36
C GLY E 317 -68.27 64.09 7.54
N LEU E 318 -69.58 64.09 7.28
CA LEU E 318 -70.56 63.87 8.34
C LEU E 318 -71.57 62.79 7.94
N ARG E 319 -72.55 62.54 8.82
CA ARG E 319 -73.58 61.51 8.58
C ARG E 319 -74.37 61.76 7.29
N ASN E 320 -74.65 60.70 6.56
CA ASN E 320 -75.42 60.80 5.33
C ASN E 320 -76.60 59.82 5.37
N SER E 321 -77.74 60.17 4.76
CA SER E 321 -78.92 59.28 4.80
C SER E 321 -79.71 59.15 3.50
N GLY F 1 -77.13 62.38 17.71
CA GLY F 1 -76.80 63.76 17.98
C GLY F 1 -76.39 64.01 19.42
N LEU F 2 -75.11 64.28 19.64
CA LEU F 2 -74.64 64.58 20.99
C LEU F 2 -74.97 66.03 21.28
N PHE F 3 -74.93 66.85 20.24
CA PHE F 3 -75.31 68.24 20.37
C PHE F 3 -76.78 68.45 20.03
N GLY F 4 -77.45 67.37 19.63
CA GLY F 4 -78.90 67.37 19.42
C GLY F 4 -79.37 68.04 18.13
N ALA F 5 -78.45 68.66 17.40
CA ALA F 5 -78.77 69.27 16.12
C ALA F 5 -79.01 68.21 15.03
N ILE F 6 -77.92 67.63 14.51
CA ILE F 6 -78.02 66.63 13.45
C ILE F 6 -78.79 65.39 13.91
N ALA F 7 -79.76 64.97 13.08
CA ALA F 7 -80.70 63.90 13.38
C ALA F 7 -81.35 64.02 14.75
N GLY F 8 -81.26 65.21 15.33
CA GLY F 8 -81.89 65.51 16.61
C GLY F 8 -83.16 66.32 16.39
N PHE F 9 -83.02 67.64 16.23
CA PHE F 9 -84.20 68.47 15.98
C PHE F 9 -84.44 68.76 14.49
N ILE F 10 -83.37 68.94 13.73
CA ILE F 10 -83.50 68.88 12.29
C ILE F 10 -83.68 67.39 12.01
N GLU F 11 -84.60 67.06 11.10
CA GLU F 11 -84.93 65.67 10.80
C GLU F 11 -83.84 64.97 9.96
N GLY F 12 -83.90 65.17 8.66
CA GLY F 12 -82.93 64.56 7.76
C GLY F 12 -81.83 65.52 7.31
N GLY F 13 -81.18 65.18 6.21
CA GLY F 13 -80.19 66.05 5.59
C GLY F 13 -80.64 66.50 4.23
N TRP F 14 -80.06 67.58 3.72
CA TRP F 14 -80.54 68.17 2.47
C TRP F 14 -79.81 67.64 1.25
N GLN F 15 -80.40 66.60 0.66
CA GLN F 15 -79.95 66.00 -0.59
C GLN F 15 -79.61 67.08 -1.61
N GLY F 16 -80.50 68.07 -1.69
CA GLY F 16 -80.34 69.17 -2.62
C GLY F 16 -79.08 69.97 -2.42
N MET F 17 -78.55 70.00 -1.21
CA MET F 17 -77.40 70.85 -0.98
C MET F 17 -76.12 70.22 -1.48
N VAL F 18 -75.54 70.82 -2.51
CA VAL F 18 -74.37 70.25 -3.17
C VAL F 18 -73.21 71.25 -3.20
N ASP F 19 -73.13 72.09 -2.17
CA ASP F 19 -72.18 73.20 -2.18
C ASP F 19 -71.27 73.28 -0.96
N GLY F 20 -71.65 72.57 0.09
CA GLY F 20 -70.86 72.58 1.29
C GLY F 20 -71.47 71.61 2.26
N TRP F 21 -70.88 71.49 3.43
CA TRP F 21 -71.47 70.63 4.42
C TRP F 21 -72.74 71.27 4.90
N TYR F 22 -72.67 72.44 5.50
CA TYR F 22 -73.90 73.05 6.00
C TYR F 22 -74.39 74.27 5.22
N GLY F 23 -75.65 74.66 5.48
CA GLY F 23 -76.22 75.83 4.84
C GLY F 23 -77.71 76.09 5.06
N TYR F 24 -78.36 76.65 4.05
CA TYR F 24 -79.71 77.13 4.18
C TYR F 24 -80.62 76.70 3.04
N HIS F 25 -81.92 76.65 3.32
CA HIS F 25 -82.96 76.63 2.30
C HIS F 25 -83.96 77.75 2.59
N HIS F 26 -84.20 78.63 1.61
CA HIS F 26 -85.14 79.74 1.80
C HIS F 26 -86.40 79.64 0.93
N SER F 27 -87.49 80.22 1.42
CA SER F 27 -88.82 80.00 0.85
C SER F 27 -89.71 81.24 0.81
N ASN F 28 -89.54 82.11 -0.17
CA ASN F 28 -90.38 83.31 -0.24
C ASN F 28 -91.71 83.12 -1.00
N GLU F 29 -91.66 83.43 -2.30
CA GLU F 29 -92.81 83.41 -3.19
C GLU F 29 -92.33 83.34 -4.66
N GLN F 30 -91.01 83.33 -4.85
CA GLN F 30 -90.43 83.23 -6.20
C GLN F 30 -89.84 81.85 -6.50
N GLY F 31 -89.89 80.95 -5.51
CA GLY F 31 -89.36 79.61 -5.65
C GLY F 31 -88.65 79.16 -4.38
N SER F 32 -87.71 78.24 -4.54
CA SER F 32 -86.89 77.76 -3.43
C SER F 32 -85.43 78.13 -3.67
N GLY F 33 -84.58 77.83 -2.70
CA GLY F 33 -83.15 77.73 -2.94
C GLY F 33 -82.24 77.33 -1.79
N TYR F 34 -81.00 76.97 -2.13
CA TYR F 34 -79.99 76.54 -1.16
C TYR F 34 -78.69 77.35 -1.22
N ALA F 35 -78.11 77.64 -0.06
CA ALA F 35 -76.77 78.22 0.00
C ALA F 35 -75.95 77.54 1.09
N ALA F 36 -74.62 77.61 1.00
CA ALA F 36 -73.78 76.99 2.02
C ALA F 36 -72.83 78.00 2.67
N ASP F 37 -72.66 77.91 3.99
CA ASP F 37 -71.85 78.90 4.70
C ASP F 37 -70.37 78.61 4.52
N LYS F 38 -69.71 79.48 3.75
CA LYS F 38 -68.26 79.41 3.61
C LYS F 38 -67.57 79.39 4.96
N GLU F 39 -67.93 80.35 5.81
CA GLU F 39 -67.34 80.46 7.16
C GLU F 39 -67.24 79.12 7.91
N SER F 40 -68.39 78.47 8.12
CA SER F 40 -68.41 77.21 8.86
C SER F 40 -67.96 75.97 8.06
N THR F 41 -68.39 75.84 6.80
CA THR F 41 -67.99 74.69 5.98
C THR F 41 -66.48 74.68 5.76
N GLN F 42 -65.92 75.83 5.41
CA GLN F 42 -64.48 75.95 5.27
C GLN F 42 -63.72 75.65 6.57
N LYS F 43 -64.20 76.17 7.69
CA LYS F 43 -63.59 75.85 8.99
C LYS F 43 -63.56 74.33 9.29
N ALA F 44 -64.59 73.60 8.83
CA ALA F 44 -64.68 72.16 9.03
C ALA F 44 -63.70 71.39 8.14
N ILE F 45 -63.57 71.81 6.89
CA ILE F 45 -62.55 71.27 6.00
C ILE F 45 -61.19 71.36 6.69
N ASP F 46 -60.84 72.55 7.17
CA ASP F 46 -59.58 72.72 7.87
C ASP F 46 -59.50 71.82 9.10
N GLY F 47 -60.65 71.61 9.74
CA GLY F 47 -60.73 70.67 10.85
C GLY F 47 -60.25 69.28 10.49
N VAL F 48 -61.06 68.55 9.73
CA VAL F 48 -60.73 67.14 9.49
C VAL F 48 -59.47 66.93 8.67
N THR F 49 -59.13 67.88 7.82
CA THR F 49 -57.86 67.78 7.12
C THR F 49 -56.72 67.76 8.14
N ASN F 50 -56.78 68.64 9.12
CA ASN F 50 -55.80 68.65 10.22
C ASN F 50 -55.83 67.38 11.07
N LYS F 51 -57.03 66.88 11.35
CA LYS F 51 -57.16 65.62 12.08
C LYS F 51 -56.43 64.48 11.36
N VAL F 52 -56.74 64.30 10.07
CA VAL F 52 -56.12 63.26 9.24
C VAL F 52 -54.59 63.32 9.26
N ASN F 53 -54.04 64.49 8.93
CA ASN F 53 -52.59 64.59 8.81
C ASN F 53 -51.86 64.56 10.15
N SER F 54 -52.59 64.70 11.26
CA SER F 54 -51.97 64.55 12.56
C SER F 54 -52.05 63.11 13.04
N ILE F 55 -53.05 62.37 12.56
CA ILE F 55 -53.09 60.94 12.84
C ILE F 55 -51.98 60.23 12.07
N ILE F 56 -51.89 60.51 10.77
CA ILE F 56 -50.80 60.03 9.92
C ILE F 56 -49.39 60.40 10.45
N ASP F 57 -49.21 61.64 10.90
CA ASP F 57 -47.93 62.10 11.45
C ASP F 57 -47.58 61.52 12.83
N LYS F 58 -48.61 61.23 13.62
CA LYS F 58 -48.38 60.66 14.95
C LYS F 58 -47.86 59.22 14.90
N MET F 59 -48.09 58.55 13.78
CA MET F 59 -47.67 57.16 13.61
C MET F 59 -46.86 57.00 12.31
N ASN F 60 -45.82 57.83 12.16
CA ASN F 60 -44.98 57.75 10.96
C ASN F 60 -43.58 57.16 11.19
N THR F 61 -43.07 57.27 12.43
CA THR F 61 -42.08 56.30 12.89
C THR F 61 -42.85 55.42 13.85
N GLN F 62 -42.91 54.13 13.57
CA GLN F 62 -43.67 53.19 14.41
C GLN F 62 -42.76 52.06 14.87
N PHE F 63 -42.92 50.89 14.27
CA PHE F 63 -42.08 49.75 14.61
C PHE F 63 -41.82 48.88 13.39
N GLU F 64 -40.56 48.85 12.94
CA GLU F 64 -40.13 47.98 11.86
C GLU F 64 -39.80 46.61 12.45
N ALA F 65 -39.95 45.56 11.65
CA ALA F 65 -39.69 44.21 12.14
C ALA F 65 -38.61 43.52 11.31
N VAL F 66 -37.36 43.57 11.77
CA VAL F 66 -36.30 42.87 11.03
C VAL F 66 -36.28 41.34 11.30
N GLY F 67 -35.92 40.58 10.26
CA GLY F 67 -35.78 39.14 10.35
C GLY F 67 -34.50 38.64 11.00
N ARG F 68 -34.66 37.92 12.10
CA ARG F 68 -33.56 37.23 12.74
C ARG F 68 -33.96 35.78 12.75
N GLU F 69 -32.98 34.92 12.50
CA GLU F 69 -33.25 33.49 12.52
C GLU F 69 -32.50 32.89 13.71
N PHE F 70 -33.09 31.86 14.31
CA PHE F 70 -32.43 31.20 15.41
C PHE F 70 -32.33 29.72 15.14
N ASN F 71 -31.28 29.09 15.64
CA ASN F 71 -31.16 27.66 15.44
C ASN F 71 -31.95 26.87 16.47
N ASN F 72 -31.63 25.59 16.51
CA ASN F 72 -32.38 24.56 17.19
C ASN F 72 -32.25 24.57 18.72
N LEU F 73 -31.14 25.12 19.22
CA LEU F 73 -30.90 25.21 20.65
C LEU F 73 -31.10 26.63 21.15
N GLU F 74 -31.92 27.39 20.43
CA GLU F 74 -32.11 28.78 20.78
C GLU F 74 -33.58 29.10 20.79
N ARG F 75 -34.38 28.09 21.13
CA ARG F 75 -35.83 28.23 21.09
C ARG F 75 -36.36 29.26 22.10
N ARG F 76 -35.65 29.43 23.21
CA ARG F 76 -35.95 30.49 24.17
C ARG F 76 -35.77 31.88 23.56
N ILE F 77 -34.61 32.21 23.00
CA ILE F 77 -34.52 33.54 22.45
C ILE F 77 -35.32 33.63 21.20
N GLU F 78 -35.63 32.51 20.57
CA GLU F 78 -36.39 32.66 19.35
C GLU F 78 -37.83 33.02 19.66
N ASN F 79 -38.34 32.40 20.71
CA ASN F 79 -39.65 32.74 21.23
C ASN F 79 -39.68 34.16 21.77
N LEU F 80 -38.66 34.54 22.53
CA LEU F 80 -38.54 35.91 23.00
C LEU F 80 -38.67 36.87 21.80
N ASN F 81 -37.85 36.65 20.78
CA ASN F 81 -37.90 37.44 19.57
C ASN F 81 -39.30 37.49 19.02
N LYS F 82 -39.92 36.32 18.88
CA LYS F 82 -41.24 36.25 18.28
C LYS F 82 -42.29 37.03 19.09
N LYS F 83 -42.35 36.80 20.39
CA LYS F 83 -43.38 37.45 21.17
C LYS F 83 -43.11 38.93 21.43
N MET F 84 -41.86 39.37 21.27
CA MET F 84 -41.64 40.80 21.29
C MET F 84 -42.14 41.43 19.98
N GLU F 85 -41.76 40.84 18.83
CA GLU F 85 -42.20 41.41 17.56
C GLU F 85 -43.72 41.36 17.40
N ASP F 86 -44.30 40.22 17.73
CA ASP F 86 -45.75 40.10 17.81
C ASP F 86 -46.31 41.17 18.73
N GLY F 87 -45.87 41.17 19.98
CA GLY F 87 -46.40 42.08 20.97
C GLY F 87 -46.45 43.54 20.55
N PHE F 88 -45.38 44.04 19.95
CA PHE F 88 -45.39 45.41 19.47
C PHE F 88 -46.42 45.61 18.39
N LEU F 89 -46.34 44.75 17.38
CA LEU F 89 -47.31 44.76 16.29
C LEU F 89 -48.75 44.77 16.84
N ASP F 90 -48.98 44.15 17.99
CA ASP F 90 -50.30 44.18 18.60
C ASP F 90 -50.66 45.49 19.30
N VAL F 91 -49.74 46.10 20.05
CA VAL F 91 -50.09 47.39 20.65
C VAL F 91 -50.20 48.51 19.59
N TRP F 92 -49.44 48.43 18.50
CA TRP F 92 -49.58 49.43 17.45
C TRP F 92 -50.88 49.26 16.68
N THR F 93 -51.32 48.01 16.53
CA THR F 93 -52.58 47.70 15.86
C THR F 93 -53.74 48.18 16.72
N TYR F 94 -53.62 47.96 18.02
CA TYR F 94 -54.60 48.47 18.96
C TYR F 94 -54.66 49.99 18.84
N ASN F 95 -53.52 50.64 18.99
CA ASN F 95 -53.47 52.10 18.94
C ASN F 95 -54.13 52.69 17.70
N ALA F 96 -53.78 52.18 16.53
CA ALA F 96 -54.46 52.61 15.31
C ALA F 96 -55.99 52.40 15.38
N GLU F 97 -56.45 51.20 15.75
CA GLU F 97 -57.91 50.98 15.80
C GLU F 97 -58.66 51.84 16.85
N LEU F 98 -58.08 51.96 18.03
CA LEU F 98 -58.59 52.82 19.10
C LEU F 98 -58.67 54.31 18.71
N LEU F 99 -57.54 54.86 18.28
CA LEU F 99 -57.46 56.24 17.80
C LEU F 99 -58.50 56.53 16.72
N VAL F 100 -58.63 55.61 15.76
CA VAL F 100 -59.67 55.78 14.75
C VAL F 100 -61.09 55.85 15.34
N LEU F 101 -61.51 54.89 16.19
CA LEU F 101 -62.86 54.89 16.78
C LEU F 101 -63.19 56.19 17.52
N MET F 102 -62.22 56.61 18.34
CA MET F 102 -62.36 57.86 19.08
C MET F 102 -62.48 59.04 18.14
N GLU F 103 -61.56 59.18 17.20
CA GLU F 103 -61.62 60.34 16.33
C GLU F 103 -62.85 60.37 15.45
N ASN F 104 -63.35 59.20 15.08
CA ASN F 104 -64.60 59.14 14.35
C ASN F 104 -65.74 59.71 15.15
N GLU F 105 -65.90 59.24 16.38
CA GLU F 105 -66.95 59.81 17.21
C GLU F 105 -66.78 61.34 17.38
N ARG F 106 -65.60 61.76 17.84
CA ARG F 106 -65.35 63.18 18.09
C ARG F 106 -65.51 64.03 16.82
N THR F 107 -65.41 63.40 15.66
CA THR F 107 -65.66 64.09 14.41
C THR F 107 -67.15 64.25 14.08
N LEU F 108 -67.92 63.17 14.23
CA LEU F 108 -69.36 63.27 14.03
C LEU F 108 -69.94 64.37 14.93
N ASP F 109 -69.55 64.32 16.20
CA ASP F 109 -70.00 65.33 17.14
C ASP F 109 -69.52 66.72 16.74
N PHE F 110 -68.37 66.79 16.07
CA PHE F 110 -67.85 68.06 15.56
C PHE F 110 -68.78 68.68 14.52
N HIS F 111 -69.19 67.88 13.55
CA HIS F 111 -70.14 68.36 12.54
C HIS F 111 -71.47 68.79 13.17
N ASP F 112 -72.00 67.94 14.05
CA ASP F 112 -73.18 68.29 14.84
C ASP F 112 -73.05 69.67 15.50
N SER F 113 -71.97 69.84 16.28
CA SER F 113 -71.58 71.14 16.82
C SER F 113 -71.69 72.26 15.80
N ASN F 114 -71.03 72.11 14.65
CA ASN F 114 -71.08 73.16 13.63
C ASN F 114 -72.50 73.52 13.19
N VAL F 115 -73.35 72.51 13.08
CA VAL F 115 -74.76 72.76 12.79
C VAL F 115 -75.42 73.59 13.89
N LYS F 116 -75.45 73.08 15.11
CA LYS F 116 -76.09 73.82 16.22
C LYS F 116 -75.55 75.25 16.38
N ASN F 117 -74.27 75.46 16.05
CA ASN F 117 -73.69 76.80 16.14
C ASN F 117 -74.06 77.73 14.98
N LEU F 118 -74.40 77.13 13.84
CA LEU F 118 -74.97 77.88 12.73
C LEU F 118 -76.41 78.33 13.04
N TYR F 119 -77.22 77.35 13.45
CA TYR F 119 -78.59 77.61 13.89
C TYR F 119 -78.62 78.71 14.94
N ASP F 120 -77.65 78.68 15.84
CA ASP F 120 -77.52 79.75 16.82
C ASP F 120 -77.04 81.09 16.24
N LYS F 121 -76.19 81.05 15.21
CA LYS F 121 -75.81 82.32 14.56
C LYS F 121 -77.01 83.04 13.94
N VAL F 122 -77.90 82.29 13.29
CA VAL F 122 -79.11 82.89 12.72
C VAL F 122 -80.14 83.30 13.78
N ARG F 123 -80.45 82.37 14.67
CA ARG F 123 -81.39 82.63 15.76
C ARG F 123 -80.99 83.90 16.53
N LEU F 124 -79.69 84.06 16.81
CA LEU F 124 -79.20 85.24 17.53
C LEU F 124 -79.22 86.53 16.70
N GLN F 125 -79.86 86.49 15.53
CA GLN F 125 -80.09 87.68 14.71
C GLN F 125 -81.58 87.97 14.58
N LEU F 126 -82.34 86.93 14.24
CA LEU F 126 -83.79 87.10 13.95
C LEU F 126 -84.71 87.11 15.18
N ARG F 127 -84.12 87.39 16.35
CA ARG F 127 -84.80 87.34 17.65
C ARG F 127 -86.35 87.50 17.65
N ASP F 128 -86.81 88.70 17.31
CA ASP F 128 -88.24 89.03 17.31
C ASP F 128 -88.86 88.80 15.95
N ASN F 129 -88.07 89.08 14.92
CA ASN F 129 -88.57 89.18 13.54
C ASN F 129 -88.85 87.83 12.87
N ALA F 130 -88.72 86.75 13.65
CA ALA F 130 -89.11 85.43 13.19
C ALA F 130 -89.48 84.56 14.39
N LYS F 131 -90.21 83.48 14.13
CA LYS F 131 -90.51 82.47 15.16
C LYS F 131 -89.78 81.14 14.88
N GLU F 132 -89.20 80.56 15.92
CA GLU F 132 -88.66 79.21 15.86
C GLU F 132 -89.76 78.19 15.58
N LEU F 133 -89.72 77.56 14.41
CA LEU F 133 -90.73 76.55 14.08
C LEU F 133 -90.60 75.31 14.98
N GLY F 134 -89.41 74.70 14.98
CA GLY F 134 -89.12 73.54 15.81
C GLY F 134 -88.30 72.49 15.08
N ASN F 135 -88.27 72.60 13.75
CA ASN F 135 -87.53 71.67 12.94
C ASN F 135 -86.39 72.38 12.21
N GLY F 136 -85.89 73.43 12.84
CA GLY F 136 -84.70 74.11 12.37
C GLY F 136 -85.01 75.29 11.47
N CYS F 137 -86.27 75.68 11.42
CA CYS F 137 -86.71 76.74 10.53
C CYS F 137 -87.32 77.93 11.24
N PHE F 138 -87.20 79.09 10.61
CA PHE F 138 -87.71 80.34 11.16
C PHE F 138 -88.79 80.93 10.25
N GLU F 139 -90.02 81.09 10.76
CA GLU F 139 -91.07 81.76 9.99
C GLU F 139 -91.01 83.27 10.21
N PHE F 140 -91.15 84.04 9.13
CA PHE F 140 -90.93 85.48 9.17
C PHE F 140 -92.15 86.33 9.55
N TYR F 141 -91.94 87.24 10.51
CA TYR F 141 -92.94 88.24 10.88
C TYR F 141 -92.92 89.41 9.90
N HIS F 142 -91.90 89.42 9.03
CA HIS F 142 -91.90 90.30 7.87
C HIS F 142 -91.77 89.56 6.52
N LYS F 143 -91.47 90.33 5.47
CA LYS F 143 -91.23 89.76 4.15
C LYS F 143 -89.71 89.74 3.95
N CYS F 144 -89.16 88.61 3.53
CA CYS F 144 -87.72 88.56 3.30
C CYS F 144 -87.40 87.99 1.91
N ASP F 145 -87.20 88.83 0.89
CA ASP F 145 -86.71 88.24 -0.35
C ASP F 145 -85.19 88.09 -0.32
N ASN F 146 -84.59 88.09 -1.50
CA ASN F 146 -83.25 87.56 -1.71
C ASN F 146 -82.11 88.37 -1.08
N GLU F 147 -82.26 89.69 -1.08
CA GLU F 147 -81.20 90.58 -0.64
C GLU F 147 -81.21 90.75 0.88
N CYS F 148 -82.37 90.54 1.48
CA CYS F 148 -82.47 90.50 2.94
C CYS F 148 -81.63 89.33 3.48
N MET F 149 -81.74 88.20 2.78
CA MET F 149 -80.95 87.02 3.10
C MET F 149 -79.42 87.30 3.13
N GLU F 150 -79.04 88.58 2.91
CA GLU F 150 -77.65 89.10 2.86
C GLU F 150 -76.86 89.31 4.17
N SER F 151 -77.17 90.40 4.89
CA SER F 151 -76.32 90.85 6.00
C SER F 151 -76.28 89.86 7.19
N ILE F 152 -76.95 88.73 7.00
CA ILE F 152 -76.84 87.56 7.87
C ILE F 152 -75.54 86.83 7.55
N ARG F 153 -75.20 86.78 6.26
CA ARG F 153 -74.03 86.06 5.74
C ARG F 153 -72.71 86.56 6.35
N ASN F 154 -72.58 87.89 6.45
CA ASN F 154 -71.46 88.52 7.15
C ASN F 154 -71.72 88.70 8.65
N GLY F 155 -71.52 89.92 9.14
CA GLY F 155 -71.81 90.22 10.53
C GLY F 155 -73.28 90.48 10.82
N THR F 156 -73.70 91.73 10.62
CA THR F 156 -74.96 92.22 11.18
C THR F 156 -76.14 92.44 10.20
N TYR F 157 -76.96 91.39 10.00
CA TYR F 157 -78.34 91.53 9.51
C TYR F 157 -79.05 92.70 10.18
N ASN F 158 -79.76 93.51 9.39
CA ASN F 158 -80.42 94.72 9.91
C ASN F 158 -81.63 94.43 10.79
N TYR F 159 -81.44 94.68 12.09
CA TYR F 159 -82.52 94.54 13.06
C TYR F 159 -83.49 95.75 13.13
N PRO F 160 -82.98 97.00 13.03
CA PRO F 160 -83.86 98.16 12.86
C PRO F 160 -85.05 97.91 11.93
N GLN F 161 -86.05 97.27 12.52
CA GLN F 161 -87.35 96.99 11.92
C GLN F 161 -88.32 96.69 13.07
N TYR F 162 -89.57 97.11 12.91
CA TYR F 162 -90.69 96.91 13.84
C TYR F 162 -90.84 95.48 14.39
N SER F 163 -92.07 95.01 14.47
CA SER F 163 -92.35 93.58 14.63
C SER F 163 -93.74 93.19 14.12
N GLU F 164 -94.79 93.64 14.81
CA GLU F 164 -96.14 93.19 14.53
C GLU F 164 -96.70 93.77 13.23
N GLN G 1 81.26 -85.50 20.64
CA GLN G 1 81.29 -86.69 21.48
C GLN G 1 82.25 -87.76 20.91
N ASP G 2 82.93 -87.44 19.81
CA ASP G 2 83.75 -88.42 19.05
C ASP G 2 85.31 -88.22 19.08
N GLN G 3 86.07 -89.06 18.36
CA GLN G 3 87.54 -89.15 18.60
C GLN G 3 88.49 -89.81 17.59
N ILE G 4 89.79 -89.70 17.88
CA ILE G 4 90.88 -90.43 17.20
C ILE G 4 91.94 -90.87 18.23
N CYS G 5 92.42 -92.10 18.09
CA CYS G 5 93.35 -92.66 19.07
C CYS G 5 94.72 -93.03 18.48
N ILE G 6 95.72 -93.20 19.36
CA ILE G 6 97.01 -93.75 18.96
C ILE G 6 97.37 -94.99 19.82
N GLY G 7 97.83 -96.06 19.19
CA GLY G 7 98.13 -97.28 19.89
C GLY G 7 99.07 -98.21 19.13
N TYR G 8 99.49 -99.29 19.77
CA TYR G 8 100.47 -100.20 19.19
C TYR G 8 99.95 -101.63 19.09
N HIS G 9 100.78 -102.50 18.53
CA HIS G 9 100.42 -103.91 18.27
C HIS G 9 100.41 -104.73 19.56
N ALA G 10 99.49 -105.67 19.60
CA ALA G 10 99.58 -106.80 20.53
C ALA G 10 99.13 -108.01 19.70
N ASN G 11 99.65 -109.20 20.02
CA ASN G 11 99.13 -110.39 19.37
C ASN G 11 99.15 -111.66 20.22
N ASN G 12 99.08 -112.81 19.54
CA ASN G 12 98.94 -114.10 20.22
C ASN G 12 100.23 -114.93 20.38
N SER G 13 101.38 -114.24 20.49
CA SER G 13 102.63 -114.93 20.81
C SER G 13 103.02 -114.58 22.25
N THR G 14 103.29 -115.54 23.11
CA THR G 14 103.81 -115.10 24.41
C THR G 14 105.29 -115.41 24.63
N GLU G 15 106.02 -115.44 23.51
CA GLU G 15 107.47 -115.61 23.48
C GLU G 15 108.22 -114.57 24.29
N GLN G 16 108.62 -114.95 25.49
CA GLN G 16 109.34 -114.06 26.40
C GLN G 16 110.80 -113.90 25.97
N VAL G 17 111.38 -112.76 26.33
CA VAL G 17 112.82 -112.51 26.18
C VAL G 17 113.32 -111.77 27.43
N ASP G 18 114.64 -111.60 27.55
CA ASP G 18 115.22 -111.03 28.76
C ASP G 18 115.90 -109.69 28.51
N THR G 19 115.78 -108.78 29.47
CA THR G 19 116.58 -107.56 29.47
C THR G 19 117.54 -107.58 30.64
N ILE G 20 118.30 -106.50 30.76
CA ILE G 20 119.14 -106.33 31.93
C ILE G 20 118.25 -106.06 33.16
N MET G 21 117.09 -105.44 32.87
CA MET G 21 116.10 -104.92 33.83
C MET G 21 114.90 -105.82 34.25
N GLU G 22 114.68 -106.95 33.55
CA GLU G 22 113.55 -107.85 33.81
C GLU G 22 113.63 -109.15 32.98
N LYS G 23 113.21 -110.26 33.58
CA LYS G 23 113.26 -111.57 32.91
C LYS G 23 111.89 -112.00 32.37
N ASN G 24 111.91 -112.98 31.45
CA ASN G 24 110.71 -113.64 30.94
C ASN G 24 109.61 -112.65 30.50
N VAL G 25 110.03 -111.61 29.78
CA VAL G 25 109.12 -110.54 29.35
C VAL G 25 108.52 -110.81 27.98
N THR G 26 107.23 -111.13 27.96
CA THR G 26 106.54 -111.51 26.73
C THR G 26 106.59 -110.42 25.64
N VAL G 27 106.84 -110.80 24.39
CA VAL G 27 106.81 -109.84 23.27
C VAL G 27 106.08 -110.35 22.01
N THR G 28 105.93 -109.45 21.03
CA THR G 28 105.14 -109.77 19.82
C THR G 28 105.93 -110.63 18.84
N HIS G 29 107.02 -110.06 18.31
CA HIS G 29 107.96 -110.79 17.44
C HIS G 29 109.30 -110.95 18.14
N ALA G 30 109.90 -112.12 17.99
CA ALA G 30 111.20 -112.42 18.59
C ALA G 30 111.99 -113.33 17.66
N GLN G 31 113.29 -113.08 17.54
CA GLN G 31 114.12 -113.89 16.68
C GLN G 31 115.08 -114.72 17.50
N ASP G 32 115.25 -115.97 17.11
CA ASP G 32 116.18 -116.85 17.81
C ASP G 32 117.51 -116.92 17.06
N ILE G 33 118.62 -116.71 17.76
CA ILE G 33 119.94 -116.72 17.11
C ILE G 33 120.91 -117.79 17.60
N LEU G 34 120.40 -118.77 18.34
CA LEU G 34 121.21 -119.88 18.86
C LEU G 34 120.72 -121.22 18.29
N GLU G 35 121.60 -122.00 17.70
CA GLU G 35 121.21 -123.29 17.14
C GLU G 35 121.54 -124.41 18.12
N LYS G 36 120.56 -125.24 18.44
CA LYS G 36 120.70 -126.26 19.49
C LYS G 36 120.41 -127.68 18.99
N THR G 37 120.59 -127.89 17.70
CA THR G 37 120.18 -129.14 17.05
C THR G 37 121.23 -129.68 16.10
N HIS G 38 121.65 -130.92 16.32
CA HIS G 38 122.50 -131.61 15.36
C HIS G 38 121.79 -132.84 14.82
N ASN G 39 122.41 -133.51 13.86
CA ASN G 39 121.77 -134.67 13.27
C ASN G 39 122.32 -136.00 13.80
N GLY G 40 123.20 -135.90 14.80
CA GLY G 40 123.76 -137.07 15.46
C GLY G 40 124.60 -137.97 14.56
N LYS G 41 125.00 -137.45 13.40
CA LYS G 41 125.68 -138.23 12.37
C LYS G 41 127.03 -137.62 11.98
N LEU G 42 127.94 -138.48 11.54
CA LEU G 42 129.21 -138.03 10.99
C LEU G 42 129.15 -137.98 9.47
N CYS G 43 129.18 -136.78 8.91
CA CYS G 43 128.93 -136.59 7.48
C CYS G 43 130.17 -136.26 6.66
N ASP G 44 130.02 -136.25 5.34
CA ASP G 44 131.03 -135.68 4.47
C ASP G 44 130.99 -134.20 4.68
N LEU G 45 132.13 -133.55 4.55
CA LEU G 45 132.18 -132.11 4.57
C LEU G 45 132.28 -131.66 3.12
N ASP G 46 131.15 -131.19 2.57
CA ASP G 46 131.05 -130.75 1.18
C ASP G 46 131.53 -131.81 0.19
N GLY G 47 131.00 -133.03 0.32
CA GLY G 47 131.27 -134.07 -0.65
C GLY G 47 132.56 -134.86 -0.48
N VAL G 48 133.50 -134.35 0.29
CA VAL G 48 134.69 -135.15 0.57
C VAL G 48 134.61 -135.81 1.96
N LYS G 49 134.78 -137.14 1.96
CA LYS G 49 134.38 -138.02 3.06
C LYS G 49 135.47 -138.20 4.11
N PRO G 50 135.07 -138.27 5.40
CA PRO G 50 136.09 -138.36 6.46
C PRO G 50 136.81 -139.71 6.54
N LEU G 51 138.01 -139.66 7.12
CA LEU G 51 138.74 -140.85 7.51
C LEU G 51 138.29 -141.20 8.90
N ILE G 52 137.58 -142.31 9.00
CA ILE G 52 137.22 -142.81 10.30
C ILE G 52 137.97 -144.09 10.52
N LEU G 53 139.08 -143.97 11.26
CA LEU G 53 139.74 -145.11 11.87
C LEU G 53 138.66 -145.70 12.75
N ARG G 54 138.58 -147.02 12.85
CA ARG G 54 137.50 -147.53 13.67
C ARG G 54 137.99 -147.75 15.08
N ASP G 55 138.74 -148.83 15.24
CA ASP G 55 139.29 -149.20 16.52
C ASP G 55 140.78 -149.02 16.42
N CYS G 56 141.18 -148.24 15.42
CA CYS G 56 142.58 -147.93 15.20
C CYS G 56 142.91 -146.53 15.69
N SER G 57 144.15 -146.38 16.16
CA SER G 57 144.72 -145.09 16.47
C SER G 57 145.51 -144.63 15.25
N VAL G 58 146.01 -143.41 15.28
CA VAL G 58 146.84 -142.91 14.21
C VAL G 58 148.09 -143.78 14.12
N ALA G 59 148.58 -144.25 15.26
CA ALA G 59 149.81 -145.02 15.26
C ALA G 59 149.65 -146.37 14.54
N GLY G 60 148.51 -147.02 14.74
CA GLY G 60 148.28 -148.31 14.11
C GLY G 60 148.05 -148.15 12.64
N TRP G 61 147.36 -147.09 12.27
CA TRP G 61 147.15 -146.76 10.88
C TRP G 61 148.48 -146.52 10.18
N LEU G 62 149.22 -145.53 10.66
CA LEU G 62 150.46 -145.14 10.01
C LEU G 62 151.50 -146.25 9.98
N LEU G 63 151.59 -147.02 11.04
CA LEU G 63 152.66 -148.02 11.10
C LEU G 63 152.27 -149.31 10.41
N GLY G 64 150.97 -149.53 10.26
CA GLY G 64 150.46 -150.73 9.64
C GLY G 64 150.15 -151.87 10.60
N ASN G 65 149.32 -151.61 11.60
CA ASN G 65 148.86 -152.67 12.49
C ASN G 65 148.19 -153.69 11.59
N PRO G 66 148.49 -154.97 11.77
CA PRO G 66 147.82 -155.95 10.92
C PRO G 66 146.34 -156.07 11.26
N MET G 67 145.88 -155.35 12.27
CA MET G 67 144.47 -155.27 12.55
C MET G 67 143.88 -154.01 11.92
N CYS G 68 144.64 -153.39 11.02
CA CYS G 68 144.28 -152.06 10.51
C CYS G 68 144.32 -151.96 8.99
N ASP G 69 144.12 -153.08 8.32
CA ASP G 69 144.19 -153.13 6.85
C ASP G 69 143.07 -152.40 6.12
N GLU G 70 141.95 -152.14 6.80
CA GLU G 70 140.90 -151.30 6.23
C GLU G 70 141.54 -150.00 5.71
N PHE G 71 142.62 -149.58 6.37
CA PHE G 71 143.28 -148.34 6.05
C PHE G 71 144.66 -148.51 5.39
N ILE G 72 144.88 -149.65 4.73
CA ILE G 72 146.11 -149.83 3.96
C ILE G 72 146.28 -148.70 2.95
N ASN G 73 145.20 -148.38 2.26
CA ASN G 73 145.23 -147.28 1.31
C ASN G 73 144.05 -146.38 1.45
N VAL G 74 144.33 -145.17 1.89
CA VAL G 74 143.28 -144.26 2.29
C VAL G 74 143.19 -143.08 1.31
N PRO G 75 142.00 -142.84 0.78
CA PRO G 75 141.79 -141.74 -0.16
C PRO G 75 141.88 -140.40 0.53
N GLU G 76 141.94 -139.32 -0.25
CA GLU G 76 141.83 -137.96 0.29
C GLU G 76 140.69 -137.86 1.32
N TRP G 77 140.99 -137.24 2.46
CA TRP G 77 140.01 -137.10 3.53
C TRP G 77 139.77 -135.64 3.91
N SER G 78 138.63 -135.40 4.53
CA SER G 78 138.22 -134.06 4.94
C SER G 78 138.61 -133.78 6.41
N TYR G 79 138.52 -134.82 7.24
CA TYR G 79 138.90 -134.71 8.65
C TYR G 79 138.96 -136.14 9.17
N ILE G 80 139.60 -136.34 10.32
CA ILE G 80 139.84 -137.69 10.82
C ILE G 80 139.10 -137.94 12.14
N VAL G 81 138.56 -139.13 12.34
CA VAL G 81 137.90 -139.45 13.59
C VAL G 81 138.56 -140.63 14.31
N GLU G 82 139.05 -140.39 15.52
CA GLU G 82 139.68 -141.39 16.34
C GLU G 82 138.82 -141.58 17.57
N LYS G 83 138.70 -142.80 18.06
CA LYS G 83 137.92 -142.98 19.27
C LYS G 83 138.74 -142.54 20.48
N ALA G 84 138.11 -142.42 21.64
CA ALA G 84 138.75 -141.92 22.87
C ALA G 84 139.91 -142.82 23.26
N ASN G 85 139.69 -144.11 22.96
CA ASN G 85 140.51 -145.20 23.45
C ASN G 85 140.60 -146.33 22.45
N PRO G 86 141.18 -146.07 21.27
CA PRO G 86 141.25 -147.04 20.18
C PRO G 86 141.95 -148.32 20.63
N THR G 87 141.37 -149.49 20.33
CA THR G 87 141.95 -150.77 20.79
C THR G 87 143.17 -151.24 20.00
N ASN G 88 143.26 -150.82 18.74
CA ASN G 88 144.39 -151.19 17.90
C ASN G 88 145.48 -150.11 17.76
N ASP G 89 146.36 -150.04 18.75
CA ASP G 89 147.43 -149.04 18.76
C ASP G 89 148.77 -149.74 18.39
N LEU G 90 149.69 -149.78 19.34
CA LEU G 90 150.95 -150.47 19.18
C LEU G 90 150.79 -151.88 19.70
N CYS G 91 150.71 -152.83 18.78
CA CYS G 91 150.49 -154.23 19.14
C CYS G 91 151.76 -154.85 19.74
N TYR G 92 152.93 -154.48 19.24
CA TYR G 92 154.16 -154.81 19.94
C TYR G 92 154.44 -153.62 20.84
N PRO G 93 154.55 -153.85 22.17
CA PRO G 93 154.66 -152.77 23.13
C PRO G 93 155.86 -151.84 22.93
N GLY G 94 155.64 -150.56 23.21
CA GLY G 94 156.70 -149.60 23.08
C GLY G 94 156.15 -148.21 22.90
N SER G 95 156.91 -147.36 22.24
CA SER G 95 156.52 -145.98 22.11
C SER G 95 156.75 -145.41 20.71
N PHE G 96 156.09 -144.28 20.45
CA PHE G 96 156.15 -143.61 19.15
C PHE G 96 156.57 -142.19 19.42
N ASN G 97 157.82 -141.88 19.19
CA ASN G 97 158.34 -140.53 19.41
C ASN G 97 157.62 -139.41 18.75
N ASP G 98 157.57 -138.28 19.45
CA ASP G 98 156.91 -137.09 18.95
C ASP G 98 155.57 -137.45 18.36
N TYR G 99 154.73 -138.04 19.16
CA TYR G 99 153.50 -138.54 18.63
C TYR G 99 152.46 -137.44 18.47
N GLU G 100 152.36 -136.57 19.48
CA GLU G 100 151.34 -135.53 19.44
C GLU G 100 151.69 -134.46 18.41
N GLU G 101 152.97 -134.37 18.09
CA GLU G 101 153.41 -133.41 17.09
C GLU G 101 153.03 -133.91 15.70
N LEU G 102 153.06 -135.23 15.54
CA LEU G 102 152.70 -135.88 14.28
C LEU G 102 151.18 -135.89 14.11
N LYS G 103 150.45 -136.09 15.20
CA LYS G 103 149.01 -135.88 15.14
C LYS G 103 148.71 -134.40 14.83
N TYR G 104 149.56 -133.48 15.29
CA TYR G 104 149.33 -132.09 14.93
C TYR G 104 149.56 -131.83 13.42
N LEU G 105 150.63 -132.40 12.86
CA LEU G 105 150.84 -132.39 11.40
C LEU G 105 149.64 -132.91 10.64
N LEU G 106 149.08 -134.02 11.11
CA LEU G 106 147.94 -134.63 10.46
C LEU G 106 146.72 -133.72 10.40
N SER G 107 146.60 -132.79 11.33
CA SER G 107 145.48 -131.87 11.30
C SER G 107 145.66 -130.86 10.17
N ARG G 108 146.78 -130.96 9.44
CA ARG G 108 147.07 -130.04 8.34
C ARG G 108 147.26 -130.75 7.00
N ILE G 109 146.76 -131.97 6.87
CA ILE G 109 146.95 -132.79 5.67
C ILE G 109 145.61 -133.42 5.29
N ASN G 110 145.33 -133.52 3.99
CA ASN G 110 144.09 -134.17 3.55
C ASN G 110 144.31 -135.43 2.76
N HIS G 111 145.58 -135.73 2.45
CA HIS G 111 145.84 -136.83 1.54
C HIS G 111 147.29 -137.36 1.53
N PHE G 112 147.45 -138.65 1.84
CA PHE G 112 148.73 -139.35 1.77
C PHE G 112 148.70 -140.26 0.57
N GLU G 113 149.86 -140.48 -0.03
CA GLU G 113 149.96 -141.52 -1.02
C GLU G 113 151.10 -142.44 -0.60
N LYS G 114 150.72 -143.60 -0.07
CA LYS G 114 151.67 -144.59 0.39
C LYS G 114 152.53 -145.05 -0.77
N ILE G 115 153.85 -144.97 -0.64
CA ILE G 115 154.72 -145.52 -1.69
C ILE G 115 155.81 -146.38 -1.07
N GLN G 116 156.18 -147.46 -1.76
CA GLN G 116 157.17 -148.39 -1.22
C GLN G 116 158.56 -147.94 -1.56
N ILE G 117 159.34 -147.63 -0.54
CA ILE G 117 160.63 -146.99 -0.77
C ILE G 117 161.81 -147.94 -0.59
N ILE G 118 161.57 -149.07 0.05
CA ILE G 118 162.57 -150.13 0.14
C ILE G 118 161.88 -151.48 0.15
N PRO G 119 161.92 -152.19 -0.98
CA PRO G 119 161.30 -153.51 -1.16
C PRO G 119 161.78 -154.53 -0.13
N LYS G 120 160.87 -155.37 0.37
CA LYS G 120 161.23 -156.42 1.32
C LYS G 120 162.20 -157.41 0.67
N SER G 121 162.12 -157.48 -0.65
CA SER G 121 163.01 -158.29 -1.47
C SER G 121 164.44 -157.77 -1.51
N SER G 122 164.63 -156.48 -1.27
CA SER G 122 165.94 -155.88 -1.51
C SER G 122 166.98 -156.25 -0.45
N TRP G 123 166.56 -157.00 0.57
CA TRP G 123 167.44 -157.35 1.68
C TRP G 123 168.17 -158.66 1.45
N SER G 124 169.34 -158.57 0.81
CA SER G 124 170.09 -159.77 0.40
C SER G 124 170.75 -160.53 1.55
N ASP G 125 171.34 -159.79 2.49
CA ASP G 125 172.21 -160.42 3.49
C ASP G 125 171.60 -160.49 4.88
N HIS G 126 170.31 -160.17 4.97
CA HIS G 126 169.55 -160.35 6.20
C HIS G 126 168.23 -161.05 5.90
N GLU G 127 167.63 -161.67 6.91
CA GLU G 127 166.30 -162.24 6.78
C GLU G 127 165.27 -161.14 6.96
N ALA G 128 164.28 -161.07 6.07
CA ALA G 128 163.28 -160.02 6.17
C ALA G 128 161.87 -160.58 6.17
N SER G 129 161.72 -161.84 6.57
CA SER G 129 160.41 -162.47 6.51
C SER G 129 160.08 -163.28 7.75
N SER G 130 160.86 -163.06 8.81
CA SER G 130 160.78 -163.89 10.00
C SER G 130 160.67 -162.96 11.18
N GLY G 131 160.38 -161.69 10.87
CA GLY G 131 160.27 -160.65 11.86
C GLY G 131 158.81 -160.42 12.18
N VAL G 132 158.32 -161.20 13.14
CA VAL G 132 156.91 -161.36 13.40
C VAL G 132 156.73 -161.71 14.88
N SER G 133 155.63 -161.24 15.49
CA SER G 133 155.27 -161.58 16.86
C SER G 133 153.85 -162.09 16.96
N SER G 134 153.58 -162.69 18.12
CA SER G 134 152.24 -163.14 18.48
C SER G 134 151.49 -162.00 19.16
N ALA G 135 152.16 -160.86 19.33
CA ALA G 135 151.52 -159.70 19.92
C ALA G 135 150.85 -158.89 18.82
N CYS G 136 151.25 -159.19 17.58
CA CYS G 136 150.73 -158.55 16.39
C CYS G 136 150.15 -159.61 15.49
N PRO G 137 149.09 -160.28 15.94
CA PRO G 137 148.62 -161.44 15.18
C PRO G 137 147.85 -161.00 13.98
N TYR G 138 148.07 -161.64 12.84
CA TYR G 138 147.17 -161.46 11.73
C TYR G 138 146.50 -162.79 11.40
N LEU G 139 145.22 -162.88 11.73
CA LEU G 139 144.46 -164.10 11.50
C LEU G 139 145.06 -165.28 12.20
N GLY G 140 145.43 -165.07 13.46
CA GLY G 140 145.95 -166.13 14.31
C GLY G 140 147.45 -166.34 14.20
N SER G 141 147.97 -166.20 12.99
CA SER G 141 149.39 -166.33 12.72
C SER G 141 150.18 -165.07 13.06
N PRO G 142 151.33 -165.26 13.72
CA PRO G 142 152.26 -164.19 14.13
C PRO G 142 152.56 -163.23 12.99
N SER G 143 152.25 -161.94 13.17
CA SER G 143 152.51 -160.98 12.09
C SER G 143 153.27 -159.79 12.65
N PHE G 144 153.09 -158.63 12.06
CA PHE G 144 153.82 -157.45 12.48
C PHE G 144 153.32 -156.34 11.62
N PHE G 145 153.66 -155.11 12.04
CA PHE G 145 153.43 -153.91 11.25
C PHE G 145 153.79 -154.11 9.76
N ARG G 146 152.96 -153.58 8.87
CA ARG G 146 153.21 -153.78 7.45
C ARG G 146 154.17 -152.73 6.87
N ASN G 147 154.13 -151.51 7.39
CA ASN G 147 154.87 -150.43 6.75
C ASN G 147 156.33 -150.43 7.11
N VAL G 148 156.65 -150.99 8.26
CA VAL G 148 158.04 -151.20 8.61
C VAL G 148 158.32 -152.71 8.56
N VAL G 149 159.60 -153.06 8.65
CA VAL G 149 160.05 -154.46 8.50
C VAL G 149 161.16 -154.78 9.50
N TRP G 150 160.91 -155.80 10.32
CA TRP G 150 161.78 -156.20 11.42
C TRP G 150 162.94 -157.12 11.02
N LEU G 151 163.99 -156.57 10.37
CA LEU G 151 165.13 -157.37 9.90
C LEU G 151 165.85 -158.11 11.03
N ILE G 152 166.23 -159.35 10.78
CA ILE G 152 167.10 -160.10 11.70
C ILE G 152 168.28 -160.78 11.01
N LYS G 153 169.11 -161.45 11.80
CA LYS G 153 170.31 -162.09 11.29
C LYS G 153 170.02 -163.20 10.29
N LYS G 154 170.98 -163.41 9.39
CA LYS G 154 170.96 -164.50 8.42
C LYS G 154 172.32 -165.20 8.35
N ASN G 155 172.29 -166.54 8.42
CA ASN G 155 173.50 -167.35 8.47
C ASN G 155 174.38 -166.95 9.64
N SER G 156 173.74 -166.78 10.79
CA SER G 156 174.39 -166.25 11.99
C SER G 156 175.18 -164.98 11.72
N ALA G 157 174.58 -164.03 11.01
CA ALA G 157 175.31 -162.83 10.65
C ALA G 157 174.43 -161.62 10.30
N TYR G 158 174.66 -160.51 11.01
CA TYR G 158 174.05 -159.23 10.68
C TYR G 158 175.16 -158.30 10.24
N PRO G 159 175.54 -158.36 8.96
CA PRO G 159 176.52 -157.41 8.45
C PRO G 159 175.95 -156.01 8.52
N THR G 160 176.79 -155.02 8.78
CA THR G 160 176.28 -153.67 8.98
C THR G 160 175.63 -153.15 7.70
N ILE G 161 174.40 -152.67 7.85
CA ILE G 161 173.60 -152.10 6.77
C ILE G 161 173.98 -150.66 6.46
N LYS G 162 174.05 -150.31 5.18
CA LYS G 162 174.09 -148.91 4.77
C LYS G 162 173.06 -148.70 3.67
N LYS G 163 171.88 -148.25 4.05
CA LYS G 163 170.86 -147.98 3.04
C LYS G 163 170.65 -146.48 2.95
N SER G 164 170.82 -145.94 1.77
CA SER G 164 170.55 -144.53 1.53
C SER G 164 169.25 -144.37 0.77
N TYR G 165 168.67 -143.19 0.78
CA TYR G 165 167.43 -143.03 0.07
C TYR G 165 167.07 -141.57 -0.29
N ASN G 166 166.92 -141.30 -1.58
CA ASN G 166 166.76 -139.93 -2.07
C ASN G 166 165.34 -139.58 -2.52
N ASN G 167 164.69 -138.64 -1.83
CA ASN G 167 163.32 -138.26 -2.17
C ASN G 167 163.25 -137.40 -3.40
N THR G 168 162.92 -138.03 -4.53
CA THR G 168 162.93 -137.35 -5.82
C THR G 168 161.54 -136.95 -6.29
N ASN G 169 160.63 -136.80 -5.34
CA ASN G 169 159.26 -136.44 -5.68
C ASN G 169 159.10 -134.95 -5.45
N GLN G 170 157.91 -134.45 -5.75
CA GLN G 170 157.68 -133.03 -5.59
C GLN G 170 157.14 -132.76 -4.18
N GLU G 171 156.89 -133.84 -3.45
CA GLU G 171 156.24 -133.75 -2.15
C GLU G 171 157.15 -134.21 -1.05
N ASP G 172 156.87 -133.71 0.14
CA ASP G 172 157.50 -134.21 1.36
C ASP G 172 157.09 -135.67 1.57
N LEU G 173 158.05 -136.47 2.02
CA LEU G 173 157.81 -137.82 2.52
C LEU G 173 157.69 -137.87 4.04
N LEU G 174 156.64 -138.48 4.57
CA LEU G 174 156.68 -138.87 5.96
C LEU G 174 157.32 -140.25 5.96
N VAL G 175 158.43 -140.38 6.69
CA VAL G 175 159.19 -141.65 6.76
C VAL G 175 159.32 -142.19 8.20
N LEU G 176 158.91 -143.43 8.40
CA LEU G 176 158.90 -144.03 9.74
C LEU G 176 159.90 -145.15 9.84
N TRP G 177 160.52 -145.28 11.00
CA TRP G 177 161.40 -146.41 11.29
C TRP G 177 161.41 -146.70 12.77
N GLY G 178 162.23 -147.65 13.19
CA GLY G 178 162.26 -148.01 14.59
C GLY G 178 163.45 -148.81 15.06
N ILE G 179 163.55 -148.93 16.38
CA ILE G 179 164.57 -149.74 16.99
C ILE G 179 163.88 -150.75 17.91
N HIS G 180 164.45 -151.95 17.99
CA HIS G 180 163.93 -152.99 18.86
C HIS G 180 164.78 -153.04 20.11
N HIS G 181 164.13 -152.95 21.26
CA HIS G 181 164.80 -153.04 22.55
C HIS G 181 164.52 -154.41 23.11
N PRO G 182 165.52 -155.27 23.06
CA PRO G 182 165.48 -156.65 23.56
C PRO G 182 165.28 -156.73 25.06
N ASN G 183 164.96 -157.93 25.50
CA ASN G 183 164.73 -158.21 26.89
C ASN G 183 166.01 -158.59 27.63
N ASP G 184 166.94 -159.26 26.93
CA ASP G 184 168.24 -159.66 27.51
C ASP G 184 169.30 -159.97 26.45
N ALA G 185 170.55 -160.13 26.92
CA ALA G 185 171.70 -160.29 26.03
C ALA G 185 171.56 -161.53 25.14
N ALA G 186 170.95 -162.55 25.72
CA ALA G 186 170.69 -163.79 25.00
C ALA G 186 169.79 -163.53 23.78
N GLU G 187 168.71 -162.80 24.03
CA GLU G 187 167.81 -162.40 22.97
C GLU G 187 168.54 -161.61 21.89
N GLN G 188 169.35 -160.66 22.32
CA GLN G 188 170.09 -159.80 21.41
C GLN G 188 170.97 -160.59 20.46
N THR G 189 171.66 -161.62 20.96
CA THR G 189 172.49 -162.41 20.05
C THR G 189 171.64 -163.36 19.19
N ARG G 190 170.61 -163.95 19.79
CA ARG G 190 169.72 -164.83 19.05
C ARG G 190 169.20 -164.14 17.81
N LEU G 191 168.98 -162.82 17.95
CA LEU G 191 168.33 -162.04 16.90
C LEU G 191 169.30 -161.35 15.96
N TYR G 192 170.43 -160.87 16.47
CA TYR G 192 171.32 -160.04 15.66
C TYR G 192 172.82 -160.33 15.77
N GLN G 193 173.17 -161.50 16.29
CA GLN G 193 174.57 -161.85 16.61
C GLN G 193 175.33 -160.80 17.43
N ASN G 194 175.69 -159.68 16.80
CA ASN G 194 176.60 -158.73 17.41
C ASN G 194 176.01 -158.22 18.70
N PRO G 195 176.74 -158.38 19.82
CA PRO G 195 176.27 -158.02 21.16
C PRO G 195 176.02 -156.51 21.32
N THR G 196 176.80 -155.70 20.62
CA THR G 196 176.79 -154.25 20.78
C THR G 196 176.40 -153.58 19.47
N THR G 197 175.24 -152.90 19.45
CA THR G 197 174.70 -152.37 18.19
C THR G 197 174.28 -150.91 18.20
N TYR G 198 173.86 -150.44 17.02
CA TYR G 198 173.43 -149.06 16.85
C TYR G 198 172.61 -148.88 15.57
N ILE G 199 171.87 -147.78 15.50
CA ILE G 199 171.27 -147.31 14.24
C ILE G 199 171.51 -145.81 14.07
N SER G 200 172.39 -145.40 13.15
CA SER G 200 172.53 -143.97 12.87
C SER G 200 171.66 -143.59 11.68
N ILE G 201 171.03 -142.42 11.76
CA ILE G 201 170.14 -141.89 10.72
C ILE G 201 170.44 -140.43 10.45
N GLY G 202 170.71 -140.07 9.20
CA GLY G 202 170.97 -138.69 8.83
C GLY G 202 170.27 -138.16 7.58
N THR G 203 169.76 -136.94 7.70
CA THR G 203 169.28 -136.19 6.53
C THR G 203 170.07 -134.88 6.44
N SER G 204 169.47 -133.82 5.90
CA SER G 204 170.09 -132.50 5.94
C SER G 204 170.02 -131.95 7.37
N THR G 205 169.05 -132.47 8.11
CA THR G 205 168.53 -131.85 9.31
C THR G 205 168.64 -132.79 10.50
N LEU G 206 168.42 -134.07 10.23
CA LEU G 206 168.40 -135.06 11.29
C LEU G 206 169.77 -135.69 11.38
N ASN G 207 170.31 -135.76 12.59
CA ASN G 207 171.55 -136.48 12.81
C ASN G 207 171.47 -137.29 14.11
N GLN G 208 170.76 -138.41 14.10
CA GLN G 208 170.69 -139.22 15.32
C GLN G 208 171.42 -140.57 15.29
N ARG G 209 171.66 -141.11 16.49
CA ARG G 209 172.30 -142.40 16.65
C ARG G 209 171.65 -143.13 17.82
N LEU G 210 171.00 -144.23 17.53
CA LEU G 210 170.21 -144.92 18.51
C LEU G 210 170.94 -146.16 18.97
N VAL G 211 171.04 -146.38 20.27
CA VAL G 211 171.47 -147.68 20.78
C VAL G 211 170.34 -148.32 21.57
N PRO G 212 170.13 -149.62 21.37
CA PRO G 212 169.01 -150.27 22.05
C PRO G 212 169.30 -150.47 23.51
N LYS G 213 168.25 -150.39 24.33
CA LYS G 213 168.36 -150.55 25.76
C LYS G 213 167.92 -151.94 26.14
N ILE G 214 168.88 -152.81 26.43
CA ILE G 214 168.60 -154.16 26.94
C ILE G 214 168.32 -154.09 28.44
N ALA G 215 167.19 -154.69 28.86
CA ALA G 215 166.63 -154.44 30.20
C ALA G 215 165.38 -155.27 30.51
N THR G 216 165.21 -155.64 31.77
CA THR G 216 164.03 -156.39 32.18
C THR G 216 162.88 -155.44 32.46
N ARG G 217 161.74 -155.68 31.79
CA ARG G 217 160.55 -154.86 32.01
C ARG G 217 159.34 -155.74 32.25
N SER G 218 158.27 -155.14 32.76
CA SER G 218 157.03 -155.85 33.00
C SER G 218 156.50 -156.35 31.68
N LYS G 219 155.58 -157.31 31.73
CA LYS G 219 154.98 -157.78 30.49
C LYS G 219 153.84 -156.89 30.03
N VAL G 220 153.83 -156.59 28.74
CA VAL G 220 152.70 -155.96 28.07
C VAL G 220 152.43 -156.78 26.81
N ASN G 221 151.17 -157.18 26.59
CA ASN G 221 150.79 -158.02 25.45
C ASN G 221 151.62 -159.30 25.39
N GLY G 222 152.13 -159.75 26.53
CA GLY G 222 152.95 -160.95 26.56
C GLY G 222 154.44 -160.70 26.56
N LEU G 223 154.87 -159.49 26.24
CA LEU G 223 156.30 -159.21 26.04
C LEU G 223 156.93 -158.21 27.01
N SER G 224 158.21 -158.44 27.28
CA SER G 224 159.03 -157.51 28.06
C SER G 224 159.90 -156.71 27.11
N SER G 225 159.91 -157.12 25.86
CA SER G 225 160.61 -156.43 24.78
C SER G 225 159.87 -155.18 24.39
N ARG G 226 160.56 -154.20 23.86
CA ARG G 226 159.89 -152.99 23.42
C ARG G 226 160.26 -152.64 21.98
N MET G 227 159.37 -151.93 21.30
CA MET G 227 159.71 -151.35 20.01
C MET G 227 159.51 -149.85 20.13
N GLU G 228 160.48 -149.08 19.64
CA GLU G 228 160.41 -147.63 19.71
C GLU G 228 160.49 -147.01 18.33
N PHE G 229 159.51 -146.19 17.99
CA PHE G 229 159.39 -145.71 16.63
C PHE G 229 159.70 -144.27 16.51
N PHE G 230 160.30 -143.93 15.38
CA PHE G 230 160.72 -142.58 15.10
C PHE G 230 160.22 -142.20 13.73
N TRP G 231 160.05 -140.90 13.49
CA TRP G 231 159.61 -140.44 12.19
C TRP G 231 160.35 -139.18 11.75
N THR G 232 160.30 -138.91 10.46
CA THR G 232 160.85 -137.66 9.93
C THR G 232 160.12 -137.19 8.69
N ILE G 233 160.32 -135.94 8.34
CA ILE G 233 159.83 -135.44 7.06
C ILE G 233 160.97 -135.20 6.08
N LEU G 234 161.03 -136.02 5.03
CA LEU G 234 161.99 -135.86 3.95
C LEU G 234 161.58 -134.80 2.93
N LYS G 235 162.43 -133.78 2.80
CA LYS G 235 162.22 -132.69 1.84
C LYS G 235 162.47 -133.16 0.42
N PRO G 236 161.70 -132.62 -0.53
CA PRO G 236 161.92 -133.00 -1.92
C PRO G 236 163.36 -132.68 -2.31
N ASN G 237 164.04 -133.75 -2.76
CA ASN G 237 165.45 -133.76 -3.20
C ASN G 237 166.51 -134.00 -2.14
N ASP G 238 166.07 -134.29 -0.92
CA ASP G 238 167.01 -134.66 0.13
C ASP G 238 167.04 -136.17 0.32
N ALA G 239 168.13 -136.68 0.90
CA ALA G 239 168.25 -138.10 1.17
C ALA G 239 168.28 -138.43 2.66
N ILE G 240 167.76 -139.61 3.00
CA ILE G 240 167.85 -140.18 4.34
C ILE G 240 168.82 -141.37 4.34
N ASN G 241 169.82 -141.34 5.22
CA ASN G 241 170.82 -142.40 5.28
C ASN G 241 170.76 -143.16 6.56
N PHE G 242 170.78 -144.49 6.43
CA PHE G 242 170.60 -145.42 7.51
C PHE G 242 171.82 -146.29 7.58
N GLU G 243 172.38 -146.42 8.78
CA GLU G 243 173.47 -147.36 8.95
C GLU G 243 173.29 -148.05 10.29
N SER G 244 173.25 -149.38 10.27
CA SER G 244 172.99 -150.12 11.50
C SER G 244 173.55 -151.54 11.48
N ASN G 245 173.88 -152.07 12.66
CA ASN G 245 174.38 -153.44 12.76
C ASN G 245 173.53 -154.33 13.66
N GLY G 246 172.25 -154.01 13.74
CA GLY G 246 171.31 -154.76 14.56
C GLY G 246 170.17 -153.88 15.06
N ASN G 247 169.11 -154.53 15.58
CA ASN G 247 167.95 -153.88 16.20
C ASN G 247 167.20 -152.83 15.36
N PHE G 248 167.25 -152.96 14.04
CA PHE G 248 166.77 -151.90 13.16
C PHE G 248 165.52 -152.33 12.45
N ILE G 249 164.41 -151.71 12.82
CA ILE G 249 163.13 -151.97 12.17
C ILE G 249 163.09 -151.03 10.98
N ALA G 250 163.47 -151.51 9.79
CA ALA G 250 163.65 -150.63 8.63
C ALA G 250 162.34 -150.19 7.99
N PRO G 251 162.31 -149.00 7.39
CA PRO G 251 161.08 -148.70 6.65
C PRO G 251 160.88 -149.58 5.41
N GLU G 252 159.64 -149.69 4.94
CA GLU G 252 159.35 -150.29 3.64
C GLU G 252 158.41 -149.43 2.80
N TYR G 253 157.37 -148.90 3.45
CA TYR G 253 156.47 -147.93 2.82
C TYR G 253 156.54 -146.60 3.53
N ALA G 254 156.54 -145.51 2.77
CA ALA G 254 156.47 -144.18 3.34
C ALA G 254 155.22 -143.48 2.84
N TYR G 255 155.01 -142.22 3.22
CA TYR G 255 153.85 -141.51 2.73
C TYR G 255 154.23 -140.20 2.02
N LYS G 256 153.78 -140.04 0.77
CA LYS G 256 153.87 -138.73 0.14
C LYS G 256 152.74 -137.86 0.65
N ILE G 257 153.04 -136.61 0.98
CA ILE G 257 152.00 -135.68 1.40
C ILE G 257 151.53 -134.91 0.16
N VAL G 258 150.40 -135.33 -0.42
CA VAL G 258 149.98 -134.74 -1.68
C VAL G 258 148.80 -133.77 -1.53
N LYS G 259 148.34 -133.57 -0.31
CA LYS G 259 147.36 -132.52 -0.09
C LYS G 259 147.38 -131.98 1.33
N LYS G 260 148.19 -130.95 1.55
CA LYS G 260 148.07 -130.18 2.77
C LYS G 260 146.83 -129.31 2.63
N GLY G 261 146.30 -128.84 3.75
CA GLY G 261 145.04 -128.16 3.73
C GLY G 261 144.49 -128.14 5.14
N ASP G 262 143.23 -127.77 5.26
CA ASP G 262 142.61 -127.61 6.56
C ASP G 262 141.88 -128.88 7.00
N SER G 263 142.35 -129.48 8.08
CA SER G 263 141.68 -130.66 8.61
C SER G 263 141.68 -130.62 10.13
N ALA G 264 141.29 -131.75 10.71
CA ALA G 264 141.14 -131.85 12.14
C ALA G 264 141.20 -133.30 12.56
N ILE G 265 141.63 -133.58 13.78
CA ILE G 265 141.42 -134.89 14.37
C ILE G 265 140.36 -134.81 15.45
N MET G 266 139.21 -135.39 15.14
CA MET G 266 138.06 -135.47 16.02
C MET G 266 138.08 -136.72 16.84
N LYS G 267 137.99 -136.58 18.15
CA LYS G 267 137.74 -137.72 19.00
C LYS G 267 136.23 -137.92 19.06
N SER G 268 135.75 -139.06 18.57
CA SER G 268 134.34 -139.37 18.64
C SER G 268 134.07 -140.86 18.59
N GLU G 269 133.07 -141.29 19.34
CA GLU G 269 132.69 -142.70 19.36
C GLU G 269 131.80 -143.04 18.16
N LEU G 270 131.29 -142.02 17.48
CA LEU G 270 130.36 -142.24 16.39
C LEU G 270 130.99 -142.91 15.20
N GLU G 271 130.13 -143.26 14.25
CA GLU G 271 130.53 -143.95 13.05
C GLU G 271 130.01 -143.20 11.85
N TYR G 272 130.44 -143.61 10.68
CA TYR G 272 130.01 -142.98 9.45
C TYR G 272 128.49 -142.94 9.37
N GLY G 273 127.94 -141.74 9.40
CA GLY G 273 126.60 -141.49 8.89
C GLY G 273 126.78 -141.49 7.38
N ASN G 274 125.72 -141.42 6.59
CA ASN G 274 125.96 -141.45 5.15
C ASN G 274 125.49 -140.18 4.46
N CYS G 275 125.90 -139.04 4.99
CA CYS G 275 125.30 -137.78 4.61
C CYS G 275 126.33 -136.76 4.15
N ASN G 276 125.89 -135.51 4.02
CA ASN G 276 126.74 -134.41 3.63
C ASN G 276 126.37 -133.15 4.43
N THR G 277 127.38 -132.41 4.87
CA THR G 277 127.17 -131.17 5.62
C THR G 277 128.20 -130.13 5.24
N LYS G 278 128.07 -128.93 5.80
CA LYS G 278 129.04 -127.87 5.64
C LYS G 278 129.67 -127.58 6.99
N CYS G 279 129.17 -128.24 8.02
CA CYS G 279 129.66 -128.02 9.37
C CYS G 279 129.46 -129.23 10.27
N GLN G 280 130.55 -129.72 10.85
CA GLN G 280 130.61 -130.96 11.61
C GLN G 280 131.17 -130.76 13.03
N THR G 281 130.49 -131.31 14.04
CA THR G 281 131.01 -131.40 15.41
C THR G 281 131.10 -132.89 15.75
N PRO G 282 131.75 -133.26 16.88
CA PRO G 282 131.90 -134.70 17.07
C PRO G 282 130.64 -135.43 17.57
N MET G 283 129.59 -134.70 17.95
CA MET G 283 128.34 -135.37 18.32
C MET G 283 127.26 -135.34 17.24
N GLY G 284 127.57 -134.73 16.11
CA GLY G 284 126.69 -134.73 14.94
C GLY G 284 126.99 -133.54 14.03
N ALA G 285 126.30 -133.44 12.89
CA ALA G 285 126.50 -132.30 11.99
C ALA G 285 125.43 -131.22 12.15
N ILE G 286 125.73 -130.00 11.67
CA ILE G 286 124.78 -128.90 11.73
C ILE G 286 124.40 -128.30 10.36
N ASN G 287 123.10 -128.24 10.08
CA ASN G 287 122.57 -127.49 8.92
C ASN G 287 121.72 -126.33 9.42
N SER G 288 122.32 -125.15 9.49
CA SER G 288 121.67 -124.02 10.11
C SER G 288 122.26 -122.71 9.61
N SER G 289 121.43 -121.67 9.59
CA SER G 289 121.80 -120.35 9.10
C SER G 289 122.13 -119.46 10.28
N MET G 290 121.70 -119.91 11.46
CA MET G 290 121.94 -119.24 12.73
C MET G 290 123.37 -118.76 12.86
N PRO G 291 123.58 -117.60 13.49
CA PRO G 291 124.94 -117.13 13.64
C PRO G 291 125.63 -117.78 14.83
N PHE G 292 124.88 -118.38 15.76
CA PHE G 292 125.46 -119.06 16.92
C PHE G 292 125.02 -120.51 17.10
N HIS G 293 125.84 -121.29 17.81
CA HIS G 293 125.45 -122.61 18.27
C HIS G 293 126.08 -122.96 19.62
N ASN G 294 125.45 -123.88 20.35
CA ASN G 294 125.91 -124.28 21.67
C ASN G 294 126.16 -125.79 21.78
N ILE G 295 126.50 -126.40 20.66
CA ILE G 295 126.63 -127.84 20.61
C ILE G 295 127.97 -128.33 21.18
N HIS G 296 129.08 -127.92 20.56
CA HIS G 296 130.40 -128.41 20.96
C HIS G 296 131.47 -127.51 20.36
N PRO G 297 132.46 -127.10 21.18
CA PRO G 297 133.51 -126.16 20.75
C PRO G 297 134.37 -126.61 19.57
N LEU G 298 134.67 -127.91 19.46
CA LEU G 298 135.48 -128.40 18.34
C LEU G 298 134.61 -128.70 17.13
N THR G 299 134.96 -128.08 16.02
CA THR G 299 134.03 -127.88 14.94
C THR G 299 134.90 -127.81 13.70
N ILE G 300 134.35 -128.19 12.56
CA ILE G 300 135.06 -128.00 11.30
C ILE G 300 134.05 -127.73 10.20
N GLY G 301 134.42 -126.89 9.23
CA GLY G 301 133.52 -126.46 8.18
C GLY G 301 132.98 -125.06 8.40
N GLU G 302 132.08 -124.63 7.51
CA GLU G 302 131.51 -123.30 7.62
C GLU G 302 130.53 -123.27 8.79
N CYS G 303 130.99 -122.76 9.93
CA CYS G 303 130.29 -122.98 11.19
C CYS G 303 129.79 -121.74 11.94
N PRO G 304 128.53 -121.79 12.41
CA PRO G 304 128.05 -120.91 13.47
C PRO G 304 129.09 -120.80 14.60
N LYS G 305 129.05 -119.73 15.36
CA LYS G 305 130.08 -119.49 16.34
C LYS G 305 129.69 -120.11 17.66
N TYR G 306 130.55 -120.97 18.19
CA TYR G 306 130.23 -121.68 19.43
C TYR G 306 130.06 -120.73 20.62
N VAL G 307 129.08 -121.07 21.46
CA VAL G 307 128.68 -120.26 22.60
C VAL G 307 128.16 -121.18 23.69
N LYS G 308 128.43 -120.87 24.95
CA LYS G 308 128.11 -121.78 26.04
C LYS G 308 126.66 -121.70 26.54
N SER G 309 125.88 -120.72 26.06
CA SER G 309 124.50 -120.49 26.50
C SER G 309 123.53 -121.53 25.94
N ASN G 310 122.43 -121.74 26.65
CA ASN G 310 121.40 -122.64 26.16
C ASN G 310 120.19 -121.86 25.66
N ARG G 311 120.30 -120.53 25.71
CA ARG G 311 119.20 -119.66 25.28
C ARG G 311 119.61 -118.24 24.85
N LEU G 312 119.50 -117.95 23.57
CA LEU G 312 119.72 -116.60 23.07
C LEU G 312 118.60 -116.16 22.16
N VAL G 313 117.70 -115.35 22.69
CA VAL G 313 116.61 -114.80 21.90
C VAL G 313 116.65 -113.28 21.83
N LEU G 314 116.59 -112.75 20.61
CA LEU G 314 116.69 -111.33 20.33
C LEU G 314 115.32 -110.74 20.07
N ALA G 315 114.99 -109.63 20.75
CA ALA G 315 113.69 -108.97 20.56
C ALA G 315 113.60 -108.22 19.25
N THR G 316 112.57 -108.52 18.46
CA THR G 316 112.24 -107.72 17.28
C THR G 316 110.99 -106.82 17.50
N GLY G 317 109.90 -107.41 18.01
CA GLY G 317 108.67 -106.66 18.21
C GLY G 317 108.66 -105.77 19.46
N LEU G 318 107.49 -105.62 20.07
CA LEU G 318 107.38 -104.84 21.30
C LEU G 318 106.62 -105.61 22.38
N ARG G 319 106.41 -104.97 23.53
CA ARG G 319 105.72 -105.60 24.66
C ARG G 319 104.30 -106.08 24.31
N ASN G 320 103.93 -107.24 24.81
CA ASN G 320 102.60 -107.77 24.57
C ASN G 320 101.94 -108.15 25.91
N SER G 321 100.61 -108.04 26.00
CA SER G 321 99.94 -108.35 27.27
C SER G 321 98.60 -109.10 27.16
N GLY H 1 107.81 -98.11 30.61
CA GLY H 1 107.89 -97.03 29.65
C GLY H 1 108.97 -96.03 29.99
N LEU H 2 110.03 -96.00 29.19
CA LEU H 2 111.10 -95.02 29.41
C LEU H 2 110.66 -93.72 28.80
N PHE H 3 109.90 -93.83 27.71
CA PHE H 3 109.33 -92.65 27.07
C PHE H 3 107.93 -92.36 27.59
N GLY H 4 107.44 -93.23 28.48
CA GLY H 4 106.18 -93.01 29.18
C GLY H 4 104.92 -93.26 28.36
N ALA H 5 105.08 -93.54 27.07
CA ALA H 5 103.96 -93.84 26.20
C ALA H 5 103.41 -95.24 26.46
N ILE H 6 104.12 -96.26 25.97
CA ILE H 6 103.68 -97.65 26.14
C ILE H 6 103.62 -98.04 27.62
N ALA H 7 102.52 -98.66 28.01
CA ALA H 7 102.19 -99.00 29.40
C ALA H 7 102.41 -97.85 30.38
N GLY H 8 102.53 -96.64 29.84
CA GLY H 8 102.68 -95.43 30.65
C GLY H 8 101.35 -94.68 30.72
N PHE H 9 101.06 -93.87 29.70
CA PHE H 9 99.78 -93.14 29.69
C PHE H 9 98.69 -93.85 28.89
N ILE H 10 99.05 -94.47 27.78
CA ILE H 10 98.17 -95.44 27.16
C ILE H 10 98.21 -96.64 28.08
N GLU H 11 97.06 -97.25 28.37
CA GLU H 11 96.98 -98.36 29.32
C GLU H 11 97.53 -99.66 28.73
N GLY H 12 96.69 -100.37 27.97
CA GLY H 12 97.10 -101.62 27.37
C GLY H 12 97.47 -101.51 25.90
N GLY H 13 97.43 -102.64 25.19
CA GLY H 13 97.67 -102.65 23.77
C GLY H 13 96.42 -103.09 23.03
N TRP H 14 96.34 -102.79 21.73
CA TRP H 14 95.13 -103.08 20.97
C TRP H 14 95.13 -104.42 20.29
N GLN H 15 94.57 -105.40 21.00
CA GLN H 15 94.38 -106.76 20.52
C GLN H 15 93.82 -106.75 19.11
N GLY H 16 92.84 -105.87 18.91
CA GLY H 16 92.17 -105.72 17.64
C GLY H 16 93.09 -105.32 16.50
N MET H 17 94.18 -104.64 16.80
CA MET H 17 95.02 -104.16 15.71
C MET H 17 95.90 -105.27 15.15
N VAL H 18 95.62 -105.65 13.91
CA VAL H 18 96.32 -106.77 13.30
C VAL H 18 96.99 -106.36 11.99
N ASP H 19 97.42 -105.10 11.91
CA ASP H 19 97.90 -104.56 10.65
C ASP H 19 99.28 -103.93 10.70
N GLY H 20 99.75 -103.67 11.91
CA GLY H 20 101.06 -103.08 12.08
C GLY H 20 101.35 -102.97 13.55
N TRP H 21 102.51 -102.44 13.87
CA TRP H 21 102.79 -102.28 15.28
C TRP H 21 101.90 -101.20 15.84
N TYR H 22 102.00 -99.99 15.35
CA TYR H 22 101.17 -98.92 15.89
C TYR H 22 100.07 -98.42 14.96
N GLY H 23 99.13 -97.65 15.53
CA GLY H 23 98.03 -97.09 14.76
C GLY H 23 96.93 -96.38 15.54
N TYR H 24 95.71 -96.49 15.04
CA TYR H 24 94.58 -95.72 15.55
C TYR H 24 93.34 -96.56 15.75
N HIS H 25 92.49 -96.07 16.63
CA HIS H 25 91.08 -96.52 16.71
C HIS H 25 90.18 -95.28 16.69
N HIS H 26 89.22 -95.24 15.77
CA HIS H 26 88.32 -94.08 15.66
C HIS H 26 86.85 -94.40 16.00
N SER H 27 86.10 -93.38 16.43
CA SER H 27 84.79 -93.60 17.05
C SER H 27 83.66 -92.56 16.82
N ASN H 28 82.64 -92.85 16.02
CA ASN H 28 81.49 -91.90 15.93
C ASN H 28 80.06 -92.41 16.22
N GLU H 29 79.16 -92.26 15.24
CA GLU H 29 77.80 -92.84 15.28
C GLU H 29 77.74 -94.07 14.37
N GLN H 30 78.87 -94.35 13.72
CA GLN H 30 78.98 -95.41 12.72
C GLN H 30 79.54 -96.72 13.30
N GLY H 31 80.43 -96.61 14.30
CA GLY H 31 81.02 -97.76 14.97
C GLY H 31 82.42 -97.56 15.53
N SER H 32 83.30 -98.53 15.24
CA SER H 32 84.65 -98.55 15.79
C SER H 32 85.66 -99.24 14.86
N GLY H 33 86.66 -98.51 14.34
CA GLY H 33 87.69 -99.12 13.50
C GLY H 33 89.17 -98.85 13.80
N TYR H 34 90.05 -99.64 13.16
CA TYR H 34 91.50 -99.56 13.36
C TYR H 34 92.29 -99.35 12.07
N ALA H 35 93.35 -98.55 12.15
CA ALA H 35 94.29 -98.42 11.03
C ALA H 35 95.72 -98.39 11.56
N ALA H 36 96.71 -98.71 10.73
CA ALA H 36 98.10 -98.71 11.19
C ALA H 36 98.97 -97.80 10.33
N ASP H 37 99.86 -97.04 10.97
CA ASP H 37 100.67 -96.07 10.23
C ASP H 37 101.80 -96.75 9.49
N LYS H 38 101.69 -96.80 8.17
CA LYS H 38 102.77 -97.30 7.33
C LYS H 38 104.08 -96.59 7.64
N GLU H 39 104.05 -95.27 7.65
CA GLU H 39 105.24 -94.45 7.93
C GLU H 39 106.07 -94.95 9.12
N SER H 40 105.44 -95.00 10.29
CA SER H 40 106.14 -95.42 11.52
C SER H 40 106.34 -96.94 11.67
N THR H 41 105.32 -97.74 11.36
CA THR H 41 105.45 -99.20 11.46
C THR H 41 106.52 -99.74 10.50
N GLN H 42 106.50 -99.27 9.25
CA GLN H 42 107.53 -99.63 8.30
C GLN H 42 108.93 -99.18 8.73
N LYS H 43 109.05 -97.95 9.23
CA LYS H 43 110.35 -97.49 9.76
C LYS H 43 110.89 -98.39 10.88
N ALA H 44 110.00 -98.95 11.70
CA ALA H 44 110.39 -99.85 12.80
C ALA H 44 110.84 -101.23 12.31
N ILE H 45 110.14 -101.76 11.31
CA ILE H 45 110.58 -102.98 10.65
C ILE H 45 112.02 -102.80 10.17
N ASP H 46 112.29 -101.72 9.44
CA ASP H 46 113.64 -101.45 8.97
C ASP H 46 114.62 -101.33 10.13
N GLY H 47 114.13 -100.80 11.25
CA GLY H 47 114.92 -100.72 12.47
C GLY H 47 115.43 -102.07 12.93
N VAL H 48 114.55 -102.89 13.50
CA VAL H 48 114.99 -104.14 14.11
C VAL H 48 115.58 -105.14 13.13
N THR H 49 115.16 -105.08 11.87
CA THR H 49 115.78 -105.92 10.86
C THR H 49 117.26 -105.55 10.76
N ASN H 50 117.54 -104.26 10.71
CA ASN H 50 118.93 -103.79 10.70
C ASN H 50 119.70 -104.16 11.99
N LYS H 51 119.04 -104.02 13.13
CA LYS H 51 119.65 -104.42 14.40
C LYS H 51 120.08 -105.90 14.37
N VAL H 52 119.16 -106.78 14.02
CA VAL H 52 119.44 -108.21 13.92
C VAL H 52 120.63 -108.54 13.03
N ASN H 53 120.60 -108.05 11.79
CA ASN H 53 121.65 -108.40 10.85
C ASN H 53 122.99 -107.72 11.13
N SER H 54 122.98 -106.70 11.99
CA SER H 54 124.26 -106.14 12.43
C SER H 54 124.81 -106.84 13.67
N ILE H 55 123.92 -107.41 14.48
CA ILE H 55 124.38 -108.26 15.56
C ILE H 55 125.01 -109.53 15.00
N ILE H 56 124.28 -110.21 14.12
CA ILE H 56 124.78 -111.38 13.38
C ILE H 56 126.10 -111.13 12.62
N ASP H 57 126.19 -109.99 11.94
CA ASP H 57 127.41 -109.62 11.20
C ASP H 57 128.59 -109.23 12.08
N LYS H 58 128.31 -108.66 13.26
CA LYS H 58 129.38 -108.26 14.17
C LYS H 58 130.10 -109.46 14.80
N MET H 59 129.44 -110.61 14.81
CA MET H 59 130.02 -111.82 15.38
C MET H 59 129.98 -112.99 14.37
N ASN H 60 130.51 -112.74 13.17
CA ASN H 60 130.52 -113.79 12.15
C ASN H 60 131.90 -114.41 11.87
N THR H 61 132.97 -113.65 12.11
CA THR H 61 134.24 -114.29 12.43
C THR H 61 134.37 -114.10 13.93
N GLN H 62 134.48 -115.21 14.67
CA GLN H 62 134.57 -115.14 16.13
C GLN H 62 135.83 -115.89 16.59
N PHE H 63 135.64 -117.07 17.14
CA PHE H 63 136.78 -117.87 17.57
C PHE H 63 136.52 -119.36 17.38
N GLU H 64 137.27 -119.96 16.47
CA GLU H 64 137.21 -121.41 16.26
C GLU H 64 138.13 -122.08 17.27
N ALA H 65 137.81 -123.32 17.64
CA ALA H 65 138.61 -124.05 18.63
C ALA H 65 139.17 -125.35 18.07
N VAL H 66 140.39 -125.34 17.54
CA VAL H 66 140.98 -126.57 17.01
C VAL H 66 141.51 -127.50 18.12
N GLY H 67 141.41 -128.81 17.90
CA GLY H 67 141.91 -129.81 18.82
C GLY H 67 143.42 -130.06 18.74
N ARG H 68 144.07 -129.84 19.87
CA ARG H 68 145.47 -130.18 20.04
C ARG H 68 145.51 -131.13 21.20
N GLU H 69 146.35 -132.14 21.10
CA GLU H 69 146.51 -133.09 22.19
C GLU H 69 147.90 -132.92 22.78
N PHE H 70 148.03 -133.13 24.08
CA PHE H 70 149.34 -133.04 24.70
C PHE H 70 149.61 -134.31 25.48
N ASN H 71 150.88 -134.68 25.56
CA ASN H 71 151.20 -135.86 26.33
C ASN H 71 151.37 -135.57 27.81
N ASN H 72 151.95 -136.54 28.48
CA ASN H 72 151.97 -136.63 29.92
C ASN H 72 152.92 -135.65 30.62
N LEU H 73 153.95 -135.22 29.90
CA LEU H 73 154.92 -134.30 30.45
C LEU H 73 154.70 -132.92 29.86
N GLU H 74 153.46 -132.66 29.46
CA GLU H 74 153.15 -131.39 28.83
C GLU H 74 151.92 -130.79 29.46
N ARG H 75 151.73 -131.09 30.73
CA ARG H 75 150.55 -130.63 31.44
C ARG H 75 150.47 -129.11 31.55
N ARG H 76 151.62 -128.45 31.62
CA ARG H 76 151.67 -127.00 31.58
C ARG H 76 151.13 -126.45 30.26
N ILE H 77 151.66 -126.86 29.11
CA ILE H 77 151.09 -126.27 27.91
C ILE H 77 149.72 -126.83 27.65
N GLU H 78 149.39 -127.95 28.28
CA GLU H 78 148.06 -128.45 28.00
C GLU H 78 147.01 -127.64 28.72
N ASN H 79 147.35 -127.25 29.93
CA ASN H 79 146.55 -126.35 30.72
C ASN H 79 146.49 -124.97 30.08
N LEU H 80 147.64 -124.44 29.65
CA LEU H 80 147.65 -123.20 28.91
C LEU H 80 146.65 -123.27 27.74
N ASN H 81 146.78 -124.28 26.90
CA ASN H 81 145.84 -124.50 25.81
C ASN H 81 144.41 -124.49 26.28
N LYS H 82 144.12 -125.25 27.33
CA LYS H 82 142.76 -125.37 27.82
C LYS H 82 142.21 -124.03 28.30
N LYS H 83 142.96 -123.33 29.13
CA LYS H 83 142.45 -122.10 29.68
C LYS H 83 142.44 -120.93 28.70
N MET H 84 143.21 -121.03 27.62
CA MET H 84 143.06 -120.04 26.57
C MET H 84 141.78 -120.32 25.76
N GLU H 85 141.57 -121.57 25.33
CA GLU H 85 140.35 -121.89 24.58
C GLU H 85 139.08 -121.67 25.40
N ASP H 86 139.09 -122.12 26.64
CA ASP H 86 138.02 -121.80 27.58
C ASP H 86 137.83 -120.30 27.64
N GLY H 87 138.87 -119.58 28.04
CA GLY H 87 138.80 -118.15 28.26
C GLY H 87 138.17 -117.37 27.13
N PHE H 88 138.57 -117.67 25.89
CA PHE H 88 137.95 -117.00 24.74
C PHE H 88 136.48 -117.32 24.65
N LEU H 89 136.17 -118.61 24.66
CA LEU H 89 134.79 -119.06 24.64
C LEU H 89 133.96 -118.32 25.71
N ASP H 90 134.58 -117.99 26.83
CA ASP H 90 133.89 -117.23 27.87
C ASP H 90 133.70 -115.75 27.56
N VAL H 91 134.72 -115.06 27.06
CA VAL H 91 134.45 -113.66 26.70
C VAL H 91 133.49 -113.52 25.50
N TRP H 92 133.49 -114.47 24.55
CA TRP H 92 132.53 -114.39 23.45
C TRP H 92 131.12 -114.71 23.90
N THR H 93 131.02 -115.61 24.88
CA THR H 93 129.71 -115.94 25.46
C THR H 93 129.15 -114.75 26.23
N TYR H 94 130.03 -114.08 26.96
CA TYR H 94 129.67 -112.86 27.65
C TYR H 94 129.18 -111.84 26.64
N ASN H 95 130.01 -111.54 25.64
CA ASN H 95 129.66 -110.55 24.64
C ASN H 95 128.31 -110.78 23.99
N ALA H 96 128.05 -112.00 23.53
CA ALA H 96 126.72 -112.31 23.01
C ALA H 96 125.60 -112.02 24.04
N GLU H 97 125.73 -112.54 25.27
CA GLU H 97 124.67 -112.30 26.28
C GLU H 97 124.46 -110.81 26.66
N LEU H 98 125.56 -110.11 26.85
CA LEU H 98 125.56 -108.67 27.13
C LEU H 98 124.91 -107.84 26.01
N LEU H 99 125.42 -108.02 24.79
CA LEU H 99 124.87 -107.35 23.61
C LEU H 99 123.38 -107.60 23.46
N VAL H 100 122.96 -108.85 23.64
CA VAL H 100 121.53 -109.11 23.61
C VAL H 100 120.72 -108.32 24.66
N LEU H 101 121.10 -108.34 25.93
CA LEU H 101 120.37 -107.63 27.00
C LEU H 101 120.20 -106.14 26.71
N MET H 102 121.32 -105.53 26.30
CA MET H 102 121.33 -104.12 25.94
C MET H 102 120.42 -103.86 24.76
N GLU H 103 120.60 -104.60 23.67
CA GLU H 103 119.78 -104.32 22.50
C GLU H 103 118.30 -104.58 22.72
N ASN H 104 117.98 -105.53 23.59
CA ASN H 104 116.60 -105.75 23.97
C ASN H 104 116.01 -104.53 24.65
N GLU H 105 116.71 -104.01 25.66
CA GLU H 105 116.20 -102.80 26.29
C GLU H 105 116.06 -101.65 25.29
N ARG H 106 117.13 -101.34 24.57
CA ARG H 106 117.13 -100.22 23.65
C ARG H 106 116.07 -100.38 22.55
N THR H 107 115.68 -101.62 22.30
CA THR H 107 114.60 -101.89 21.35
C THR H 107 113.19 -101.62 21.92
N LEU H 108 112.92 -102.12 23.12
CA LEU H 108 111.65 -101.82 23.79
C LEU H 108 111.45 -100.30 23.84
N ASP H 109 112.49 -99.60 24.28
CA ASP H 109 112.42 -98.15 24.35
C ASP H 109 112.26 -97.55 22.97
N PHE H 110 112.80 -98.21 21.95
CA PHE H 110 112.58 -97.77 20.57
C PHE H 110 111.10 -97.76 20.15
N HIS H 111 110.42 -98.87 20.42
CA HIS H 111 108.98 -98.95 20.13
C HIS H 111 108.18 -97.89 20.91
N ASP H 112 108.47 -97.79 22.21
CA ASP H 112 107.89 -96.74 23.06
C ASP H 112 108.04 -95.36 22.40
N SER H 113 109.28 -95.00 22.09
CA SER H 113 109.58 -93.81 21.31
C SER H 113 108.65 -93.64 20.11
N ASN H 114 108.57 -94.66 19.25
CA ASN H 114 107.71 -94.56 18.07
C ASN H 114 106.24 -94.25 18.41
N VAL H 115 105.74 -94.83 19.50
CA VAL H 115 104.41 -94.49 19.96
C VAL H 115 104.31 -93.01 20.35
N LYS H 116 105.10 -92.57 21.33
CA LYS H 116 105.03 -91.18 21.77
C LYS H 116 105.21 -90.17 20.61
N ASN H 117 105.97 -90.55 19.59
CA ASN H 117 106.18 -89.66 18.43
C ASN H 117 105.01 -89.66 17.44
N LEU H 118 104.22 -90.73 17.47
CA LEU H 118 102.97 -90.77 16.70
C LEU H 118 101.92 -89.90 17.37
N TYR H 119 101.74 -90.15 18.66
CA TYR H 119 100.84 -89.34 19.50
C TYR H 119 101.15 -87.86 19.35
N ASP H 120 102.43 -87.53 19.27
CA ASP H 120 102.83 -86.15 19.00
C ASP H 120 102.54 -85.68 17.57
N LYS H 121 102.61 -86.58 16.59
CA LYS H 121 102.27 -86.20 15.21
C LYS H 121 100.79 -85.78 15.10
N VAL H 122 99.91 -86.54 15.74
CA VAL H 122 98.49 -86.18 15.73
C VAL H 122 98.17 -84.93 16.59
N ARG H 123 98.66 -84.94 17.83
CA ARG H 123 98.47 -83.82 18.74
C ARG H 123 98.92 -82.52 18.08
N LEU H 124 100.06 -82.54 17.39
CA LEU H 124 100.59 -81.34 16.70
C LEU H 124 99.79 -80.96 15.45
N GLN H 125 98.63 -81.60 15.25
CA GLN H 125 97.70 -81.21 14.18
C GLN H 125 96.37 -80.73 14.76
N LEU H 126 95.82 -81.49 15.71
CA LEU H 126 94.48 -81.22 16.26
C LEU H 126 94.44 -80.17 17.38
N ARG H 127 95.49 -79.35 17.46
CA ARG H 127 95.71 -78.38 18.55
C ARG H 127 94.45 -77.88 19.30
N ASP H 128 93.61 -77.12 18.61
CA ASP H 128 92.40 -76.54 19.20
C ASP H 128 91.19 -77.43 19.00
N ASN H 129 91.16 -78.10 17.85
CA ASN H 129 89.98 -78.80 17.37
C ASN H 129 89.72 -80.15 18.06
N ALA H 130 90.52 -80.44 19.08
CA ALA H 130 90.27 -81.60 19.95
C ALA H 130 90.86 -81.35 21.33
N LYS H 131 90.39 -82.11 22.31
CA LYS H 131 90.97 -82.09 23.65
C LYS H 131 91.69 -83.41 23.98
N GLU H 132 92.88 -83.29 24.58
CA GLU H 132 93.61 -84.44 25.12
C GLU H 132 92.82 -85.07 26.26
N LEU H 133 92.36 -86.29 26.05
CA LEU H 133 91.62 -86.98 27.11
C LEU H 133 92.52 -87.31 28.31
N GLY H 134 93.61 -88.03 28.04
CA GLY H 134 94.57 -88.41 29.06
C GLY H 134 95.07 -89.84 28.91
N ASN H 135 94.33 -90.63 28.15
CA ASN H 135 94.68 -92.02 27.93
C ASN H 135 94.99 -92.26 26.46
N GLY H 136 95.47 -91.21 25.80
CA GLY H 136 95.99 -91.33 24.46
C GLY H 136 94.96 -91.02 23.41
N CYS H 137 93.83 -90.47 23.85
CA CYS H 137 92.74 -90.17 22.94
C CYS H 137 92.37 -88.68 22.87
N PHE H 138 91.85 -88.29 21.71
CA PHE H 138 91.44 -86.91 21.46
C PHE H 138 89.94 -86.80 21.22
N GLU H 139 89.23 -86.05 22.07
CA GLU H 139 87.80 -85.82 21.83
C GLU H 139 87.60 -84.61 20.92
N PHE H 140 86.70 -84.73 19.95
CA PHE H 140 86.54 -83.72 18.90
C PHE H 140 85.58 -82.55 19.22
N TYR H 141 86.08 -81.33 18.98
CA TYR H 141 85.24 -80.14 19.09
C TYR H 141 84.43 -79.95 17.81
N HIS H 142 84.75 -80.74 16.80
CA HIS H 142 83.88 -80.87 15.62
C HIS H 142 83.40 -82.30 15.35
N LYS H 143 82.87 -82.53 14.15
CA LYS H 143 82.45 -83.87 13.72
C LYS H 143 83.53 -84.38 12.76
N CYS H 144 83.98 -85.62 12.96
CA CYS H 144 85.01 -86.17 12.06
C CYS H 144 84.63 -87.58 11.57
N ASP H 145 84.08 -87.78 10.38
CA ASP H 145 83.64 -89.16 10.07
C ASP H 145 84.69 -90.18 9.56
N ASN H 146 84.95 -90.26 8.26
CA ASN H 146 85.96 -91.18 7.73
C ASN H 146 87.03 -90.49 6.87
N GLU H 147 86.59 -89.51 6.08
CA GLU H 147 87.47 -88.85 5.12
C GLU H 147 88.28 -87.75 5.79
N CYS H 148 87.74 -87.21 6.88
CA CYS H 148 88.51 -86.27 7.69
C CYS H 148 89.74 -86.97 8.25
N MET H 149 89.54 -88.20 8.70
CA MET H 149 90.62 -89.06 9.21
C MET H 149 91.74 -89.26 8.16
N GLU H 150 91.53 -88.71 6.95
CA GLU H 150 92.39 -88.93 5.78
C GLU H 150 93.52 -87.91 5.46
N SER H 151 93.25 -86.59 5.49
CA SER H 151 94.35 -85.62 5.33
C SER H 151 95.11 -85.49 6.65
N ILE H 152 94.48 -86.03 7.70
CA ILE H 152 95.16 -86.47 8.92
C ILE H 152 96.39 -87.34 8.55
N ARG H 153 96.28 -88.07 7.43
CA ARG H 153 97.24 -89.12 7.02
C ARG H 153 98.07 -88.79 5.78
N ASN H 154 98.74 -87.65 5.78
CA ASN H 154 99.73 -87.31 4.76
C ASN H 154 100.70 -86.22 5.25
N GLY H 155 100.24 -85.41 6.20
CA GLY H 155 101.03 -84.31 6.70
C GLY H 155 100.18 -83.08 7.04
N THR H 156 99.30 -82.69 6.13
CA THR H 156 98.48 -81.49 6.31
C THR H 156 96.98 -81.77 6.45
N TYR H 157 96.59 -82.37 7.58
CA TYR H 157 95.20 -82.28 8.05
C TYR H 157 94.75 -80.81 8.02
N ASN H 158 93.55 -80.57 7.49
CA ASN H 158 93.03 -79.21 7.34
C ASN H 158 92.65 -78.54 8.64
N TYR H 159 93.45 -77.56 9.04
CA TYR H 159 93.19 -76.77 10.23
C TYR H 159 92.17 -75.61 10.02
N PRO H 160 92.22 -74.90 8.86
CA PRO H 160 91.15 -73.98 8.51
C PRO H 160 89.75 -74.46 8.87
N GLN H 161 89.43 -74.28 10.15
CA GLN H 161 88.14 -74.56 10.75
C GLN H 161 88.10 -73.77 12.08
N TYR H 162 86.92 -73.28 12.42
CA TYR H 162 86.61 -72.54 13.66
C TYR H 162 87.15 -73.17 14.97
N SER H 163 86.33 -73.14 16.01
CA SER H 163 86.56 -74.00 17.17
C SER H 163 85.26 -74.27 17.95
N GLU H 164 84.71 -73.24 18.57
CA GLU H 164 83.59 -73.41 19.49
C GLU H 164 82.27 -73.70 18.77
C1 GAL I . -109.98 90.25 4.34
C2 GAL I . -109.98 89.21 3.19
C3 GAL I . -108.65 88.56 2.84
C4 GAL I . -107.40 89.41 3.07
C5 GAL I . -107.55 90.16 4.41
C6 GAL I . -106.27 90.98 4.78
O1 GAL I . -111.02 91.23 4.20
O2 GAL I . -110.70 87.99 3.47
O3 GAL I . -108.78 87.94 1.55
O4 GAL I . -107.16 90.25 1.97
O5 GAL I . -108.76 90.92 4.40
O6 GAL I . -106.19 92.37 4.33
C1 SIA I . -110.05 88.99 -0.20
C2 SIA I . -108.83 88.16 0.12
C3 SIA I . -109.09 86.72 -0.32
C4 SIA I . -109.27 86.63 -1.83
C5 SIA I . -108.15 87.36 -2.56
C6 SIA I . -107.95 88.76 -1.99
C7 SIA I . -106.78 89.47 -2.66
C8 SIA I . -106.43 90.75 -1.93
C9 SIA I . -105.43 91.58 -2.75
C10 SIA I . -107.49 87.41 -4.89
C11 SIA I . -107.91 87.77 -6.29
N5 SIA I . -108.45 87.44 -3.97
O1A SIA I . -111.12 88.41 -0.49
O1B SIA I . -109.94 90.24 -0.15
O4 SIA I . -109.28 85.25 -2.23
O6 SIA I . -107.71 88.67 -0.59
O7 SIA I . -105.65 88.59 -2.67
O8 SIA I . -107.62 91.52 -1.73
O9 SIA I . -106.12 92.30 -3.77
O10 SIA I . -106.33 87.11 -4.61
C1 GAL J . 80.88 -64.70 -25.27
C2 GAL J . 81.82 -64.16 -24.15
C3 GAL J . 82.60 -65.33 -23.50
C4 GAL J . 81.75 -66.62 -23.31
C5 GAL J . 81.07 -66.92 -24.65
C6 GAL J . 80.29 -68.24 -24.67
O1 GAL J . 79.84 -63.85 -25.74
O2 GAL J . 82.82 -63.23 -24.59
O3 GAL J . 83.39 -64.85 -22.38
O4 GAL J . 80.73 -66.44 -22.35
O5 GAL J . 80.17 -65.84 -24.84
O6 GAL J . 81.10 -69.39 -25.00
C1 SIA J . 81.80 -63.96 -20.82
C2 SIA J . 82.88 -64.99 -21.04
C3 SIA J . 84.19 -64.49 -20.44
C4 SIA J . 84.08 -64.37 -18.93
C5 SIA J . 83.49 -65.64 -18.31
C6 SIA J . 82.23 -66.06 -19.05
C7 SIA J . 81.68 -67.36 -18.49
C8 SIA J . 80.39 -67.77 -19.19
C9 SIA J . 79.78 -69.01 -18.55
C10 SIA J . 83.47 -66.36 -16.00
C11 SIA J . 82.93 -66.10 -14.63
N5 SIA J . 83.21 -65.43 -16.91
O1A SIA J . 82.13 -62.76 -20.69
O1B SIA J . 80.61 -64.35 -20.75
O4 SIA J . 85.38 -64.13 -18.37
O6 SIA J . 82.51 -66.23 -20.44
O7 SIA J . 82.66 -68.41 -18.66
O8 SIA J . 79.45 -66.69 -19.12
O9 SIA J . 78.88 -68.62 -17.50
O10 SIA J . 84.11 -67.36 -16.26
C1 NAG K . -112.81 97.69 -37.73
C2 NAG K . -111.66 98.46 -38.36
C3 NAG K . -111.96 99.04 -39.75
C4 NAG K . -112.70 98.04 -40.63
C5 NAG K . -113.97 97.65 -39.83
C6 NAG K . -115.03 96.83 -40.57
C7 NAG K . -110.11 99.54 -36.88
C8 NAG K . -109.74 100.87 -36.32
N2 NAG K . -111.31 99.51 -37.40
O3 NAG K . -110.80 99.55 -40.42
O4 NAG K . -112.89 98.65 -41.89
O5 NAG K . -113.56 96.94 -38.66
O6 NAG K . -114.67 95.45 -40.61
O7 NAG K . -109.37 98.56 -36.87
C1 NAG L . 72.29 -62.57 16.59
C2 NAG L . 71.63 -63.83 17.15
C3 NAG L . 71.01 -63.70 18.58
C4 NAG L . 71.98 -62.85 19.41
C5 NAG L . 72.06 -61.50 18.69
C6 NAG L . 72.77 -60.41 19.50
C7 NAG L . 70.81 -65.46 15.68
C8 NAG L . 69.62 -66.04 15.03
N2 NAG L . 70.66 -64.26 16.16
O3 NAG L . 70.59 -64.97 19.17
O4 NAG L . 71.55 -62.71 20.75
O5 NAG L . 72.78 -61.66 17.52
O6 NAG L . 74.09 -60.17 18.99
O7 NAG L . 71.88 -66.08 15.78
#